data_4PW8
#
_entry.id   4PW8
#
_cell.length_a   134.334
_cell.length_b   156.922
_cell.length_c   160.330
_cell.angle_alpha   90.00
_cell.angle_beta   90.00
_cell.angle_gamma   90.00
#
_symmetry.space_group_name_H-M   'P 21 21 21'
#
loop_
_entity.id
_entity.type
_entity.pdbx_description
1 polymer 'Tryptophan 2,3-dioxygenase'
2 non-polymer 'COBALT (II) ION'
3 water water
#
_entity_poly.entity_id   1
_entity_poly.type   'polypeptide(L)'
_entity_poly.pdbx_seq_one_letter_code
;SNAPVEGSEEDKSQTGVNRASKGGLIYGNYLHLEKVLNAQELQSETKGNKIHDEHLFIITHQAYELWFKQILWELDSVRE
IFQNGHVRDERNMLKVVSRMHRVSVILKLLVQQFSILETMTALDFNDFREYLSPASGFQSLQFRLLENKIGVLQNMRVPY
NRRHYRDNFKGEENELLLKSEQEKTLLELVEAWLERTPGLEPHGFNFWGKLEKNITRGLEEEFIRIQAKEESEEKEEQVA
EFQKQKEVLLSLFDEKRHEHLLSKGERRLSYRALQGALMIYFYREEPRFQVPFQLLTSLMDIDSLMTKWRYNHVCMVHRM
LGSKAGTGGSSGYHYLRSTVSDRYKVFVDLFNLSTYLIPRHWIPKMNPTIHKF
;
_entity_poly.pdbx_strand_id   A,B,C,D,E,F,G,H
#
loop_
_chem_comp.id
_chem_comp.type
_chem_comp.name
_chem_comp.formula
CO non-polymer 'COBALT (II) ION' 'Co 2'
#
# COMPACT_ATOMS: atom_id res chain seq x y z
N ILE A 26 40.02 -16.54 8.27
CA ILE A 26 41.02 -15.74 7.60
C ILE A 26 40.40 -14.56 6.92
N TYR A 27 40.99 -13.41 7.14
CA TYR A 27 40.50 -12.16 6.59
C TYR A 27 39.96 -12.22 5.19
N GLY A 28 40.75 -12.64 4.25
CA GLY A 28 40.37 -12.47 2.88
C GLY A 28 39.30 -13.45 2.62
N ASN A 29 39.37 -14.60 3.23
CA ASN A 29 38.35 -15.58 3.05
C ASN A 29 37.05 -15.25 3.71
N TYR A 30 37.12 -14.74 4.92
CA TYR A 30 35.96 -14.32 5.69
C TYR A 30 35.19 -13.21 4.98
N LEU A 31 35.94 -12.30 4.36
CA LEU A 31 35.35 -11.15 3.69
C LEU A 31 35.16 -11.40 2.20
N HIS A 32 35.53 -12.57 1.74
CA HIS A 32 35.41 -12.94 0.33
C HIS A 32 36.01 -11.92 -0.64
N LEU A 33 37.23 -11.50 -0.31
CA LEU A 33 37.93 -10.51 -1.10
C LEU A 33 38.28 -11.04 -2.50
N GLU A 34 38.18 -12.35 -2.68
CA GLU A 34 38.38 -12.93 -4.00
C GLU A 34 37.29 -12.44 -4.94
N LYS A 35 36.14 -12.09 -4.37
CA LYS A 35 35.04 -11.50 -5.14
C LYS A 35 35.16 -9.97 -5.15
N VAL A 36 35.19 -9.37 -3.96
CA VAL A 36 35.15 -7.93 -3.82
C VAL A 36 36.29 -7.24 -4.55
N LEU A 37 37.47 -7.82 -4.48
CA LEU A 37 38.67 -7.20 -5.02
C LEU A 37 39.02 -7.68 -6.44
N ASN A 38 38.12 -8.45 -7.05
CA ASN A 38 38.23 -8.80 -8.47
C ASN A 38 36.98 -8.39 -9.22
N ALA A 39 36.45 -7.23 -8.85
CA ALA A 39 35.22 -6.75 -9.44
C ALA A 39 35.41 -5.38 -10.06
N GLN A 40 36.67 -5.01 -10.31
CA GLN A 40 36.94 -3.68 -10.84
C GLN A 40 37.47 -3.77 -12.28
N GLU A 41 36.57 -3.67 -13.25
CA GLU A 41 36.94 -3.71 -14.66
C GLU A 41 36.67 -2.38 -15.37
N LEU A 42 37.75 -1.66 -15.70
CA LEU A 42 37.65 -0.39 -16.40
C LEU A 42 37.26 -0.62 -17.86
N GLN A 43 36.15 -0.04 -18.27
CA GLN A 43 35.73 -0.13 -19.67
C GLN A 43 36.78 0.46 -20.58
N SER A 44 37.29 1.63 -20.21
CA SER A 44 38.32 2.31 -20.99
C SER A 44 39.52 1.41 -21.28
N GLU A 45 39.94 0.62 -20.28
CA GLU A 45 41.04 -0.31 -20.49
C GLU A 45 40.59 -1.47 -21.37
N THR A 46 39.38 -1.95 -21.13
CA THR A 46 38.79 -3.04 -21.90
C THR A 46 38.73 -2.64 -23.37
N LYS A 47 38.45 -1.37 -23.61
CA LYS A 47 38.41 -0.81 -24.95
C LYS A 47 39.68 -0.04 -25.32
N GLY A 48 40.82 -0.52 -24.84
CA GLY A 48 42.12 -0.03 -25.32
C GLY A 48 42.67 1.31 -24.87
N ASN A 49 41.85 2.14 -24.22
CA ASN A 49 42.28 3.47 -23.80
C ASN A 49 42.10 3.74 -22.31
N LYS A 50 42.95 3.13 -21.48
CA LYS A 50 42.82 3.26 -20.02
C LYS A 50 42.75 4.69 -19.50
N ILE A 51 41.74 4.97 -18.70
CA ILE A 51 41.63 6.29 -18.08
C ILE A 51 41.71 6.14 -16.55
N HIS A 52 42.72 6.76 -15.94
CA HIS A 52 43.03 6.60 -14.52
C HIS A 52 41.86 6.84 -13.55
N ASP A 53 41.07 7.90 -13.76
CA ASP A 53 39.99 8.22 -12.83
C ASP A 53 38.75 7.28 -12.87
N GLU A 54 38.67 6.45 -13.91
CA GLU A 54 37.53 5.54 -14.02
C GLU A 54 37.51 4.57 -12.85
N HIS A 55 38.70 4.22 -12.38
CA HIS A 55 38.83 3.28 -11.27
C HIS A 55 38.17 3.85 -10.01
N LEU A 56 38.43 5.12 -9.75
CA LEU A 56 37.81 5.83 -8.63
C LEU A 56 36.29 5.84 -8.80
N PHE A 57 35.85 6.14 -10.02
CA PHE A 57 34.43 6.18 -10.30
C PHE A 57 33.78 4.85 -9.96
N ILE A 58 34.45 3.76 -10.31
CA ILE A 58 33.98 2.41 -9.97
C ILE A 58 33.95 2.14 -8.47
N ILE A 59 35.08 2.38 -7.80
CA ILE A 59 35.19 2.09 -6.37
C ILE A 59 34.15 2.85 -5.51
N THR A 60 33.99 4.14 -5.78
CA THR A 60 33.03 4.92 -5.01
C THR A 60 31.64 4.25 -5.09
N HIS A 61 31.19 3.93 -6.30
CA HIS A 61 29.87 3.33 -6.44
C HIS A 61 29.77 1.92 -5.83
N GLN A 62 30.84 1.13 -5.91
CA GLN A 62 30.82 -0.16 -5.23
C GLN A 62 30.66 0.02 -3.70
N ALA A 63 31.36 1.02 -3.16
CA ALA A 63 31.24 1.29 -1.72
C ALA A 63 29.82 1.73 -1.37
N TYR A 64 29.24 2.60 -2.21
CA TYR A 64 27.84 3.00 -2.06
C TYR A 64 26.91 1.81 -1.94
N GLU A 65 27.05 0.87 -2.87
CA GLU A 65 26.20 -0.31 -2.91
C GLU A 65 26.41 -1.26 -1.72
N LEU A 66 27.64 -1.35 -1.23
CA LEU A 66 27.87 -2.12 -0.03
C LEU A 66 27.02 -1.50 1.07
N TRP A 67 27.14 -0.18 1.23
CA TRP A 67 26.37 0.46 2.30
C TRP A 67 24.86 0.38 2.09
N PHE A 68 24.41 0.43 0.83
CA PHE A 68 23.00 0.24 0.54
C PHE A 68 22.56 -1.15 0.95
N LYS A 69 23.39 -2.16 0.69
CA LYS A 69 23.07 -3.51 1.14
C LYS A 69 22.94 -3.54 2.65
N GLN A 70 23.84 -2.86 3.35
CA GLN A 70 23.76 -2.77 4.82
C GLN A 70 22.48 -2.10 5.30
N ILE A 71 22.16 -0.96 4.69
CA ILE A 71 20.95 -0.23 5.02
C ILE A 71 19.70 -1.07 4.78
N LEU A 72 19.66 -1.79 3.67
CA LEU A 72 18.56 -2.69 3.38
C LEU A 72 18.49 -3.80 4.44
N TRP A 73 19.65 -4.30 4.86
CA TRP A 73 19.68 -5.30 5.91
C TRP A 73 19.02 -4.73 7.21
N GLU A 74 19.48 -3.57 7.68
CA GLU A 74 18.93 -2.96 8.89
C GLU A 74 17.43 -2.66 8.75
N LEU A 75 17.09 -2.02 7.63
CA LEU A 75 15.74 -1.59 7.36
C LEU A 75 14.77 -2.75 7.28
N ASP A 76 15.12 -3.79 6.54
CA ASP A 76 14.24 -4.94 6.46
C ASP A 76 14.07 -5.57 7.85
N SER A 77 15.15 -5.67 8.65
CA SER A 77 14.94 -6.27 9.98
C SER A 77 13.95 -5.45 10.83
N VAL A 78 14.08 -4.12 10.73
CA VAL A 78 13.18 -3.21 11.43
C VAL A 78 11.71 -3.34 10.94
N ARG A 79 11.53 -3.39 9.63
CA ARG A 79 10.21 -3.57 9.04
C ARG A 79 9.56 -4.85 9.54
N GLU A 80 10.33 -5.93 9.54
CA GLU A 80 9.84 -7.19 10.07
C GLU A 80 9.43 -7.06 11.55
N ILE A 81 10.28 -6.47 12.40
CA ILE A 81 9.88 -6.28 13.80
C ILE A 81 8.53 -5.54 13.91
N PHE A 82 8.37 -4.47 13.15
CA PHE A 82 7.11 -3.74 13.14
C PHE A 82 5.95 -4.66 12.73
N GLN A 83 6.13 -5.38 11.64
CA GLN A 83 5.08 -6.12 11.00
C GLN A 83 4.51 -7.13 11.96
N ASN A 84 5.33 -7.66 12.82
CA ASN A 84 4.91 -8.65 13.78
C ASN A 84 4.01 -8.21 14.92
N GLY A 85 3.88 -6.93 15.18
CA GLY A 85 3.16 -6.45 16.33
C GLY A 85 4.25 -6.54 17.33
N HIS A 86 4.04 -6.12 18.55
CA HIS A 86 5.11 -6.25 19.54
C HIS A 86 6.27 -5.30 19.31
N VAL A 87 6.06 -4.25 18.55
CA VAL A 87 7.07 -3.25 18.39
C VAL A 87 7.29 -2.66 19.73
N ARG A 88 6.22 -2.53 20.49
CA ARG A 88 6.23 -1.79 21.74
C ARG A 88 6.98 -2.43 22.86
N ASP A 89 7.19 -3.72 22.81
CA ASP A 89 7.96 -4.38 23.86
C ASP A 89 9.31 -3.74 23.84
N GLU A 90 9.79 -3.28 24.98
CA GLU A 90 10.91 -2.34 25.03
C GLU A 90 12.24 -2.82 24.41
N ARG A 91 12.51 -4.11 24.49
CA ARG A 91 13.66 -4.64 23.78
C ARG A 91 13.48 -4.38 22.30
N ASN A 92 12.34 -4.74 21.75
CA ASN A 92 12.12 -4.57 20.32
C ASN A 92 12.22 -3.11 19.94
N MET A 93 11.65 -2.24 20.78
CA MET A 93 11.72 -0.81 20.51
C MET A 93 13.16 -0.34 20.47
N LEU A 94 13.98 -0.89 21.35
CA LEU A 94 15.41 -0.60 21.36
C LEU A 94 16.11 -1.09 20.10
N LYS A 95 15.81 -2.31 19.67
CA LYS A 95 16.38 -2.83 18.43
C LYS A 95 16.08 -1.85 17.30
N VAL A 96 14.82 -1.44 17.20
CA VAL A 96 14.38 -0.57 16.14
C VAL A 96 15.07 0.78 16.18
N VAL A 97 15.08 1.40 17.35
CA VAL A 97 15.71 2.70 17.49
C VAL A 97 17.19 2.67 17.18
N SER A 98 17.86 1.65 17.68
CA SER A 98 19.30 1.58 17.51
C SER A 98 19.63 1.36 16.05
N ARG A 99 18.88 0.49 15.38
CA ARG A 99 19.18 0.21 13.99
C ARG A 99 18.82 1.37 13.07
N MET A 100 17.75 2.08 13.40
CA MET A 100 17.40 3.24 12.61
C MET A 100 18.45 4.32 12.80
N HIS A 101 18.94 4.46 14.02
CA HIS A 101 20.05 5.35 14.28
C HIS A 101 21.25 4.99 13.42
N ARG A 102 21.55 3.69 13.39
CA ARG A 102 22.67 3.19 12.60
C ARG A 102 22.50 3.61 11.15
N VAL A 103 21.29 3.45 10.62
CA VAL A 103 21.04 3.85 9.26
C VAL A 103 21.36 5.34 9.10
N SER A 104 20.97 6.13 10.09
CA SER A 104 21.27 7.56 10.06
C SER A 104 22.77 7.81 9.93
N VAL A 105 23.56 7.10 10.74
CA VAL A 105 25.01 7.24 10.71
C VAL A 105 25.62 6.84 9.36
N ILE A 106 25.21 5.67 8.86
CA ILE A 106 25.67 5.23 7.55
C ILE A 106 25.37 6.27 6.47
N LEU A 107 24.15 6.78 6.47
CA LEU A 107 23.77 7.82 5.53
C LEU A 107 24.63 9.08 5.68
N LYS A 108 24.95 9.47 6.92
CA LYS A 108 25.84 10.62 7.11
C LYS A 108 27.15 10.33 6.38
N LEU A 109 27.67 9.11 6.55
CA LEU A 109 28.91 8.72 5.88
C LEU A 109 28.78 8.79 4.36
N LEU A 110 27.69 8.27 3.82
CA LEU A 110 27.49 8.28 2.37
C LEU A 110 27.44 9.70 1.84
N VAL A 111 26.87 10.61 2.62
CA VAL A 111 26.90 12.02 2.24
C VAL A 111 28.33 12.58 2.27
N GLN A 112 29.11 12.29 3.30
CA GLN A 112 30.49 12.77 3.31
C GLN A 112 31.34 12.16 2.19
N GLN A 113 30.90 11.01 1.69
CA GLN A 113 31.65 10.29 0.69
C GLN A 113 31.67 11.03 -0.64
N PHE A 114 30.82 12.03 -0.75
CA PHE A 114 30.74 12.82 -1.96
C PHE A 114 32.04 13.60 -2.19
N SER A 115 32.75 13.85 -1.10
CA SER A 115 34.00 14.59 -1.17
C SER A 115 35.03 13.85 -2.02
N ILE A 116 34.93 12.53 -2.06
CA ILE A 116 35.86 11.74 -2.85
C ILE A 116 35.67 12.06 -4.33
N LEU A 117 34.44 11.91 -4.80
CA LEU A 117 34.15 12.13 -6.20
C LEU A 117 34.37 13.58 -6.59
N GLU A 118 34.50 14.48 -5.65
CA GLU A 118 34.89 15.82 -6.00
C GLU A 118 36.31 15.99 -6.39
N THR A 119 37.15 15.05 -6.04
CA THR A 119 38.56 15.14 -6.35
C THR A 119 38.81 14.85 -7.79
N MET A 120 37.77 14.45 -8.48
CA MET A 120 37.89 14.05 -9.84
C MET A 120 37.41 15.18 -10.73
N THR A 121 38.27 15.64 -11.61
CA THR A 121 37.99 16.76 -12.46
C THR A 121 37.04 16.38 -13.56
N ALA A 122 36.38 17.39 -14.06
CA ALA A 122 35.38 17.21 -15.08
C ALA A 122 35.91 16.70 -16.40
N LEU A 123 37.05 17.23 -16.79
CA LEU A 123 37.60 16.86 -18.06
C LEU A 123 37.89 15.40 -18.07
N ASP A 124 38.52 14.94 -17.02
CA ASP A 124 38.97 13.59 -16.98
C ASP A 124 37.81 12.64 -17.02
N PHE A 125 36.70 12.95 -16.36
CA PHE A 125 35.54 12.07 -16.39
C PHE A 125 35.07 11.94 -17.81
N ASN A 126 35.12 13.06 -18.50
CA ASN A 126 34.70 13.09 -19.91
C ASN A 126 35.62 12.20 -20.75
N ASP A 127 36.86 12.06 -20.31
CA ASP A 127 37.79 11.13 -20.95
C ASP A 127 37.33 9.68 -21.00
N PHE A 128 36.46 9.29 -20.09
CA PHE A 128 36.03 7.89 -20.03
C PHE A 128 34.51 7.71 -20.14
N ARG A 129 33.77 8.79 -20.15
CA ARG A 129 32.35 8.68 -20.03
C ARG A 129 31.78 7.83 -21.14
N GLU A 130 32.28 8.00 -22.36
CA GLU A 130 31.60 7.51 -23.54
C GLU A 130 31.43 6.04 -23.37
N TYR A 131 32.43 5.43 -22.76
CA TYR A 131 32.36 4.02 -22.51
C TYR A 131 31.17 3.78 -21.65
N LEU A 132 30.92 4.71 -20.77
CA LEU A 132 29.71 4.65 -19.99
C LEU A 132 28.39 4.79 -20.75
N SER A 133 28.29 5.72 -21.69
CA SER A 133 26.98 6.03 -22.26
C SER A 133 26.36 4.66 -22.54
N PRO A 134 25.01 4.42 -22.17
CA PRO A 134 24.18 5.61 -21.94
C PRO A 134 23.72 5.91 -20.53
N ALA A 135 23.63 7.18 -20.18
CA ALA A 135 23.46 7.59 -18.79
C ALA A 135 22.20 7.08 -18.09
N SER A 136 21.05 7.24 -18.71
CA SER A 136 19.86 6.74 -18.07
C SER A 136 20.04 5.29 -17.70
N GLY A 137 21.10 4.69 -18.23
CA GLY A 137 21.54 3.38 -17.78
C GLY A 137 22.00 3.34 -16.33
N PHE A 138 22.58 4.44 -15.90
CA PHE A 138 23.30 4.51 -14.65
C PHE A 138 22.48 4.75 -13.38
N GLN A 139 21.67 3.79 -12.96
CA GLN A 139 20.94 3.95 -11.69
C GLN A 139 20.88 2.71 -10.85
N SER A 140 20.93 2.88 -9.54
CA SER A 140 21.07 1.78 -8.61
C SER A 140 19.72 1.11 -8.28
N LEU A 141 19.64 -0.20 -8.48
CA LEU A 141 18.49 -0.96 -8.06
C LEU A 141 18.33 -0.86 -6.56
N GLN A 142 19.43 -1.04 -5.84
CA GLN A 142 19.34 -1.02 -4.37
C GLN A 142 18.84 0.33 -3.86
N PHE A 143 19.26 1.43 -4.47
CA PHE A 143 18.76 2.69 -4.00
C PHE A 143 17.24 2.87 -4.15
N ARG A 144 16.68 2.33 -5.23
CA ARG A 144 15.25 2.35 -5.45
C ARG A 144 14.48 1.37 -4.51
N LEU A 145 15.06 0.18 -4.27
CA LEU A 145 14.52 -0.75 -3.26
C LEU A 145 14.41 0.02 -1.96
N LEU A 146 15.51 0.69 -1.61
CA LEU A 146 15.54 1.52 -0.42
C LEU A 146 14.39 2.52 -0.43
N GLU A 147 14.18 3.21 -1.50
CA GLU A 147 13.15 4.20 -1.58
C GLU A 147 11.79 3.59 -1.54
N ASN A 148 11.63 2.46 -2.15
CA ASN A 148 10.37 1.82 -2.12
C ASN A 148 9.99 1.48 -0.74
N LYS A 149 10.88 0.85 -0.02
CA LYS A 149 10.64 0.39 1.34
C LYS A 149 10.52 1.47 2.36
N ILE A 150 10.81 2.68 2.04
CA ILE A 150 10.68 3.73 3.03
C ILE A 150 9.33 4.37 3.27
N GLY A 151 8.54 4.69 2.28
CA GLY A 151 8.92 4.57 0.91
C GLY A 151 8.48 5.83 0.24
N VAL A 152 9.34 6.30 -0.62
CA VAL A 152 9.12 7.47 -1.36
C VAL A 152 8.00 7.23 -2.32
N LEU A 153 7.48 8.28 -2.91
CA LEU A 153 6.40 8.21 -3.85
C LEU A 153 7.06 8.50 -5.15
N GLN A 154 6.80 7.69 -6.15
CA GLN A 154 7.53 7.80 -7.39
C GLN A 154 7.00 8.90 -8.33
N GLU A 172 13.87 -11.35 -12.19
CA GLU A 172 15.16 -11.61 -11.55
C GLU A 172 15.46 -10.48 -10.55
N GLU A 173 15.45 -9.26 -11.05
CA GLU A 173 15.58 -8.07 -10.23
C GLU A 173 14.21 -7.44 -10.15
N ASN A 174 13.46 -7.64 -11.23
CA ASN A 174 12.10 -7.16 -11.32
C ASN A 174 11.20 -7.81 -10.29
N GLU A 175 11.53 -9.02 -9.87
CA GLU A 175 10.74 -9.67 -8.83
C GLU A 175 11.03 -9.05 -7.47
N LEU A 176 12.29 -8.74 -7.24
CA LEU A 176 12.74 -8.15 -5.98
C LEU A 176 12.13 -6.76 -5.85
N LEU A 177 12.16 -6.05 -6.97
CA LEU A 177 11.58 -4.71 -7.11
C LEU A 177 10.08 -4.78 -6.86
N LEU A 178 9.44 -5.78 -7.45
CA LEU A 178 8.01 -5.99 -7.31
C LEU A 178 7.63 -6.24 -5.86
N LYS A 179 8.35 -7.15 -5.21
CA LYS A 179 8.10 -7.41 -3.81
C LYS A 179 8.21 -6.12 -3.02
N SER A 180 9.23 -5.32 -3.31
CA SER A 180 9.38 -4.07 -2.59
C SER A 180 8.19 -3.18 -2.86
N GLU A 181 7.57 -3.32 -4.04
CA GLU A 181 6.40 -2.51 -4.36
C GLU A 181 5.13 -3.00 -3.66
N GLN A 182 5.03 -4.31 -3.44
CA GLN A 182 3.84 -4.90 -2.82
C GLN A 182 3.82 -4.93 -1.29
N GLU A 183 4.97 -5.21 -0.68
CA GLU A 183 5.08 -5.28 0.78
C GLU A 183 4.91 -3.90 1.47
N LYS A 184 4.65 -3.92 2.77
CA LYS A 184 4.45 -2.70 3.56
C LYS A 184 5.70 -1.82 3.71
N THR A 185 5.55 -0.52 3.51
CA THR A 185 6.67 0.40 3.68
C THR A 185 6.93 0.75 5.14
N LEU A 186 8.12 1.29 5.41
CA LEU A 186 8.45 1.78 6.75
C LEU A 186 7.46 2.88 7.18
N LEU A 187 7.08 3.74 6.25
CA LEU A 187 6.08 4.76 6.54
C LEU A 187 4.76 4.15 7.04
N GLU A 188 4.22 3.17 6.33
CA GLU A 188 2.94 2.56 6.74
C GLU A 188 3.03 1.89 8.10
N LEU A 189 4.13 1.19 8.35
CA LEU A 189 4.33 0.52 9.63
C LEU A 189 4.47 1.53 10.78
N VAL A 190 5.21 2.61 10.54
CA VAL A 190 5.35 3.64 11.54
C VAL A 190 4.00 4.27 11.80
N GLU A 191 3.24 4.46 10.72
CA GLU A 191 1.87 4.98 10.82
C GLU A 191 0.99 4.12 11.71
N ALA A 192 1.03 2.81 11.46
CA ALA A 192 0.26 1.84 12.24
C ALA A 192 0.62 1.95 13.71
N TRP A 193 1.91 1.98 13.97
CA TRP A 193 2.38 2.11 15.34
C TRP A 193 1.87 3.40 16.00
N LEU A 194 2.01 4.51 15.31
CA LEU A 194 1.58 5.79 15.85
C LEU A 194 0.10 5.85 16.07
N GLU A 195 -0.63 5.21 15.21
CA GLU A 195 -2.06 5.21 15.28
C GLU A 195 -2.47 4.54 16.54
N ARG A 196 -1.63 3.69 17.07
CA ARG A 196 -1.94 2.89 18.22
C ARG A 196 -1.44 3.46 19.50
N THR A 197 -1.03 4.72 19.50
CA THR A 197 -0.48 5.31 20.69
C THR A 197 -1.55 5.28 21.72
N PRO A 198 -1.16 4.92 22.94
CA PRO A 198 -1.98 4.97 24.15
C PRO A 198 -2.16 6.41 24.61
N GLY A 199 -3.41 6.82 24.83
CA GLY A 199 -3.70 8.16 25.30
C GLY A 199 -4.66 8.89 24.39
N LEU A 200 -4.88 8.34 23.19
CA LEU A 200 -5.72 8.98 22.19
C LEU A 200 -7.16 8.58 22.39
N GLU A 201 -7.36 7.55 23.21
CA GLU A 201 -8.68 7.03 23.46
C GLU A 201 -9.57 8.12 24.05
N PRO A 202 -10.69 8.41 23.37
CA PRO A 202 -11.63 9.45 23.79
C PRO A 202 -12.27 9.14 25.14
N HIS A 203 -12.37 7.86 25.42
CA HIS A 203 -12.74 7.35 26.70
C HIS A 203 -11.71 7.54 27.79
N GLY A 204 -10.44 7.42 27.45
CA GLY A 204 -9.41 7.42 28.47
C GLY A 204 -8.78 8.75 28.73
N PHE A 205 -7.54 8.92 28.36
CA PHE A 205 -6.85 10.17 28.51
C PHE A 205 -7.44 11.28 27.66
N ASN A 206 -7.94 10.94 26.49
CA ASN A 206 -8.48 11.92 25.58
C ASN A 206 -7.56 13.04 25.20
N PHE A 207 -6.39 12.71 24.71
CA PHE A 207 -5.39 13.72 24.43
C PHE A 207 -5.89 14.74 23.45
N TRP A 208 -6.57 14.31 22.42
CA TRP A 208 -6.96 15.22 21.36
C TRP A 208 -8.05 16.17 21.84
N GLY A 209 -9.02 15.63 22.59
CA GLY A 209 -10.11 16.42 23.14
C GLY A 209 -9.59 17.50 24.07
N LYS A 210 -8.77 17.05 25.02
CA LYS A 210 -8.11 17.96 25.94
C LYS A 210 -7.31 19.02 25.18
N LEU A 211 -6.58 18.62 24.17
CA LEU A 211 -5.74 19.54 23.44
C LEU A 211 -6.49 20.61 22.73
N GLU A 212 -7.62 20.28 22.14
CA GLU A 212 -8.43 21.29 21.51
C GLU A 212 -8.95 22.27 22.51
N LYS A 213 -9.39 21.77 23.63
CA LYS A 213 -9.91 22.63 24.66
C LYS A 213 -8.87 23.53 25.21
N ASN A 214 -7.70 23.01 25.47
CA ASN A 214 -6.62 23.83 25.96
C ASN A 214 -6.10 24.84 25.02
N ILE A 215 -6.07 24.48 23.76
CA ILE A 215 -5.64 25.39 22.72
C ILE A 215 -6.64 26.47 22.48
N THR A 216 -7.90 26.11 22.39
CA THR A 216 -8.95 27.10 22.20
C THR A 216 -8.99 28.11 23.34
N ARG A 217 -9.02 27.59 24.57
CA ARG A 217 -9.03 28.42 25.75
C ARG A 217 -7.80 29.33 25.75
N GLY A 218 -6.64 28.74 25.48
CA GLY A 218 -5.40 29.47 25.55
C GLY A 218 -5.35 30.56 24.50
N LEU A 219 -5.95 30.30 23.35
CA LEU A 219 -5.99 31.30 22.30
C LEU A 219 -6.90 32.46 22.70
N GLU A 220 -8.02 32.15 23.35
CA GLU A 220 -8.91 33.20 23.84
C GLU A 220 -8.20 34.11 24.83
N GLU A 221 -7.52 33.47 25.78
CA GLU A 221 -6.79 34.21 26.78
C GLU A 221 -5.66 35.03 26.17
N GLU A 222 -5.04 34.50 25.14
CA GLU A 222 -3.90 35.20 24.55
C GLU A 222 -4.42 36.40 23.78
N PHE A 223 -5.56 36.22 23.12
CA PHE A 223 -6.22 37.32 22.44
C PHE A 223 -6.54 38.46 23.41
N ILE A 224 -7.12 38.13 24.57
CA ILE A 224 -7.47 39.15 25.55
C ILE A 224 -6.22 39.84 26.10
N ARG A 225 -5.12 39.09 26.25
CA ARG A 225 -3.90 39.65 26.80
C ARG A 225 -3.34 40.66 25.83
N ILE A 226 -3.53 40.39 24.54
CA ILE A 226 -2.95 41.23 23.50
C ILE A 226 -3.80 42.48 23.23
N GLN A 227 -5.12 42.30 23.11
CA GLN A 227 -5.99 43.44 22.86
C GLN A 227 -6.00 44.45 24.03
N ALA A 228 -5.31 44.12 25.10
CA ALA A 228 -5.33 44.94 26.29
C ALA A 228 -4.11 45.76 26.41
N LYS A 229 -3.30 45.75 25.39
CA LYS A 229 -2.04 46.41 25.45
C LYS A 229 -2.15 47.78 24.87
N GLU A 230 -1.26 48.67 25.26
CA GLU A 230 -1.29 50.01 24.74
C GLU A 230 -1.06 49.88 23.27
N GLU A 231 -1.71 50.71 22.45
CA GLU A 231 -1.53 50.61 21.03
C GLU A 231 -0.08 50.89 20.79
N SER A 232 0.53 50.17 19.87
CA SER A 232 1.96 50.19 19.78
C SER A 232 2.55 49.65 18.52
N GLU A 233 3.88 49.65 18.53
CA GLU A 233 4.62 48.87 17.57
C GLU A 233 4.58 47.42 17.94
N GLU A 234 4.88 47.18 19.20
CA GLU A 234 4.97 45.83 19.71
C GLU A 234 3.63 45.17 19.61
N LYS A 235 2.59 45.92 19.91
CA LYS A 235 1.27 45.35 19.96
C LYS A 235 0.89 44.85 18.59
N GLU A 236 1.26 45.57 17.56
CA GLU A 236 0.89 45.17 16.22
C GLU A 236 1.50 43.84 15.85
N GLU A 237 2.74 43.63 16.23
CA GLU A 237 3.45 42.43 15.88
C GLU A 237 2.80 41.21 16.48
N GLN A 238 2.46 41.36 17.74
CA GLN A 238 1.82 40.34 18.55
C GLN A 238 0.43 39.96 18.02
N VAL A 239 -0.27 40.93 17.46
CA VAL A 239 -1.57 40.66 16.83
C VAL A 239 -1.36 39.77 15.60
N ALA A 240 -0.41 40.12 14.75
CA ALA A 240 -0.13 39.32 13.56
C ALA A 240 0.31 37.88 13.90
N GLU A 241 1.21 37.79 14.88
CA GLU A 241 1.72 36.51 15.32
C GLU A 241 0.60 35.71 15.93
N PHE A 242 -0.30 36.38 16.61
CA PHE A 242 -1.45 35.70 17.13
C PHE A 242 -2.31 35.15 16.01
N GLN A 243 -2.50 35.94 14.97
CA GLN A 243 -3.38 35.54 13.90
C GLN A 243 -2.91 34.34 13.17
N LYS A 244 -1.62 34.28 12.91
CA LYS A 244 -1.05 33.08 12.32
C LYS A 244 -1.08 31.94 13.26
N GLN A 245 -0.71 32.17 14.50
CA GLN A 245 -0.62 31.10 15.46
C GLN A 245 -1.99 30.54 15.62
N LYS A 246 -2.96 31.41 15.66
CA LYS A 246 -4.30 31.00 15.89
C LYS A 246 -4.70 30.08 14.78
N GLU A 247 -4.34 30.44 13.58
CA GLU A 247 -4.71 29.69 12.42
C GLU A 247 -4.10 28.36 12.28
N VAL A 248 -2.83 28.29 12.55
CA VAL A 248 -2.11 27.07 12.42
C VAL A 248 -2.59 26.08 13.41
N LEU A 249 -2.74 26.53 14.63
CA LEU A 249 -3.18 25.71 15.74
C LEU A 249 -4.60 25.21 15.50
N LEU A 250 -5.49 26.09 15.05
CA LEU A 250 -6.86 25.65 14.81
C LEU A 250 -6.97 24.75 13.59
N SER A 251 -6.16 25.01 12.57
CA SER A 251 -6.18 24.16 11.37
C SER A 251 -5.79 22.74 11.75
N LEU A 252 -5.03 22.60 12.83
CA LEU A 252 -4.66 21.28 13.31
C LEU A 252 -5.90 20.41 13.54
N PHE A 253 -7.03 21.02 13.90
CA PHE A 253 -8.22 20.22 14.22
C PHE A 253 -9.16 20.11 13.05
N ASP A 254 -8.71 20.48 11.85
CA ASP A 254 -9.58 20.40 10.68
C ASP A 254 -9.28 19.16 9.86
N GLU A 255 -9.92 18.06 10.25
CA GLU A 255 -9.77 16.73 9.64
C GLU A 255 -9.88 16.77 8.12
N LYS A 256 -10.76 17.61 7.60
CA LYS A 256 -10.97 17.68 6.17
C LYS A 256 -9.77 18.30 5.45
N ARG A 257 -9.17 19.35 6.02
CA ARG A 257 -7.96 19.91 5.43
C ARG A 257 -6.87 18.86 5.39
N HIS A 258 -6.79 18.05 6.44
CA HIS A 258 -5.79 17.00 6.48
C HIS A 258 -6.13 15.97 5.40
N GLU A 259 -7.41 15.65 5.25
CA GLU A 259 -7.80 14.72 4.20
C GLU A 259 -7.36 15.24 2.84
N HIS A 260 -7.61 16.53 2.64
CA HIS A 260 -7.28 17.21 1.41
C HIS A 260 -5.78 17.16 1.10
N LEU A 261 -4.97 17.59 2.05
CA LEU A 261 -3.52 17.60 1.89
C LEU A 261 -2.99 16.18 1.67
N LEU A 262 -3.62 15.20 2.31
CA LEU A 262 -3.23 13.82 2.09
C LEU A 262 -3.39 13.48 0.62
N SER A 263 -4.53 13.88 0.06
CA SER A 263 -4.82 13.52 -1.33
C SER A 263 -3.86 14.17 -2.31
N LYS A 264 -3.42 15.40 -2.02
CA LYS A 264 -2.40 16.05 -2.83
C LYS A 264 -0.99 15.53 -2.53
N GLY A 265 -0.83 14.77 -1.46
CA GLY A 265 0.47 14.21 -1.13
C GLY A 265 1.36 15.20 -0.40
N GLU A 266 0.75 16.25 0.12
CA GLU A 266 1.49 17.26 0.86
C GLU A 266 1.63 16.84 2.31
N ARG A 267 0.94 15.76 2.66
CA ARG A 267 1.11 15.10 3.95
C ARG A 267 1.04 13.61 3.67
N ARG A 268 1.63 12.79 4.54
CA ARG A 268 1.67 11.36 4.25
C ARG A 268 1.03 10.52 5.32
N LEU A 269 1.00 11.03 6.56
CA LEU A 269 0.46 10.29 7.69
C LEU A 269 -1.04 10.44 7.84
N SER A 270 -1.70 9.41 8.34
CA SER A 270 -3.13 9.54 8.65
C SER A 270 -3.30 10.56 9.78
N TYR A 271 -4.50 11.12 9.88
CA TYR A 271 -4.80 12.11 10.91
C TYR A 271 -4.51 11.54 12.29
N ARG A 272 -4.93 10.30 12.47
CA ARG A 272 -4.75 9.63 13.75
C ARG A 272 -3.27 9.40 14.10
N ALA A 273 -2.51 8.89 13.12
CA ALA A 273 -1.08 8.73 13.32
C ALA A 273 -0.48 10.08 13.69
N LEU A 274 -0.92 11.14 13.00
CA LEU A 274 -0.44 12.48 13.30
C LEU A 274 -0.71 12.88 14.75
N GLN A 275 -1.87 12.50 15.27
CA GLN A 275 -2.17 12.79 16.67
C GLN A 275 -1.16 12.06 17.53
N GLY A 276 -0.85 10.83 17.13
CA GLY A 276 0.13 10.06 17.88
C GLY A 276 1.50 10.71 17.94
N ALA A 277 1.97 11.12 16.76
CA ALA A 277 3.26 11.78 16.65
C ALA A 277 3.27 13.03 17.51
N LEU A 278 2.19 13.80 17.43
CA LEU A 278 2.10 15.02 18.23
C LEU A 278 2.10 14.72 19.71
N MET A 279 1.48 13.63 20.12
CA MET A 279 1.51 13.25 21.51
C MET A 279 2.94 12.95 21.98
N ILE A 280 3.66 12.16 21.18
CA ILE A 280 5.06 11.85 21.45
C ILE A 280 5.91 13.12 21.51
N TYR A 281 5.68 14.01 20.55
CA TYR A 281 6.34 15.31 20.49
C TYR A 281 6.12 16.18 21.74
N PHE A 282 4.87 16.34 22.19
CA PHE A 282 4.61 17.22 23.32
C PHE A 282 5.15 16.62 24.60
N TYR A 283 5.14 15.29 24.71
CA TYR A 283 5.58 14.64 25.94
C TYR A 283 6.98 14.06 25.81
N ARG A 284 7.82 14.65 24.96
CA ARG A 284 9.14 14.08 24.64
C ARG A 284 10.06 13.99 25.86
N GLU A 285 9.92 14.94 26.79
CA GLU A 285 10.76 14.95 27.97
C GLU A 285 10.36 13.90 28.98
N GLU A 286 9.15 13.37 28.83
CA GLU A 286 8.69 12.36 29.76
C GLU A 286 9.43 11.06 29.48
N PRO A 287 9.92 10.43 30.55
CA PRO A 287 10.62 9.14 30.55
C PRO A 287 10.04 8.11 29.57
N ARG A 288 8.74 7.93 29.57
CA ARG A 288 8.17 6.89 28.73
C ARG A 288 8.07 7.29 27.24
N PHE A 289 8.45 8.52 26.91
CA PHE A 289 8.35 9.01 25.53
C PHE A 289 9.72 9.34 24.92
N GLN A 290 10.77 9.17 25.72
CA GLN A 290 12.12 9.50 25.33
C GLN A 290 12.53 8.73 24.06
N VAL A 291 12.37 7.41 24.13
CA VAL A 291 12.71 6.53 23.02
C VAL A 291 11.81 6.67 21.80
N PRO A 292 10.48 6.71 21.99
CA PRO A 292 9.68 7.02 20.80
C PRO A 292 10.16 8.29 20.08
N PHE A 293 10.45 9.34 20.83
CA PHE A 293 10.90 10.54 20.16
C PHE A 293 12.23 10.32 19.45
N GLN A 294 13.12 9.54 20.05
CA GLN A 294 14.38 9.19 19.38
C GLN A 294 14.11 8.55 18.02
N LEU A 295 13.11 7.66 18.00
CA LEU A 295 12.70 7.04 16.76
C LEU A 295 12.27 8.08 15.73
N LEU A 296 11.38 8.99 16.14
CA LEU A 296 10.92 10.04 15.22
C LEU A 296 12.08 10.86 14.66
N THR A 297 12.99 11.25 15.54
CA THR A 297 14.15 12.00 15.14
C THR A 297 14.96 11.23 14.08
N SER A 298 15.20 9.94 14.33
CA SER A 298 15.92 9.13 13.35
C SER A 298 15.20 9.06 12.01
N LEU A 299 13.88 8.91 12.04
CA LEU A 299 13.17 8.86 10.76
C LEU A 299 13.36 10.17 10.00
N MET A 300 13.25 11.29 10.71
CA MET A 300 13.53 12.57 10.07
C MET A 300 14.95 12.65 9.49
N ASP A 301 15.95 12.24 10.26
CA ASP A 301 17.33 12.26 9.78
C ASP A 301 17.47 11.43 8.50
N ILE A 302 16.94 10.22 8.52
CA ILE A 302 17.04 9.33 7.39
C ILE A 302 16.42 9.98 6.17
N ASP A 303 15.25 10.60 6.34
CA ASP A 303 14.63 11.30 5.21
C ASP A 303 15.53 12.41 4.69
N SER A 304 16.01 13.26 5.59
CA SER A 304 16.91 14.34 5.21
C SER A 304 18.12 13.86 4.45
N LEU A 305 18.86 12.95 5.07
CA LEU A 305 20.10 12.45 4.54
C LEU A 305 19.91 11.74 3.21
N MET A 306 18.88 10.93 3.13
CA MET A 306 18.60 10.25 1.91
C MET A 306 18.28 11.22 0.80
N THR A 307 17.53 12.25 1.10
CA THR A 307 17.21 13.25 0.12
C THR A 307 18.45 14.00 -0.27
N LYS A 308 19.32 14.23 0.67
CA LYS A 308 20.57 14.90 0.40
C LYS A 308 21.45 14.08 -0.51
N TRP A 309 21.52 12.78 -0.28
CA TRP A 309 22.33 11.94 -1.09
C TRP A 309 21.79 12.00 -2.47
N ARG A 310 20.49 11.90 -2.61
CA ARG A 310 19.86 11.94 -3.92
C ARG A 310 20.22 13.25 -4.65
N TYR A 311 20.16 14.34 -3.93
CA TYR A 311 20.42 15.63 -4.53
C TYR A 311 21.83 15.68 -4.99
N ASN A 312 22.73 15.33 -4.12
CA ASN A 312 24.12 15.48 -4.38
C ASN A 312 24.44 14.68 -5.57
N HIS A 313 23.87 13.51 -5.64
CA HIS A 313 24.29 12.58 -6.61
C HIS A 313 24.04 13.11 -7.97
N VAL A 314 22.87 13.63 -8.22
CA VAL A 314 22.55 14.16 -9.54
C VAL A 314 23.36 15.39 -9.84
N CYS A 315 23.81 16.07 -8.83
CA CYS A 315 24.59 17.26 -9.01
C CYS A 315 25.81 16.84 -9.75
N MET A 316 26.39 15.74 -9.33
CA MET A 316 27.59 15.27 -9.97
C MET A 316 27.33 14.83 -11.37
N VAL A 317 26.21 14.17 -11.60
CA VAL A 317 25.86 13.78 -12.93
C VAL A 317 25.69 15.04 -13.77
N HIS A 318 25.22 16.09 -13.16
CA HIS A 318 25.10 17.35 -13.89
C HIS A 318 26.46 17.96 -14.19
N ARG A 319 27.31 18.10 -13.21
CA ARG A 319 28.61 18.64 -13.46
C ARG A 319 29.39 17.77 -14.43
N MET A 320 29.24 16.47 -14.33
CA MET A 320 30.03 15.52 -15.10
C MET A 320 29.54 15.49 -16.52
N LEU A 321 28.29 15.92 -16.71
CA LEU A 321 27.66 15.92 -18.03
C LEU A 321 27.43 17.31 -18.70
N GLY A 322 27.22 18.36 -17.92
CA GLY A 322 26.92 19.67 -18.48
C GLY A 322 25.55 19.67 -19.17
N SER A 323 24.75 18.63 -18.91
CA SER A 323 23.41 18.46 -19.46
C SER A 323 22.73 17.17 -18.98
N ARG A 343 13.63 18.97 -1.86
CA ARG A 343 12.90 18.96 -0.59
C ARG A 343 12.78 17.57 -0.05
N TYR A 344 12.40 17.44 1.22
CA TYR A 344 12.44 16.15 1.92
C TYR A 344 11.20 15.25 2.13
N LYS A 345 11.22 14.13 1.43
CA LYS A 345 10.09 13.36 1.00
C LYS A 345 9.14 12.75 2.01
N VAL A 346 9.56 11.75 2.76
CA VAL A 346 8.61 10.78 3.34
C VAL A 346 7.92 11.16 4.63
N PHE A 347 8.65 11.77 5.52
CA PHE A 347 8.18 11.98 6.86
C PHE A 347 7.90 13.43 7.09
N VAL A 348 7.40 14.10 6.10
CA VAL A 348 7.15 15.53 6.20
C VAL A 348 6.33 15.91 7.46
N ASP A 349 5.39 15.07 7.85
CA ASP A 349 4.57 15.35 9.03
C ASP A 349 5.39 15.51 10.30
N LEU A 350 6.43 14.69 10.44
CA LEU A 350 7.29 14.78 11.60
C LEU A 350 8.10 16.09 11.55
N PHE A 351 8.58 16.47 10.38
CA PHE A 351 9.25 17.76 10.16
C PHE A 351 8.33 18.91 10.54
N ASN A 352 7.04 18.76 10.28
CA ASN A 352 6.08 19.80 10.60
C ASN A 352 5.61 19.82 12.06
N LEU A 353 5.93 18.78 12.82
CA LEU A 353 5.57 18.79 14.25
C LEU A 353 5.96 20.09 14.98
N SER A 354 7.12 20.66 14.66
CA SER A 354 7.56 21.88 15.35
C SER A 354 6.61 23.07 15.19
N THR A 355 5.94 23.16 14.05
CA THR A 355 5.05 24.29 13.80
C THR A 355 3.89 24.30 14.79
N TYR A 356 3.59 23.18 15.42
CA TYR A 356 2.49 23.15 16.35
C TYR A 356 2.85 23.27 17.80
N LEU A 357 3.93 23.92 18.13
CA LEU A 357 4.28 24.00 19.52
C LEU A 357 3.41 24.97 20.22
N ILE A 358 3.10 24.66 21.45
CA ILE A 358 2.23 25.47 22.20
C ILE A 358 2.94 25.71 23.47
N PRO A 359 2.37 26.55 24.29
CA PRO A 359 2.99 26.93 25.52
C PRO A 359 2.86 25.80 26.47
N ARG A 360 3.86 25.61 27.29
CA ARG A 360 3.94 24.41 28.09
C ARG A 360 2.65 24.14 28.87
N HIS A 361 2.07 25.17 29.45
CA HIS A 361 0.85 24.97 30.24
C HIS A 361 -0.38 24.54 29.42
N TRP A 362 -0.36 24.69 28.09
CA TRP A 362 -1.51 24.24 27.29
C TRP A 362 -1.46 22.72 27.07
N ILE A 363 -0.31 22.10 27.33
CA ILE A 363 -0.20 20.66 27.14
C ILE A 363 -0.94 19.95 28.27
N PRO A 364 -1.87 19.07 27.91
CA PRO A 364 -2.60 18.25 28.89
C PRO A 364 -1.66 17.50 29.83
N LYS A 365 -1.93 17.57 31.14
CA LYS A 365 -1.13 16.91 32.18
C LYS A 365 -1.35 15.39 32.08
N MET A 366 -0.40 14.56 32.51
CA MET A 366 -0.52 13.12 32.25
C MET A 366 -1.24 12.35 33.37
N ASN A 367 -1.54 11.08 33.11
CA ASN A 367 -2.28 10.26 34.07
C ASN A 367 -1.71 8.86 34.21
N LEU B 25 26.75 0.95 -18.92
CA LEU B 25 25.55 0.11 -18.90
C LEU B 25 25.85 -1.38 -18.76
N ILE B 26 25.03 -2.08 -18.01
CA ILE B 26 24.08 -1.52 -17.08
C ILE B 26 24.90 -1.28 -15.88
N TYR B 27 24.41 -0.46 -14.99
CA TYR B 27 25.16 -0.01 -13.86
C TYR B 27 25.55 -1.22 -13.08
N GLY B 28 24.62 -2.13 -12.97
CA GLY B 28 24.84 -3.30 -12.17
C GLY B 28 25.96 -4.11 -12.71
N ASN B 29 25.99 -4.27 -14.01
CA ASN B 29 27.07 -4.95 -14.67
C ASN B 29 28.41 -4.26 -14.66
N TYR B 30 28.42 -2.98 -14.91
CA TYR B 30 29.65 -2.24 -14.98
C TYR B 30 30.43 -2.31 -13.69
N LEU B 31 29.74 -2.35 -12.57
CA LEU B 31 30.34 -2.39 -11.26
C LEU B 31 30.53 -3.79 -10.77
N HIS B 32 30.14 -4.75 -11.58
CA HIS B 32 30.25 -6.12 -11.20
C HIS B 32 29.62 -6.40 -9.87
N LEU B 33 28.41 -5.91 -9.70
CA LEU B 33 27.74 -6.03 -8.42
C LEU B 33 27.41 -7.48 -8.09
N GLU B 34 27.45 -8.34 -9.09
CA GLU B 34 27.23 -9.77 -8.88
C GLU B 34 28.28 -10.40 -7.99
N LYS B 35 29.47 -9.79 -8.00
CA LYS B 35 30.54 -10.19 -7.10
C LYS B 35 30.42 -9.44 -5.77
N VAL B 36 30.37 -8.11 -5.88
CA VAL B 36 30.39 -7.24 -4.71
C VAL B 36 29.21 -7.52 -3.79
N LEU B 37 28.03 -7.75 -4.36
CA LEU B 37 26.84 -7.89 -3.53
C LEU B 37 26.45 -9.33 -3.20
N ASN B 38 27.30 -10.29 -3.57
CA ASN B 38 27.17 -11.68 -3.12
C ASN B 38 28.45 -12.17 -2.44
N ALA B 39 29.05 -11.30 -1.62
CA ALA B 39 30.29 -11.62 -0.94
C ALA B 39 30.11 -11.52 0.57
N GLN B 40 28.86 -11.57 1.01
CA GLN B 40 28.55 -11.40 2.41
C GLN B 40 28.05 -12.71 3.00
N GLU B 41 28.97 -13.47 3.58
CA GLU B 41 28.62 -14.73 4.24
C GLU B 41 28.85 -14.67 5.75
N LEU B 42 27.76 -14.61 6.51
CA LEU B 42 27.89 -14.57 7.97
C LEU B 42 28.29 -15.90 8.57
N GLN B 43 29.43 -15.94 9.23
CA GLN B 43 29.86 -17.19 9.88
C GLN B 43 28.84 -17.67 10.89
N SER B 44 28.36 -16.78 11.75
CA SER B 44 27.35 -17.13 12.74
C SER B 44 26.13 -17.80 12.10
N GLU B 45 25.74 -17.32 10.93
CA GLU B 45 24.64 -17.93 10.19
C GLU B 45 25.04 -19.28 9.62
N THR B 46 26.24 -19.35 9.09
CA THR B 46 26.74 -20.59 8.49
C THR B 46 26.75 -21.70 9.53
N LYS B 47 27.03 -21.33 10.78
CA LYS B 47 27.02 -22.26 11.89
C LYS B 47 25.72 -22.22 12.72
N GLY B 48 24.59 -22.00 12.07
CA GLY B 48 23.29 -22.20 12.73
C GLY B 48 22.78 -21.17 13.72
N ASN B 49 23.60 -20.20 14.09
CA ASN B 49 23.18 -19.16 15.03
C ASN B 49 23.42 -17.75 14.48
N LYS B 50 22.63 -17.35 13.48
CA LYS B 50 22.80 -16.07 12.80
C LYS B 50 22.79 -14.87 13.75
N ILE B 51 23.82 -14.02 13.65
CA ILE B 51 23.87 -12.80 14.48
C ILE B 51 23.83 -11.55 13.60
N HIS B 52 22.81 -10.75 13.85
CA HIS B 52 22.47 -9.59 13.01
C HIS B 52 23.64 -8.63 12.73
N ASP B 53 24.40 -8.27 13.76
CA ASP B 53 25.48 -7.28 13.62
C ASP B 53 26.70 -7.78 12.85
N GLU B 54 26.78 -9.10 12.65
CA GLU B 54 27.91 -9.65 11.94
C GLU B 54 27.95 -9.08 10.55
N HIS B 55 26.77 -8.85 9.99
CA HIS B 55 26.66 -8.30 8.65
C HIS B 55 27.34 -6.93 8.59
N LEU B 56 27.09 -6.10 9.60
CA LEU B 56 27.70 -4.77 9.67
C LEU B 56 29.21 -4.88 9.73
N PHE B 57 29.70 -5.81 10.54
CA PHE B 57 31.14 -6.02 10.68
C PHE B 57 31.79 -6.32 9.31
N ILE B 58 31.16 -7.23 8.58
CA ILE B 58 31.65 -7.61 7.28
C ILE B 58 31.63 -6.44 6.29
N ILE B 59 30.49 -5.75 6.20
CA ILE B 59 30.38 -4.66 5.24
C ILE B 59 31.43 -3.58 5.53
N THR B 60 31.57 -3.21 6.79
CA THR B 60 32.58 -2.21 7.13
C THR B 60 33.94 -2.61 6.60
N HIS B 61 34.37 -3.83 6.92
CA HIS B 61 35.71 -4.18 6.45
C HIS B 61 35.83 -4.29 4.92
N GLN B 62 34.78 -4.78 4.27
CA GLN B 62 34.80 -4.81 2.82
C GLN B 62 34.95 -3.40 2.22
N ALA B 63 34.29 -2.41 2.84
CA ALA B 63 34.39 -1.01 2.37
C ALA B 63 35.81 -0.48 2.57
N TYR B 64 36.37 -0.75 3.75
CA TYR B 64 37.77 -0.44 3.98
C TYR B 64 38.63 -1.02 2.86
N GLU B 65 38.41 -2.29 2.53
CA GLU B 65 39.25 -2.93 1.51
C GLU B 65 39.08 -2.28 0.14
N LEU B 66 37.85 -1.89 -0.19
CA LEU B 66 37.63 -1.18 -1.44
C LEU B 66 38.46 0.10 -1.50
N TRP B 67 38.38 0.89 -0.45
CA TRP B 67 39.14 2.14 -0.45
C TRP B 67 40.63 1.89 -0.43
N PHE B 68 41.08 0.83 0.25
CA PHE B 68 42.48 0.48 0.23
C PHE B 68 42.94 0.18 -1.18
N LYS B 69 42.13 -0.57 -1.93
CA LYS B 69 42.48 -0.82 -3.31
C LYS B 69 42.57 0.50 -4.09
N GLN B 70 41.64 1.42 -3.84
CA GLN B 70 41.73 2.72 -4.53
C GLN B 70 43.03 3.46 -4.19
N ILE B 71 43.36 3.49 -2.91
CA ILE B 71 44.58 4.13 -2.44
C ILE B 71 45.81 3.49 -3.07
N LEU B 72 45.84 2.18 -3.17
CA LEU B 72 46.95 1.48 -3.82
C LEU B 72 47.01 1.85 -5.29
N TRP B 73 45.86 1.98 -5.94
CA TRP B 73 45.80 2.42 -7.33
C TRP B 73 46.45 3.82 -7.49
N GLU B 74 45.97 4.78 -6.71
CA GLU B 74 46.48 6.15 -6.78
C GLU B 74 47.97 6.18 -6.51
N LEU B 75 48.35 5.52 -5.42
CA LEU B 75 49.72 5.48 -4.92
C LEU B 75 50.68 4.85 -5.91
N ASP B 76 50.29 3.71 -6.46
CA ASP B 76 51.14 3.08 -7.46
C ASP B 76 51.29 4.01 -8.67
N SER B 77 50.22 4.70 -9.08
CA SER B 77 50.37 5.63 -10.21
C SER B 77 51.34 6.77 -9.90
N VAL B 78 51.24 7.33 -8.70
CA VAL B 78 52.14 8.40 -8.28
C VAL B 78 53.60 7.90 -8.26
N ARG B 79 53.80 6.75 -7.66
CA ARG B 79 55.12 6.13 -7.62
C ARG B 79 55.69 5.96 -9.01
N GLU B 80 54.89 5.41 -9.91
CA GLU B 80 55.32 5.23 -11.27
C GLU B 80 55.71 6.56 -11.93
N ILE B 81 54.86 7.56 -11.79
CA ILE B 81 55.15 8.89 -12.30
C ILE B 81 56.52 9.38 -11.84
N PHE B 82 56.84 9.18 -10.56
CA PHE B 82 58.18 9.53 -10.08
C PHE B 82 59.24 8.70 -10.82
N GLN B 83 59.03 7.39 -10.85
CA GLN B 83 59.96 6.45 -11.49
C GLN B 83 60.17 6.65 -13.01
N ASN B 84 59.20 7.26 -13.69
CA ASN B 84 59.32 7.45 -15.13
C ASN B 84 60.02 8.73 -15.49
N GLY B 85 60.45 9.48 -14.49
CA GLY B 85 61.15 10.71 -14.75
C GLY B 85 60.10 11.72 -15.16
N HIS B 86 60.54 12.90 -15.58
CA HIS B 86 59.62 13.98 -15.96
C HIS B 86 58.55 14.32 -14.90
N VAL B 87 58.89 14.11 -13.64
CA VAL B 87 58.03 14.45 -12.51
C VAL B 87 57.99 15.96 -12.46
N ARG B 88 59.08 16.55 -12.94
CA ARG B 88 59.30 18.00 -12.83
C ARG B 88 58.45 18.77 -13.83
N ASP B 89 58.07 18.09 -14.91
CA ASP B 89 57.12 18.66 -15.85
C ASP B 89 55.88 18.99 -15.03
N GLU B 90 55.53 20.26 -15.02
CA GLU B 90 54.49 20.77 -14.14
C GLU B 90 53.17 20.03 -14.24
N ARG B 91 52.86 19.53 -15.44
CA ARG B 91 51.66 18.75 -15.63
C ARG B 91 51.60 17.52 -14.73
N ASN B 92 52.64 16.70 -14.81
CA ASN B 92 52.72 15.47 -14.04
C ASN B 92 52.81 15.77 -12.55
N MET B 93 53.53 16.82 -12.20
CA MET B 93 53.62 17.23 -10.81
C MET B 93 52.23 17.57 -10.27
N LEU B 94 51.42 18.23 -11.09
CA LEU B 94 50.05 18.53 -10.71
C LEU B 94 49.29 17.22 -10.48
N LYS B 95 49.44 16.28 -11.41
CA LYS B 95 48.82 14.98 -11.23
C LYS B 95 49.17 14.39 -9.87
N VAL B 96 50.46 14.42 -9.55
CA VAL B 96 50.93 13.81 -8.33
C VAL B 96 50.28 14.50 -7.13
N VAL B 97 50.32 15.83 -7.08
CA VAL B 97 49.72 16.53 -5.94
C VAL B 97 48.22 16.29 -5.79
N SER B 98 47.49 16.29 -6.90
CA SER B 98 46.04 16.13 -6.82
C SER B 98 45.72 14.72 -6.35
N ARG B 99 46.46 13.73 -6.85
CA ARG B 99 46.20 12.34 -6.46
C ARG B 99 46.62 12.04 -5.01
N MET B 100 47.70 12.67 -4.55
CA MET B 100 48.11 12.51 -3.14
C MET B 100 47.07 13.15 -2.25
N HIS B 101 46.58 14.31 -2.67
CA HIS B 101 45.47 14.94 -2.00
C HIS B 101 44.26 14.02 -1.93
N ARG B 102 43.93 13.38 -3.07
CA ARG B 102 42.82 12.45 -3.14
C ARG B 102 43.00 11.34 -2.09
N VAL B 103 44.21 10.79 -2.02
CA VAL B 103 44.47 9.76 -1.03
C VAL B 103 44.15 10.30 0.37
N SER B 104 44.54 11.53 0.61
CA SER B 104 44.23 12.17 1.89
C SER B 104 42.71 12.22 2.15
N VAL B 105 41.93 12.61 1.15
CA VAL B 105 40.47 12.68 1.31
C VAL B 105 39.86 11.30 1.59
N ILE B 106 40.30 10.30 0.83
CA ILE B 106 39.88 8.93 1.10
C ILE B 106 40.16 8.53 2.54
N LEU B 107 41.38 8.77 3.00
CA LEU B 107 41.73 8.44 4.38
C LEU B 107 40.86 9.17 5.40
N LYS B 108 40.57 10.45 5.20
CA LYS B 108 39.63 11.13 6.09
C LYS B 108 38.29 10.41 6.15
N LEU B 109 37.79 9.97 4.98
CA LEU B 109 36.55 9.20 4.97
C LEU B 109 36.68 7.91 5.79
N LEU B 110 37.78 7.20 5.61
CA LEU B 110 38.02 5.96 6.36
C LEU B 110 38.07 6.23 7.87
N VAL B 111 38.60 7.38 8.26
CA VAL B 111 38.60 7.75 9.66
C VAL B 111 37.16 7.97 10.15
N GLN B 112 36.36 8.70 9.39
CA GLN B 112 34.95 8.86 9.78
C GLN B 112 34.17 7.55 9.80
N GLN B 113 34.64 6.56 9.05
CA GLN B 113 33.91 5.30 8.93
C GLN B 113 33.88 4.48 10.24
N PHE B 114 34.71 4.87 11.19
CA PHE B 114 34.71 4.21 12.49
C PHE B 114 33.39 4.48 13.23
N SER B 115 32.74 5.58 12.86
CA SER B 115 31.48 5.93 13.47
C SER B 115 30.44 4.82 13.24
N ILE B 116 30.57 4.10 12.13
CA ILE B 116 29.65 3.01 11.82
C ILE B 116 29.78 1.89 12.85
N LEU B 117 30.99 1.37 13.07
CA LEU B 117 31.21 0.33 14.07
C LEU B 117 30.96 0.79 15.49
N GLU B 118 31.00 2.11 15.70
CA GLU B 118 30.63 2.62 17.01
C GLU B 118 29.14 2.36 17.33
N THR B 119 28.33 2.09 16.30
CA THR B 119 26.92 1.79 16.55
C THR B 119 26.76 0.31 16.90
N MET B 120 27.87 -0.41 17.03
CA MET B 120 27.81 -1.81 17.41
C MET B 120 28.27 -1.95 18.85
N THR B 121 27.37 -2.44 19.71
CA THR B 121 27.66 -2.59 21.12
C THR B 121 28.58 -3.77 21.37
N ALA B 122 29.34 -3.70 22.45
CA ALA B 122 30.30 -4.74 22.77
C ALA B 122 29.59 -6.09 23.00
N LEU B 123 28.39 -6.04 23.60
CA LEU B 123 27.57 -7.25 23.77
C LEU B 123 27.24 -7.94 22.46
N ASP B 124 26.67 -7.19 21.54
CA ASP B 124 26.24 -7.74 20.26
C ASP B 124 27.45 -8.28 19.48
N PHE B 125 28.57 -7.61 19.60
CA PHE B 125 29.82 -8.10 19.01
C PHE B 125 30.19 -9.43 19.64
N ASN B 126 30.14 -9.45 20.96
CA ASN B 126 30.55 -10.59 21.75
C ASN B 126 29.73 -11.83 21.39
N ASP B 127 28.49 -11.58 20.96
CA ASP B 127 27.62 -12.63 20.41
C ASP B 127 28.14 -13.38 19.18
N PHE B 128 29.04 -12.78 18.41
CA PHE B 128 29.58 -13.43 17.21
C PHE B 128 31.12 -13.50 17.17
N ARG B 129 31.76 -12.79 18.09
CA ARG B 129 33.21 -12.81 18.29
C ARG B 129 33.80 -14.22 18.29
N GLU B 130 33.05 -15.15 18.86
CA GLU B 130 33.41 -16.56 18.95
C GLU B 130 33.52 -17.31 17.62
N TYR B 131 33.03 -16.72 16.56
CA TYR B 131 32.95 -17.46 15.34
C TYR B 131 34.09 -17.16 14.43
N LEU B 132 34.92 -16.23 14.85
CA LEU B 132 36.10 -15.90 14.08
C LEU B 132 37.05 -15.08 14.89
N SER B 133 38.17 -14.72 14.29
CA SER B 133 38.69 -15.34 13.07
C SER B 133 39.24 -16.78 13.15
N PRO B 134 40.06 -17.18 14.22
CA PRO B 134 40.15 -16.24 15.35
C PRO B 134 40.78 -14.92 15.02
N ALA B 135 41.81 -14.98 14.21
CA ALA B 135 42.88 -14.02 14.15
C ALA B 135 43.86 -15.16 14.01
N SER B 136 45.13 -15.01 14.36
CA SER B 136 45.74 -13.75 14.73
C SER B 136 45.59 -12.86 13.53
N GLY B 137 45.72 -13.46 12.36
CA GLY B 137 45.78 -12.75 11.12
C GLY B 137 44.38 -12.39 10.79
N PHE B 138 43.97 -11.33 11.46
CA PHE B 138 42.80 -10.66 11.08
C PHE B 138 43.42 -9.33 10.87
N GLN B 139 44.20 -9.29 9.81
CA GLN B 139 44.67 -8.01 9.27
C GLN B 139 44.80 -8.02 7.76
N SER B 140 44.68 -6.84 7.14
CA SER B 140 44.56 -6.69 5.73
C SER B 140 45.86 -6.94 5.08
N LEU B 141 45.85 -7.67 3.98
CA LEU B 141 46.99 -7.72 3.14
C LEU B 141 47.24 -6.38 2.52
N GLN B 142 46.19 -5.75 2.05
CA GLN B 142 46.28 -4.50 1.33
C GLN B 142 46.80 -3.38 2.17
N PHE B 143 46.44 -3.37 3.43
CA PHE B 143 46.98 -2.40 4.33
C PHE B 143 48.46 -2.55 4.55
N ARG B 144 48.94 -3.78 4.64
CA ARG B 144 50.37 -3.98 4.71
C ARG B 144 51.05 -3.54 3.45
N LEU B 145 50.45 -3.81 2.32
CA LEU B 145 51.05 -3.44 1.06
C LEU B 145 51.20 -1.97 1.02
N LEU B 146 50.20 -1.27 1.45
CA LEU B 146 50.22 0.16 1.44
C LEU B 146 51.30 0.71 2.33
N GLU B 147 51.52 0.08 3.46
CA GLU B 147 52.54 0.50 4.37
C GLU B 147 53.87 0.34 3.75
N ASN B 148 54.05 -0.75 3.04
CA ASN B 148 55.32 -0.99 2.40
C ASN B 148 55.65 0.02 1.34
N LYS B 149 54.70 0.31 0.47
CA LYS B 149 54.89 1.24 -0.64
C LYS B 149 55.10 2.62 -0.21
N ILE B 150 54.48 2.99 0.86
CA ILE B 150 54.81 4.27 1.46
C ILE B 150 56.19 4.33 2.02
N GLY B 151 56.60 3.23 2.58
CA GLY B 151 57.87 3.21 3.27
C GLY B 151 57.76 3.05 4.74
N VAL B 152 56.70 2.44 5.24
CA VAL B 152 56.65 2.13 6.65
C VAL B 152 57.67 1.02 6.89
N LEU B 153 58.35 1.10 8.02
CA LEU B 153 59.39 0.14 8.29
C LEU B 153 59.20 -0.67 9.56
N GLN B 154 59.96 -1.75 9.62
CA GLN B 154 60.02 -2.67 10.75
C GLN B 154 61.34 -2.57 11.51
N ASN B 168 51.35 -14.29 10.23
CA ASN B 168 51.87 -13.34 9.26
C ASN B 168 52.04 -14.11 7.97
N PHE B 169 51.30 -15.19 7.83
CA PHE B 169 51.31 -15.94 6.58
C PHE B 169 50.02 -16.02 5.79
N LYS B 170 50.08 -15.58 4.53
CA LYS B 170 49.01 -15.67 3.60
C LYS B 170 49.65 -16.11 2.32
N GLY B 171 49.48 -17.35 1.91
CA GLY B 171 50.40 -17.90 0.92
C GLY B 171 50.56 -17.41 -0.51
N GLU B 172 49.46 -17.25 -1.23
CA GLU B 172 49.55 -16.91 -2.64
C GLU B 172 50.21 -15.55 -2.72
N GLU B 173 49.80 -14.72 -1.77
CA GLU B 173 50.11 -13.32 -1.71
C GLU B 173 51.56 -13.00 -1.53
N ASN B 174 52.25 -13.77 -0.72
CA ASN B 174 53.42 -13.32 -0.02
C ASN B 174 54.43 -12.78 -0.99
N GLU B 175 54.54 -13.41 -2.13
CA GLU B 175 55.44 -12.93 -3.16
C GLU B 175 55.02 -11.52 -3.47
N LEU B 176 53.72 -11.29 -3.48
CA LEU B 176 53.21 -9.96 -3.79
C LEU B 176 53.71 -8.99 -2.77
N LEU B 177 53.70 -9.40 -1.53
CA LEU B 177 54.21 -8.59 -0.47
C LEU B 177 55.70 -8.34 -0.66
N LEU B 178 56.41 -9.37 -1.08
CA LEU B 178 57.85 -9.30 -1.21
C LEU B 178 58.16 -8.24 -2.22
N LYS B 179 57.44 -8.28 -3.31
CA LYS B 179 57.54 -7.29 -4.39
C LYS B 179 57.33 -5.88 -3.83
N SER B 180 56.39 -5.75 -2.89
CA SER B 180 56.13 -4.45 -2.26
C SER B 180 57.34 -4.06 -1.42
N GLU B 181 58.07 -5.04 -0.90
CA GLU B 181 59.28 -4.78 -0.11
C GLU B 181 60.49 -4.41 -0.97
N GLN B 182 60.57 -4.97 -2.18
CA GLN B 182 61.73 -4.75 -3.04
C GLN B 182 61.62 -3.50 -3.89
N GLU B 183 60.44 -3.22 -4.44
CA GLU B 183 60.27 -2.03 -5.24
C GLU B 183 60.43 -0.76 -4.42
N LYS B 184 60.68 0.34 -5.13
CA LYS B 184 60.94 1.61 -4.49
C LYS B 184 59.74 2.13 -3.73
N THR B 185 59.97 2.55 -2.49
CA THR B 185 58.91 3.12 -1.68
C THR B 185 58.67 4.56 -2.10
N LEU B 186 57.53 5.10 -1.69
CA LEU B 186 57.20 6.51 -1.94
C LEU B 186 58.24 7.39 -1.28
N LEU B 187 58.66 6.98 -0.07
CA LEU B 187 59.66 7.72 0.66
C LEU B 187 60.93 7.87 -0.17
N GLU B 188 61.39 6.78 -0.75
CA GLU B 188 62.61 6.83 -1.54
C GLU B 188 62.50 7.77 -2.73
N LEU B 189 61.40 7.68 -3.46
CA LEU B 189 61.20 8.52 -4.65
C LEU B 189 61.08 10.00 -4.29
N VAL B 190 60.39 10.28 -3.19
CA VAL B 190 60.29 11.66 -2.72
C VAL B 190 61.66 12.16 -2.27
N GLU B 191 62.45 11.29 -1.63
CA GLU B 191 63.83 11.61 -1.25
C GLU B 191 64.68 11.99 -2.47
N ALA B 192 64.61 11.16 -3.51
CA ALA B 192 65.31 11.44 -4.75
C ALA B 192 64.89 12.79 -5.31
N TRP B 193 63.58 12.99 -5.39
CA TRP B 193 63.01 14.21 -5.94
C TRP B 193 63.51 15.41 -5.18
N LEU B 194 63.55 15.30 -3.86
CA LEU B 194 63.99 16.39 -2.98
C LEU B 194 65.46 16.71 -3.19
N GLU B 195 66.28 15.67 -3.37
CA GLU B 195 67.73 15.85 -3.58
C GLU B 195 68.08 16.70 -4.81
N ARG B 196 67.17 16.73 -5.77
CA ARG B 196 67.32 17.36 -7.06
C ARG B 196 66.76 18.76 -7.08
N THR B 197 66.46 19.29 -5.94
CA THR B 197 65.75 20.56 -5.84
C THR B 197 66.68 21.66 -6.31
N PRO B 198 66.29 22.40 -7.36
CA PRO B 198 67.11 23.51 -7.86
C PRO B 198 67.36 24.54 -6.76
N GLY B 199 68.62 24.88 -6.55
CA GLY B 199 69.01 25.84 -5.54
C GLY B 199 70.01 25.22 -4.58
N LEU B 200 70.17 23.92 -4.65
CA LEU B 200 71.03 23.28 -3.70
C LEU B 200 72.43 23.39 -4.21
N GLU B 201 72.60 23.19 -5.49
CA GLU B 201 73.90 23.32 -6.10
C GLU B 201 74.68 24.43 -5.45
N PRO B 202 75.97 24.23 -5.24
CA PRO B 202 76.78 25.23 -4.57
C PRO B 202 77.31 26.20 -5.61
N HIS B 203 77.32 25.78 -6.86
CA HIS B 203 77.45 26.71 -7.91
C HIS B 203 76.06 27.13 -7.97
N GLY B 204 75.77 28.20 -8.65
CA GLY B 204 74.39 28.63 -8.70
C GLY B 204 73.96 29.02 -7.30
N PHE B 205 72.67 29.19 -7.08
CA PHE B 205 72.27 29.56 -5.76
C PHE B 205 73.11 28.61 -4.98
N ASN B 206 73.43 28.96 -3.76
CA ASN B 206 74.18 28.06 -2.95
C ASN B 206 73.34 28.15 -1.76
N PHE B 207 72.26 27.39 -1.74
CA PHE B 207 71.34 27.63 -0.63
C PHE B 207 71.91 27.29 0.77
N TRP B 208 72.50 26.10 0.91
CA TRP B 208 72.89 25.59 2.23
C TRP B 208 74.01 26.40 2.93
N GLY B 209 75.04 26.77 2.16
CA GLY B 209 76.12 27.58 2.69
C GLY B 209 75.63 28.93 3.19
N LYS B 210 74.91 29.66 2.31
CA LYS B 210 74.30 30.95 2.66
C LYS B 210 73.47 30.81 3.92
N LEU B 211 72.75 29.69 3.99
CA LEU B 211 71.89 29.44 5.13
C LEU B 211 72.74 29.39 6.39
N GLU B 212 73.83 28.61 6.33
CA GLU B 212 74.78 28.49 7.43
C GLU B 212 75.36 29.85 7.86
N LYS B 213 75.74 30.64 6.87
CA LYS B 213 76.26 31.97 7.10
C LYS B 213 75.26 32.82 7.88
N ASN B 214 74.04 32.92 7.34
CA ASN B 214 73.00 33.76 7.95
C ASN B 214 72.60 33.32 9.36
N ILE B 215 72.49 32.01 9.56
CA ILE B 215 72.15 31.48 10.87
C ILE B 215 73.28 31.71 11.87
N THR B 216 74.51 31.44 11.47
CA THR B 216 75.63 31.63 12.41
C THR B 216 75.74 33.09 12.82
N ARG B 217 75.76 33.99 11.83
CA ARG B 217 75.87 35.41 12.12
C ARG B 217 74.69 35.91 12.95
N GLY B 218 73.48 35.50 12.56
CA GLY B 218 72.28 35.98 13.23
C GLY B 218 72.25 35.48 14.66
N LEU B 219 72.79 34.29 14.88
CA LEU B 219 72.88 33.73 16.22
C LEU B 219 73.88 34.51 17.07
N GLU B 220 74.99 34.94 16.45
CA GLU B 220 75.95 35.81 17.14
C GLU B 220 75.27 37.12 17.53
N GLU B 221 74.56 37.72 16.59
CA GLU B 221 73.86 38.98 16.83
C GLU B 221 72.80 38.84 17.93
N GLU B 222 72.12 37.69 17.99
CA GLU B 222 71.11 37.50 19.02
C GLU B 222 71.85 37.32 20.34
N PHE B 223 73.01 36.68 20.27
CA PHE B 223 73.87 36.49 21.44
C PHE B 223 74.16 37.85 22.08
N ILE B 224 74.60 38.81 21.27
CA ILE B 224 74.90 40.17 21.76
C ILE B 224 73.69 41.08 22.08
N ARG B 225 72.55 40.91 21.40
CA ARG B 225 71.45 41.85 21.56
C ARG B 225 70.59 41.57 22.82
N ILE B 226 70.95 40.55 23.60
CA ILE B 226 70.13 40.24 24.77
C ILE B 226 70.56 41.08 25.98
N VAL B 239 66.50 33.51 29.75
CA VAL B 239 67.92 33.24 29.49
C VAL B 239 68.16 31.93 28.69
N ALA B 240 67.50 30.85 29.09
CA ALA B 240 67.65 29.49 28.53
C ALA B 240 67.39 29.25 27.02
N GLU B 241 66.37 29.92 26.52
CA GLU B 241 65.93 29.69 25.15
C GLU B 241 66.99 30.00 24.11
N PHE B 242 67.84 31.01 24.32
CA PHE B 242 68.86 31.30 23.32
C PHE B 242 69.84 30.13 23.18
N GLN B 243 70.33 29.58 24.29
CA GLN B 243 71.31 28.49 24.24
C GLN B 243 70.65 27.26 23.61
N LYS B 244 69.35 27.06 23.89
CA LYS B 244 68.66 25.93 23.26
C LYS B 244 68.53 26.08 21.73
N GLN B 245 68.03 27.24 21.31
CA GLN B 245 67.86 27.54 19.90
C GLN B 245 69.19 27.46 19.15
N LYS B 246 70.25 27.96 19.80
CA LYS B 246 71.58 27.88 19.24
C LYS B 246 71.95 26.42 19.02
N GLU B 247 71.68 25.59 20.01
CA GLU B 247 72.04 24.18 19.88
C GLU B 247 71.33 23.49 18.72
N VAL B 248 70.01 23.61 18.64
CA VAL B 248 69.30 22.96 17.54
C VAL B 248 69.70 23.54 16.15
N LEU B 249 69.64 24.86 16.04
CA LEU B 249 69.94 25.52 14.78
C LEU B 249 71.33 25.20 14.25
N LEU B 250 72.34 25.24 15.11
CA LEU B 250 73.68 24.91 14.61
C LEU B 250 73.84 23.42 14.35
N SER B 251 73.19 22.57 15.16
CA SER B 251 73.25 21.12 14.93
C SER B 251 72.67 20.76 13.57
N LEU B 252 71.84 21.64 13.01
CA LEU B 252 71.32 21.44 11.65
C LEU B 252 72.44 21.17 10.63
N PHE B 253 73.63 21.71 10.90
CA PHE B 253 74.74 21.63 9.95
C PHE B 253 75.75 20.52 10.23
N ASP B 254 75.34 19.57 11.08
CA ASP B 254 76.21 18.47 11.46
C ASP B 254 75.87 17.17 10.70
N GLU B 255 76.44 17.02 9.50
CA GLU B 255 76.17 15.86 8.64
C GLU B 255 76.27 14.51 9.36
N LYS B 256 77.25 14.41 10.25
CA LYS B 256 77.49 13.15 10.96
C LYS B 256 76.38 12.84 11.95
N ARG B 257 75.92 13.87 12.68
CA ARG B 257 74.78 13.67 13.59
C ARG B 257 73.58 13.19 12.78
N HIS B 258 73.41 13.75 11.59
CA HIS B 258 72.30 13.35 10.75
C HIS B 258 72.40 11.90 10.35
N GLU B 259 73.57 11.46 9.89
CA GLU B 259 73.78 10.06 9.50
C GLU B 259 73.58 9.12 10.69
N HIS B 260 73.98 9.58 11.87
CA HIS B 260 73.81 8.83 13.11
C HIS B 260 72.33 8.58 13.41
N LEU B 261 71.58 9.68 13.47
CA LEU B 261 70.17 9.62 13.77
C LEU B 261 69.45 8.80 12.71
N LEU B 262 69.94 8.92 11.48
CA LEU B 262 69.43 8.19 10.32
C LEU B 262 69.63 6.68 10.49
N SER B 263 70.80 6.27 10.98
CA SER B 263 71.07 4.85 11.15
C SER B 263 70.17 4.31 12.24
N LYS B 264 69.92 5.14 13.25
CA LYS B 264 68.99 4.75 14.31
C LYS B 264 67.53 4.78 13.85
N GLY B 265 67.27 5.42 12.72
CA GLY B 265 65.92 5.51 12.22
C GLY B 265 65.11 6.62 12.88
N GLU B 266 65.79 7.58 13.52
CA GLU B 266 65.07 8.70 14.10
C GLU B 266 64.86 9.76 13.04
N ARG B 267 65.48 9.55 11.89
CA ARG B 267 65.22 10.37 10.71
C ARG B 267 65.20 9.42 9.53
N ARG B 268 64.52 9.80 8.45
CA ARG B 268 64.33 8.89 7.33
C ARG B 268 64.87 9.45 6.03
N LEU B 269 64.96 10.77 5.95
CA LEU B 269 65.43 11.41 4.74
C LEU B 269 66.97 11.51 4.74
N SER B 270 67.55 11.44 3.54
CA SER B 270 68.98 11.69 3.39
C SER B 270 69.27 13.14 3.75
N TYR B 271 70.50 13.46 4.11
CA TYR B 271 70.86 14.83 4.49
C TYR B 271 70.54 15.84 3.39
N ARG B 272 70.87 15.47 2.16
CA ARG B 272 70.63 16.38 1.07
C ARG B 272 69.11 16.53 0.88
N ALA B 273 68.38 15.43 0.94
CA ALA B 273 66.92 15.46 0.85
C ALA B 273 66.34 16.44 1.87
N LEU B 274 66.87 16.40 3.10
CA LEU B 274 66.48 17.35 4.13
C LEU B 274 66.77 18.79 3.70
N GLN B 275 67.89 19.01 3.02
CA GLN B 275 68.17 20.37 2.55
C GLN B 275 67.11 20.84 1.56
N GLY B 276 66.74 19.97 0.62
CA GLY B 276 65.68 20.29 -0.33
C GLY B 276 64.35 20.59 0.34
N ALA B 277 64.00 19.73 1.29
CA ALA B 277 62.76 19.93 2.05
C ALA B 277 62.77 21.28 2.75
N LEU B 278 63.88 21.61 3.41
CA LEU B 278 63.98 22.90 4.10
C LEU B 278 63.90 24.07 3.14
N MET B 279 64.47 23.90 1.95
CA MET B 279 64.40 24.95 0.95
C MET B 279 62.96 25.19 0.52
N ILE B 280 62.25 24.11 0.23
CA ILE B 280 60.82 24.19 -0.13
C ILE B 280 60.01 24.84 0.98
N TYR B 281 60.29 24.42 2.21
CA TYR B 281 59.66 24.92 3.42
C TYR B 281 59.80 26.45 3.51
N PHE B 282 61.03 26.94 3.36
CA PHE B 282 61.34 28.37 3.51
C PHE B 282 60.87 29.27 2.34
N TYR B 283 60.92 28.75 1.12
CA TYR B 283 60.57 29.50 -0.07
C TYR B 283 59.20 29.11 -0.60
N ARG B 284 58.30 28.75 0.30
CA ARG B 284 57.01 28.18 -0.09
C ARG B 284 56.13 29.13 -0.93
N GLU B 285 56.30 30.43 -0.70
CA GLU B 285 55.49 31.45 -1.39
C GLU B 285 55.93 31.63 -2.85
N GLU B 286 57.14 31.17 -3.17
CA GLU B 286 57.66 31.30 -4.52
C GLU B 286 56.93 30.38 -5.51
N PRO B 287 56.60 30.92 -6.69
CA PRO B 287 55.88 30.25 -7.78
C PRO B 287 56.28 28.79 -8.01
N ARG B 288 57.57 28.54 -8.14
CA ARG B 288 58.05 27.20 -8.44
C ARG B 288 58.04 26.28 -7.22
N PHE B 289 57.63 26.83 -6.08
CA PHE B 289 57.58 26.04 -4.85
C PHE B 289 56.18 25.86 -4.26
N GLN B 290 55.18 26.49 -4.87
CA GLN B 290 53.80 26.39 -4.38
C GLN B 290 53.32 24.94 -4.41
N VAL B 291 53.46 24.34 -5.59
CA VAL B 291 53.05 22.96 -5.79
C VAL B 291 53.90 21.95 -4.99
N PRO B 292 55.25 22.09 -5.04
CA PRO B 292 56.07 21.21 -4.20
C PRO B 292 55.66 21.22 -2.73
N PHE B 293 55.40 22.42 -2.20
CA PHE B 293 55.00 22.51 -0.80
C PHE B 293 53.64 21.85 -0.59
N GLN B 294 52.75 21.98 -1.58
CA GLN B 294 51.49 21.26 -1.52
C GLN B 294 51.75 19.76 -1.35
N LEU B 295 52.67 19.24 -2.15
CA LEU B 295 53.06 17.83 -2.05
C LEU B 295 53.53 17.45 -0.65
N LEU B 296 54.44 18.25 -0.08
CA LEU B 296 54.94 17.99 1.26
C LEU B 296 53.79 17.92 2.27
N THR B 297 52.89 18.90 2.19
CA THR B 297 51.71 18.93 3.05
C THR B 297 50.89 17.64 2.90
N SER B 298 50.65 17.22 1.66
CA SER B 298 49.91 15.98 1.41
C SER B 298 50.59 14.78 2.06
N LEU B 299 51.91 14.68 1.93
CA LEU B 299 52.63 13.55 2.49
C LEU B 299 52.46 13.51 4.01
N MET B 300 52.63 14.66 4.65
CA MET B 300 52.42 14.76 6.09
C MET B 300 50.98 14.37 6.49
N ASP B 301 49.99 14.88 5.76
CA ASP B 301 48.60 14.55 6.01
C ASP B 301 48.37 13.05 5.95
N ILE B 302 48.87 12.42 4.91
CA ILE B 302 48.73 10.98 4.76
C ILE B 302 49.37 10.25 5.94
N ASP B 303 50.54 10.70 6.35
CA ASP B 303 51.20 10.08 7.48
C ASP B 303 50.30 10.17 8.73
N SER B 304 49.82 11.38 9.01
CA SER B 304 48.89 11.62 10.13
C SER B 304 47.64 10.73 10.08
N LEU B 305 46.93 10.77 8.95
CA LEU B 305 45.68 10.04 8.81
C LEU B 305 45.87 8.54 8.91
N MET B 306 46.92 8.02 8.29
CA MET B 306 47.16 6.58 8.36
C MET B 306 47.46 6.21 9.81
N THR B 307 48.16 7.10 10.51
CA THR B 307 48.39 6.84 11.92
C THR B 307 47.07 6.76 12.69
N LYS B 308 46.23 7.78 12.49
CA LYS B 308 44.90 7.85 13.09
C LYS B 308 44.08 6.58 12.86
N TRP B 309 44.14 6.11 11.63
CA TRP B 309 43.41 4.93 11.24
C TRP B 309 43.96 3.70 11.94
N ARG B 310 45.26 3.50 11.85
CA ARG B 310 45.95 2.35 12.48
C ARG B 310 45.62 2.29 13.98
N TYR B 311 45.55 3.47 14.59
CA TYR B 311 45.24 3.62 16.01
C TYR B 311 43.81 3.21 16.33
N ASN B 312 42.85 3.71 15.55
CA ASN B 312 41.45 3.34 15.76
C ASN B 312 41.13 1.86 15.48
N HIS B 313 41.79 1.24 14.50
CA HIS B 313 41.57 -0.19 14.23
C HIS B 313 41.99 -1.10 15.37
N VAL B 314 42.64 -0.55 16.39
CA VAL B 314 43.12 -1.34 17.51
C VAL B 314 42.41 -0.94 18.82
N CYS B 315 42.20 0.37 19.00
CA CYS B 315 41.37 0.89 20.08
C CYS B 315 39.98 0.24 20.06
N MET B 316 39.47 -0.04 18.85
CA MET B 316 38.20 -0.74 18.69
C MET B 316 38.39 -2.23 18.90
N VAL B 317 39.56 -2.77 18.54
CA VAL B 317 39.80 -4.18 18.80
C VAL B 317 39.77 -4.42 20.32
N HIS B 318 40.25 -3.46 21.10
CA HIS B 318 40.15 -3.59 22.55
C HIS B 318 38.72 -3.32 23.03
N ARG B 319 38.07 -2.30 22.45
CA ARG B 319 36.68 -2.01 22.80
C ARG B 319 35.77 -3.23 22.61
N MET B 320 36.13 -4.07 21.65
CA MET B 320 35.35 -5.25 21.35
C MET B 320 35.87 -6.48 22.09
N LEU B 321 37.17 -6.49 22.32
CA LEU B 321 37.86 -7.61 22.97
C LEU B 321 38.42 -7.20 24.32
N TYR B 344 57.22 6.47 14.63
CA TYR B 344 56.61 5.45 13.81
C TYR B 344 55.97 6.14 12.60
N LYS B 345 56.52 7.31 12.27
CA LYS B 345 56.02 8.21 11.25
C LYS B 345 56.95 8.25 10.06
N VAL B 346 56.45 8.00 8.87
CA VAL B 346 57.28 8.00 7.67
C VAL B 346 57.90 9.29 7.28
N PHE B 347 57.19 10.40 7.37
CA PHE B 347 57.71 11.63 6.85
C PHE B 347 58.11 12.54 7.97
N VAL B 348 58.64 11.91 8.98
CA VAL B 348 58.89 12.59 10.21
C VAL B 348 59.68 13.85 9.99
N ASP B 349 60.61 13.79 9.08
CA ASP B 349 61.46 14.93 8.77
C ASP B 349 60.67 16.17 8.37
N LEU B 350 59.60 15.95 7.61
CA LEU B 350 58.76 17.04 7.15
C LEU B 350 58.01 17.65 8.34
N PHE B 351 57.56 16.80 9.26
CA PHE B 351 56.96 17.24 10.52
C PHE B 351 57.95 18.06 11.35
N ASN B 352 59.21 17.65 11.33
CA ASN B 352 60.25 18.30 12.11
C ASN B 352 60.80 19.59 11.49
N LEU B 353 60.43 19.88 10.23
CA LEU B 353 60.83 21.12 9.58
C LEU B 353 60.58 22.37 10.42
N SER B 354 59.48 22.38 11.17
CA SER B 354 59.12 23.54 11.98
C SER B 354 60.16 23.86 13.05
N THR B 355 60.86 22.84 13.53
CA THR B 355 61.88 23.00 14.57
C THR B 355 63.04 23.92 14.14
N TYR B 356 63.27 23.96 12.84
CA TYR B 356 64.35 24.74 12.27
C TYR B 356 63.81 26.05 11.73
N LEU B 357 62.74 26.53 12.33
CA LEU B 357 62.18 27.81 11.93
C LEU B 357 63.09 28.97 12.31
N ILE B 358 63.15 29.99 11.48
CA ILE B 358 64.06 31.10 11.74
C ILE B 358 63.54 32.45 11.33
N PRO B 359 64.25 33.51 11.89
CA PRO B 359 63.52 34.78 11.83
C PRO B 359 63.13 35.33 10.51
N ARG B 360 63.69 34.89 9.41
CA ARG B 360 63.20 35.24 8.08
C ARG B 360 63.91 36.41 7.51
N HIS B 361 64.59 37.18 8.33
CA HIS B 361 65.59 38.12 7.86
C HIS B 361 66.65 37.18 7.39
N TRP B 362 66.71 36.08 8.09
CA TRP B 362 67.88 35.20 7.96
C TRP B 362 67.80 34.34 6.70
N ILE B 363 66.62 34.24 6.10
CA ILE B 363 66.50 33.37 4.95
C ILE B 363 67.21 34.00 3.77
N PRO B 364 68.05 33.24 3.10
CA PRO B 364 68.78 33.75 1.96
C PRO B 364 67.91 34.38 0.93
N LYS B 365 68.30 35.55 0.43
CA LYS B 365 67.48 36.26 -0.52
C LYS B 365 67.37 35.42 -1.76
N MET B 366 66.27 35.56 -2.48
CA MET B 366 66.01 34.74 -3.64
C MET B 366 66.04 35.48 -4.97
N ASN B 367 66.87 34.96 -5.87
CA ASN B 367 67.12 35.50 -7.22
C ASN B 367 66.30 36.71 -7.67
N ILE C 26 49.71 36.27 30.79
CA ILE C 26 48.97 37.49 30.58
C ILE C 26 47.84 37.15 29.61
N TYR C 27 47.51 35.86 29.59
CA TYR C 27 46.45 35.36 28.75
C TYR C 27 45.23 35.67 29.53
N GLY C 28 44.61 36.79 29.23
CA GLY C 28 43.51 37.25 30.02
C GLY C 28 43.41 38.72 29.80
N ASN C 29 44.46 39.41 30.18
CA ASN C 29 44.65 40.76 29.76
C ASN C 29 44.92 40.79 28.29
N TYR C 30 45.68 39.82 27.82
CA TYR C 30 45.99 39.79 26.42
C TYR C 30 44.73 39.62 25.63
N LEU C 31 43.86 38.76 26.10
CA LEU C 31 42.68 38.42 25.35
C LEU C 31 41.53 39.24 25.85
N HIS C 32 41.82 40.20 26.69
CA HIS C 32 40.80 41.06 27.28
C HIS C 32 39.59 40.30 27.82
N LEU C 33 39.86 39.21 28.53
CA LEU C 33 38.80 38.35 29.04
C LEU C 33 37.93 39.07 30.06
N GLU C 34 38.41 40.17 30.62
CA GLU C 34 37.62 40.96 31.55
C GLU C 34 36.42 41.56 30.81
N LYS C 35 36.55 41.72 29.50
CA LYS C 35 35.43 42.14 28.65
C LYS C 35 34.65 40.93 28.15
N VAL C 36 35.38 40.01 27.50
CA VAL C 36 34.75 38.87 26.86
C VAL C 36 33.98 37.98 27.84
N LEU C 37 34.55 37.77 29.03
CA LEU C 37 33.94 36.87 30.00
C LEU C 37 33.06 37.57 31.04
N ASN C 38 32.82 38.87 30.85
CA ASN C 38 31.85 39.60 31.66
C ASN C 38 30.78 40.22 30.78
N ALA C 39 30.37 39.49 29.75
CA ALA C 39 29.37 39.97 28.82
C ALA C 39 28.20 39.00 28.78
N GLN C 40 28.10 38.16 29.80
CA GLN C 40 27.06 37.15 29.85
C GLN C 40 26.01 37.50 30.90
N GLU C 41 24.99 38.24 30.48
CA GLU C 41 23.89 38.65 31.36
C GLU C 41 22.61 37.97 30.92
N LEU C 42 22.16 36.99 31.68
CA LEU C 42 20.90 36.34 31.36
C LEU C 42 19.75 37.26 31.75
N GLN C 43 18.98 37.68 30.75
CA GLN C 43 17.83 38.54 31.00
C GLN C 43 16.84 37.85 31.94
N SER C 44 16.55 36.58 31.67
CA SER C 44 15.64 35.80 32.50
C SER C 44 16.03 35.82 33.98
N GLU C 45 17.31 35.77 34.27
CA GLU C 45 17.80 35.79 35.64
C GLU C 45 17.61 37.18 36.26
N THR C 46 17.89 38.21 35.48
CA THR C 46 17.72 39.59 35.93
C THR C 46 16.26 39.88 36.28
N LYS C 47 15.35 39.28 35.53
CA LYS C 47 13.93 39.49 35.78
C LYS C 47 13.36 38.34 36.62
N GLY C 48 14.19 37.83 37.53
CA GLY C 48 13.75 36.91 38.57
C GLY C 48 13.48 35.45 38.26
N ASN C 49 13.45 35.06 36.98
CA ASN C 49 13.16 33.68 36.63
C ASN C 49 14.20 33.07 35.72
N LYS C 50 15.36 32.73 36.28
CA LYS C 50 16.46 32.18 35.52
C LYS C 50 16.10 30.95 34.69
N ILE C 51 16.43 31.00 33.41
CA ILE C 51 16.29 29.84 32.53
C ILE C 51 17.68 29.43 32.08
N HIS C 52 18.03 28.19 32.38
CA HIS C 52 19.37 27.64 32.15
C HIS C 52 19.92 27.81 30.72
N ASP C 53 19.10 27.50 29.73
CA ASP C 53 19.54 27.49 28.33
C ASP C 53 19.80 28.88 27.73
N GLU C 54 19.34 29.92 28.39
CA GLU C 54 19.56 31.26 27.89
C GLU C 54 21.06 31.53 27.76
N HIS C 55 21.84 30.95 28.67
CA HIS C 55 23.27 31.12 28.65
C HIS C 55 23.86 30.58 27.35
N LEU C 56 23.41 29.40 26.96
CA LEU C 56 23.83 28.78 25.71
C LEU C 56 23.49 29.65 24.52
N PHE C 57 22.28 30.17 24.53
CA PHE C 57 21.83 31.03 23.43
C PHE C 57 22.78 32.23 23.25
N ILE C 58 23.07 32.86 24.38
CA ILE C 58 23.96 34.01 24.43
C ILE C 58 25.37 33.68 23.96
N ILE C 59 25.96 32.62 24.51
CA ILE C 59 27.30 32.22 24.14
C ILE C 59 27.43 31.89 22.64
N THR C 60 26.50 31.08 22.14
CA THR C 60 26.54 30.72 20.71
C THR C 60 26.53 31.98 19.86
N HIS C 61 25.62 32.91 20.14
CA HIS C 61 25.58 34.12 19.31
C HIS C 61 26.82 35.02 19.44
N GLN C 62 27.38 35.08 20.65
CA GLN C 62 28.62 35.81 20.83
C GLN C 62 29.78 35.19 20.03
N ALA C 63 29.83 33.87 19.99
CA ALA C 63 30.88 33.20 19.21
C ALA C 63 30.70 33.53 17.73
N TYR C 64 29.46 33.42 17.25
CA TYR C 64 29.13 33.82 15.87
C TYR C 64 29.65 35.22 15.59
N GLU C 65 29.39 36.15 16.50
CA GLU C 65 29.83 37.53 16.30
C GLU C 65 31.35 37.69 16.23
N LEU C 66 32.06 36.95 17.08
CA LEU C 66 33.53 36.98 17.00
C LEU C 66 33.98 36.55 15.61
N TRP C 67 33.45 35.44 15.13
CA TRP C 67 33.86 34.95 13.83
C TRP C 67 33.43 35.90 12.68
N PHE C 68 32.29 36.57 12.82
CA PHE C 68 31.88 37.55 11.84
C PHE C 68 32.92 38.65 11.79
N LYS C 69 33.41 39.05 12.97
CA LYS C 69 34.47 40.06 13.03
C LYS C 69 35.73 39.59 12.31
N GLN C 70 36.09 38.33 12.54
CA GLN C 70 37.25 37.77 11.83
C GLN C 70 37.08 37.77 10.30
N ILE C 71 35.93 37.26 9.85
CA ILE C 71 35.65 37.19 8.43
C ILE C 71 35.64 38.57 7.79
N LEU C 72 35.06 39.55 8.46
CA LEU C 72 35.06 40.93 7.96
C LEU C 72 36.49 41.47 7.88
N TRP C 73 37.31 41.10 8.87
CA TRP C 73 38.72 41.48 8.87
C TRP C 73 39.41 40.98 7.61
N GLU C 74 39.33 39.67 7.41
CA GLU C 74 39.97 39.06 6.25
C GLU C 74 39.43 39.64 4.93
N LEU C 75 38.11 39.68 4.81
CA LEU C 75 37.44 40.14 3.60
C LEU C 75 37.83 41.56 3.25
N ASP C 76 37.82 42.44 4.25
CA ASP C 76 38.24 43.82 4.03
C ASP C 76 39.69 43.90 3.58
N SER C 77 40.56 43.08 4.16
CA SER C 77 41.95 43.09 3.74
C SER C 77 42.11 42.67 2.26
N VAL C 78 41.38 41.62 1.87
CA VAL C 78 41.38 41.13 0.50
C VAL C 78 40.87 42.22 -0.47
N ARG C 79 39.75 42.83 -0.09
CA ARG C 79 39.16 43.93 -0.86
C ARG C 79 40.16 45.06 -1.08
N GLU C 80 40.84 45.47 -0.01
CA GLU C 80 41.86 46.51 -0.13
C GLU C 80 42.93 46.10 -1.15
N ILE C 81 43.43 44.86 -1.02
CA ILE C 81 44.42 44.37 -1.98
C ILE C 81 43.95 44.55 -3.42
N PHE C 82 42.70 44.18 -3.68
CA PHE C 82 42.13 44.39 -5.00
C PHE C 82 42.15 45.88 -5.37
N GLN C 83 41.62 46.70 -4.49
CA GLN C 83 41.40 48.10 -4.76
C GLN C 83 42.69 48.80 -5.05
N ASN C 84 43.75 48.38 -4.39
CA ASN C 84 45.05 48.97 -4.60
C ASN C 84 45.61 48.74 -5.98
N GLY C 85 45.09 47.76 -6.68
CA GLY C 85 45.68 47.35 -7.94
C GLY C 85 46.74 46.40 -7.47
N HIS C 86 47.47 45.77 -8.38
CA HIS C 86 48.54 44.90 -7.96
C HIS C 86 48.06 43.60 -7.38
N VAL C 87 46.81 43.28 -7.57
CA VAL C 87 46.29 42.00 -7.13
C VAL C 87 46.95 40.88 -7.89
N ARG C 88 47.21 41.10 -9.15
CA ARG C 88 47.79 40.10 -10.01
C ARG C 88 49.18 39.65 -9.65
N ASP C 89 49.89 40.47 -8.90
CA ASP C 89 51.21 40.11 -8.50
C ASP C 89 51.16 38.87 -7.66
N GLU C 90 52.07 37.97 -7.90
CA GLU C 90 51.94 36.61 -7.48
C GLU C 90 51.79 36.49 -6.00
N ARG C 91 52.54 37.29 -5.27
CA ARG C 91 52.49 37.34 -3.82
C ARG C 91 51.12 37.76 -3.33
N ASN C 92 50.60 38.84 -3.89
CA ASN C 92 49.31 39.36 -3.47
C ASN C 92 48.15 38.40 -3.77
N MET C 93 48.20 37.80 -4.95
CA MET C 93 47.20 36.82 -5.35
C MET C 93 47.24 35.65 -4.39
N LEU C 94 48.46 35.29 -3.98
CA LEU C 94 48.64 34.21 -3.03
C LEU C 94 48.00 34.57 -1.68
N LYS C 95 48.25 35.80 -1.21
CA LYS C 95 47.64 36.30 0.01
C LYS C 95 46.12 36.20 -0.04
N VAL C 96 45.57 36.69 -1.14
CA VAL C 96 44.14 36.75 -1.33
C VAL C 96 43.54 35.36 -1.28
N VAL C 97 44.11 34.44 -2.05
CA VAL C 97 43.61 33.08 -2.08
C VAL C 97 43.68 32.43 -0.69
N SER C 98 44.77 32.68 0.03
CA SER C 98 44.93 32.05 1.35
C SER C 98 43.89 32.55 2.34
N ARG C 99 43.61 33.85 2.31
CA ARG C 99 42.64 34.41 3.23
C ARG C 99 41.21 34.04 2.88
N MET C 100 40.91 33.95 1.59
CA MET C 100 39.59 33.54 1.16
C MET C 100 39.37 32.10 1.57
N HIS C 101 40.40 31.29 1.40
CA HIS C 101 40.34 29.93 1.88
C HIS C 101 40.05 29.91 3.38
N ARG C 102 40.75 30.77 4.12
CA ARG C 102 40.53 30.89 5.54
C ARG C 102 39.08 31.18 5.87
N VAL C 103 38.52 32.17 5.17
CA VAL C 103 37.12 32.54 5.37
C VAL C 103 36.22 31.35 5.14
N SER C 104 36.56 30.57 4.12
CA SER C 104 35.82 29.35 3.83
C SER C 104 35.85 28.41 5.04
N VAL C 105 37.03 28.23 5.61
CA VAL C 105 37.19 27.33 6.76
C VAL C 105 36.37 27.77 7.96
N ILE C 106 36.48 29.05 8.28
CA ILE C 106 35.67 29.64 9.34
C ILE C 106 34.20 29.38 9.08
N LEU C 107 33.77 29.62 7.84
CA LEU C 107 32.38 29.36 7.51
C LEU C 107 31.97 27.91 7.76
N LYS C 108 32.81 26.96 7.40
CA LYS C 108 32.53 25.55 7.68
C LYS C 108 32.34 25.33 9.18
N LEU C 109 33.22 25.93 9.98
CA LEU C 109 33.07 25.87 11.43
C LEU C 109 31.72 26.45 11.92
N LEU C 110 31.36 27.61 11.38
CA LEU C 110 30.09 28.27 11.72
C LEU C 110 28.89 27.40 11.33
N VAL C 111 29.00 26.66 10.23
CA VAL C 111 27.95 25.72 9.86
C VAL C 111 27.86 24.59 10.88
N GLN C 112 29.01 24.04 11.26
CA GLN C 112 29.01 22.98 12.29
C GLN C 112 28.50 23.47 13.64
N GLN C 113 28.58 24.77 13.85
CA GLN C 113 28.20 25.32 15.16
C GLN C 113 26.70 25.20 15.42
N PHE C 114 25.91 24.94 14.37
CA PHE C 114 24.46 24.80 14.55
C PHE C 114 24.11 23.56 15.37
N SER C 115 25.01 22.58 15.37
CA SER C 115 24.82 21.36 16.14
C SER C 115 24.70 21.68 17.62
N ILE C 116 25.29 22.78 18.06
CA ILE C 116 25.21 23.16 19.46
C ILE C 116 23.79 23.55 19.82
N LEU C 117 23.25 24.54 19.10
CA LEU C 117 21.92 25.03 19.37
C LEU C 117 20.86 23.99 19.09
N GLU C 118 21.20 22.99 18.28
CA GLU C 118 20.29 21.88 18.06
C GLU C 118 20.06 21.03 19.31
N THR C 119 20.96 21.15 20.28
CA THR C 119 20.84 20.44 21.55
C THR C 119 19.94 21.19 22.50
N MET C 120 19.34 22.27 22.01
CA MET C 120 18.40 23.06 22.80
C MET C 120 16.95 22.92 22.33
N THR C 121 16.07 22.48 23.22
CA THR C 121 14.66 22.31 22.83
C THR C 121 13.90 23.64 22.71
N ALA C 122 12.90 23.65 21.83
CA ALA C 122 12.13 24.86 21.54
C ALA C 122 11.31 25.40 22.72
N LEU C 123 10.74 24.49 23.52
CA LEU C 123 10.03 24.89 24.75
C LEU C 123 11.01 25.56 25.74
N ASP C 124 12.17 24.96 26.01
CA ASP C 124 13.13 25.62 26.91
C ASP C 124 13.54 26.96 26.33
N PHE C 125 13.58 27.08 25.00
CA PHE C 125 13.84 28.38 24.38
C PHE C 125 12.76 29.38 24.70
N ASN C 126 11.52 28.93 24.56
CA ASN C 126 10.41 29.79 24.76
C ASN C 126 10.17 30.03 26.22
N ASP C 127 10.91 29.32 27.05
CA ASP C 127 10.96 29.66 28.44
C ASP C 127 11.59 31.04 28.57
N PHE C 128 12.60 31.34 27.78
CA PHE C 128 13.27 32.64 27.91
C PHE C 128 13.10 33.65 26.78
N ARG C 129 12.31 33.32 25.79
CA ARG C 129 12.30 34.13 24.59
C ARG C 129 11.43 35.32 24.85
N GLU C 130 11.91 36.17 25.74
CA GLU C 130 11.12 37.35 26.08
C GLU C 130 11.91 38.54 25.65
N TYR C 131 12.72 38.40 24.62
CA TYR C 131 13.39 39.58 24.24
C TYR C 131 13.77 39.81 22.83
N LEU C 132 14.18 41.01 22.51
CA LEU C 132 13.75 41.63 21.29
C LEU C 132 14.48 41.18 20.04
N SER C 133 13.68 40.61 19.16
CA SER C 133 14.07 40.30 17.82
C SER C 133 14.88 41.43 17.24
N PHE C 138 19.67 37.85 14.33
CA PHE C 138 18.31 38.29 14.19
C PHE C 138 18.13 39.75 14.59
N GLN C 139 18.93 40.65 14.03
CA GLN C 139 19.95 40.34 13.05
C GLN C 139 21.24 41.01 13.45
N SER C 140 22.34 40.41 13.00
CA SER C 140 23.68 40.89 13.23
C SER C 140 23.92 42.04 12.33
N LEU C 141 24.65 43.04 12.79
CA LEU C 141 24.87 44.15 11.94
C LEU C 141 26.00 43.63 11.15
N GLN C 142 26.93 43.00 11.85
CA GLN C 142 28.13 42.49 11.18
C GLN C 142 27.81 41.56 10.02
N PHE C 143 26.80 40.70 10.17
CA PHE C 143 26.42 39.79 9.10
C PHE C 143 25.85 40.59 7.92
N ARG C 144 25.18 41.68 8.22
CA ARG C 144 24.68 42.55 7.16
C ARG C 144 25.84 43.20 6.42
N LEU C 145 26.80 43.76 7.16
CA LEU C 145 28.00 44.30 6.55
C LEU C 145 28.65 43.24 5.66
N LEU C 146 28.75 42.02 6.17
CA LEU C 146 29.31 40.91 5.41
C LEU C 146 28.57 40.68 4.09
N GLU C 147 27.25 40.52 4.14
CA GLU C 147 26.46 40.28 2.95
C GLU C 147 26.62 41.42 1.93
N ASN C 148 26.59 42.65 2.43
CA ASN C 148 26.79 43.82 1.58
C ASN C 148 28.16 43.81 0.90
N LYS C 149 29.19 43.51 1.65
CA LYS C 149 30.52 43.50 1.10
C LYS C 149 30.77 42.47 0.04
N ILE C 150 30.10 41.33 0.11
CA ILE C 150 30.33 40.28 -0.85
C ILE C 150 29.99 40.53 -2.31
N GLY C 151 28.84 41.07 -2.64
CA GLY C 151 27.79 41.35 -1.72
C GLY C 151 26.52 40.89 -2.38
N VAL C 152 25.67 40.36 -1.52
CA VAL C 152 24.43 39.74 -1.85
C VAL C 152 23.46 40.78 -2.28
N LEU C 153 22.50 40.41 -3.11
CA LEU C 153 21.48 41.34 -3.49
C LEU C 153 20.34 41.38 -2.48
N GLN C 154 19.68 42.54 -2.46
CA GLN C 154 18.77 43.04 -1.41
C GLN C 154 17.56 42.21 -1.16
N ASN C 155 17.07 41.54 -2.17
CA ASN C 155 15.90 40.72 -2.04
C ASN C 155 16.21 39.70 -0.98
N MET C 156 17.48 39.27 -0.98
CA MET C 156 17.94 38.08 -0.25
C MET C 156 18.68 38.16 1.08
N ARG C 157 19.11 39.33 1.53
CA ARG C 157 19.82 39.39 2.78
C ARG C 157 18.89 39.16 3.95
N VAL C 158 19.44 38.73 5.06
CA VAL C 158 18.70 38.55 6.28
C VAL C 158 18.13 39.88 6.71
N PRO C 159 17.01 39.87 7.39
CA PRO C 159 16.39 41.11 7.84
C PRO C 159 17.28 41.84 8.81
N TYR C 160 17.62 43.10 8.52
CA TYR C 160 18.19 43.97 9.54
C TYR C 160 17.68 45.39 9.43
N ASN C 161 16.80 45.76 10.35
CA ASN C 161 16.33 47.12 10.53
C ASN C 161 16.34 47.53 12.00
N ARG C 162 17.00 48.63 12.33
CA ARG C 162 16.99 49.10 13.71
C ARG C 162 16.10 50.34 13.90
N GLU C 172 27.07 56.91 13.29
CA GLU C 172 27.73 55.87 14.07
C GLU C 172 27.77 54.56 13.28
N GLU C 173 26.94 53.63 13.64
CA GLU C 173 26.80 52.41 12.89
C GLU C 173 26.22 52.62 11.51
N ASN C 174 25.25 53.50 11.38
CA ASN C 174 24.54 53.63 10.14
C ASN C 174 25.55 54.03 9.12
N GLU C 175 26.49 54.85 9.52
CA GLU C 175 27.53 55.30 8.62
C GLU C 175 28.25 54.11 8.00
N LEU C 176 28.56 53.14 8.83
CA LEU C 176 29.26 51.93 8.48
C LEU C 176 28.52 51.20 7.43
N LEU C 177 27.23 51.13 7.64
CA LEU C 177 26.33 50.36 6.85
C LEU C 177 26.28 50.96 5.49
N LEU C 178 26.18 52.27 5.47
CA LEU C 178 26.08 53.00 4.22
C LEU C 178 27.34 52.79 3.39
N LYS C 179 28.51 52.95 4.03
CA LYS C 179 29.78 52.65 3.38
C LYS C 179 29.77 51.24 2.81
N SER C 180 29.23 50.29 3.57
CA SER C 180 29.22 48.91 3.11
C SER C 180 28.35 48.76 1.86
N GLU C 181 27.31 49.57 1.73
CA GLU C 181 26.51 49.48 0.51
C GLU C 181 27.15 50.26 -0.65
N GLN C 182 27.91 51.29 -0.38
CA GLN C 182 28.48 52.00 -1.49
C GLN C 182 29.80 51.43 -1.93
N GLU C 183 30.71 51.25 -1.00
CA GLU C 183 32.05 50.82 -1.39
C GLU C 183 32.01 49.60 -2.30
N LYS C 184 33.08 49.34 -3.05
CA LYS C 184 33.08 48.20 -3.97
C LYS C 184 33.03 46.85 -3.29
N THR C 185 32.11 46.02 -3.76
CA THR C 185 31.94 44.69 -3.23
C THR C 185 33.01 43.75 -3.77
N LEU C 186 33.16 42.60 -3.12
CA LEU C 186 34.10 41.60 -3.56
C LEU C 186 33.70 41.18 -4.97
N LEU C 187 32.39 41.08 -5.22
CA LEU C 187 31.88 40.74 -6.56
C LEU C 187 32.34 41.73 -7.62
N GLU C 188 32.19 43.03 -7.35
CA GLU C 188 32.64 44.02 -8.30
C GLU C 188 34.13 43.93 -8.55
N LEU C 189 34.91 43.80 -7.47
CA LEU C 189 36.37 43.76 -7.62
C LEU C 189 36.84 42.55 -8.39
N VAL C 190 36.26 41.39 -8.08
CA VAL C 190 36.58 40.15 -8.77
C VAL C 190 36.19 40.28 -10.23
N GLU C 191 35.05 40.91 -10.48
CA GLU C 191 34.62 41.20 -11.84
C GLU C 191 35.65 42.03 -12.61
N ALA C 192 36.12 43.11 -11.99
CA ALA C 192 37.15 43.97 -12.57
C ALA C 192 38.37 43.15 -12.93
N TRP C 193 38.78 42.34 -11.97
CA TRP C 193 39.94 41.49 -12.11
C TRP C 193 39.80 40.50 -13.27
N LEU C 194 38.61 39.92 -13.41
CA LEU C 194 38.32 38.95 -14.46
C LEU C 194 38.30 39.61 -15.84
N GLU C 195 37.75 40.81 -15.90
CA GLU C 195 37.66 41.55 -17.15
C GLU C 195 39.04 41.77 -17.77
N ARG C 196 40.06 41.92 -16.92
CA ARG C 196 41.42 42.19 -17.41
C ARG C 196 42.24 40.92 -17.55
N THR C 197 41.58 39.77 -17.70
CA THR C 197 42.31 38.51 -17.82
C THR C 197 43.06 38.52 -19.16
N PRO C 198 44.35 38.53 -19.10
CA PRO C 198 45.13 38.64 -20.31
C PRO C 198 44.89 37.47 -21.21
N GLY C 199 44.52 37.76 -22.45
CA GLY C 199 44.40 36.75 -23.45
C GLY C 199 43.06 36.85 -24.07
N LEU C 200 42.32 37.83 -23.67
CA LEU C 200 40.98 37.94 -24.15
C LEU C 200 40.94 38.89 -25.31
N GLU C 201 42.01 39.64 -25.48
CA GLU C 201 42.14 40.58 -26.59
C GLU C 201 42.21 39.88 -27.91
N PRO C 202 41.55 40.43 -28.90
CA PRO C 202 41.48 39.77 -30.19
C PRO C 202 42.79 39.80 -30.94
N HIS C 203 43.53 40.86 -30.81
CA HIS C 203 44.75 40.90 -31.52
C HIS C 203 45.82 40.29 -30.71
N GLY C 204 45.46 39.48 -29.73
CA GLY C 204 46.48 38.70 -29.06
C GLY C 204 46.13 37.24 -29.19
N PHE C 205 45.87 36.60 -28.07
CA PHE C 205 45.43 35.24 -28.08
C PHE C 205 44.08 35.11 -28.77
N ASN C 206 43.22 36.09 -28.55
CA ASN C 206 41.88 36.00 -29.11
C ASN C 206 41.14 34.78 -28.65
N PHE C 207 41.12 34.61 -27.35
CA PHE C 207 40.52 33.43 -26.76
C PHE C 207 39.08 33.22 -27.22
N TRP C 208 38.28 34.28 -27.19
CA TRP C 208 36.85 34.15 -27.44
C TRP C 208 36.56 33.72 -28.87
N GLY C 209 37.24 34.35 -29.84
CA GLY C 209 37.08 34.00 -31.23
C GLY C 209 37.47 32.56 -31.48
N LYS C 210 38.69 32.21 -31.04
CA LYS C 210 39.14 30.84 -31.16
C LYS C 210 38.14 29.86 -30.57
N LEU C 211 37.63 30.17 -29.38
CA LEU C 211 36.67 29.30 -28.71
C LEU C 211 35.40 29.10 -29.54
N GLU C 212 34.80 30.19 -30.01
CA GLU C 212 33.61 30.09 -30.86
C GLU C 212 33.86 29.20 -32.06
N LYS C 213 35.00 29.42 -32.69
CA LYS C 213 35.38 28.61 -33.82
C LYS C 213 35.49 27.13 -33.48
N ASN C 214 36.29 26.79 -32.47
CA ASN C 214 36.49 25.39 -32.11
C ASN C 214 35.21 24.69 -31.67
N ILE C 215 34.36 25.40 -30.94
CA ILE C 215 33.09 24.85 -30.45
C ILE C 215 32.15 24.59 -31.64
N THR C 216 32.10 25.54 -32.56
CA THR C 216 31.26 25.37 -33.73
C THR C 216 31.75 24.17 -34.53
N ARG C 217 33.06 24.14 -34.78
CA ARG C 217 33.64 23.04 -35.54
C ARG C 217 33.38 21.71 -34.87
N GLY C 218 33.59 21.66 -33.57
CA GLY C 218 33.43 20.46 -32.80
C GLY C 218 32.02 19.97 -32.81
N LEU C 219 31.10 20.90 -32.73
CA LEU C 219 29.72 20.56 -32.72
C LEU C 219 29.42 19.92 -34.01
N GLU C 220 29.99 20.47 -35.06
CA GLU C 220 29.83 20.01 -36.41
C GLU C 220 30.35 18.61 -36.58
N GLU C 221 31.50 18.35 -35.99
CA GLU C 221 32.09 17.05 -35.98
C GLU C 221 31.28 16.08 -35.19
N GLU C 222 30.72 16.53 -34.09
CA GLU C 222 29.95 15.66 -33.23
C GLU C 222 28.74 15.16 -33.96
N PHE C 223 28.13 16.02 -34.72
CA PHE C 223 26.96 15.66 -35.49
C PHE C 223 27.28 14.60 -36.51
N ILE C 224 28.41 14.73 -37.14
CA ILE C 224 28.84 13.77 -38.10
C ILE C 224 29.00 12.48 -37.34
N ARG C 225 29.48 12.57 -36.12
CA ARG C 225 29.77 11.40 -35.33
C ARG C 225 28.52 10.61 -35.09
N ILE C 226 27.46 11.30 -34.75
CA ILE C 226 26.19 10.64 -34.54
C ILE C 226 25.56 10.04 -35.76
N GLN C 227 25.68 10.72 -36.89
CA GLN C 227 24.98 10.36 -38.09
C GLN C 227 25.41 9.01 -38.56
N ALA C 228 26.50 8.54 -38.03
CA ALA C 228 27.11 7.34 -38.53
C ALA C 228 26.56 6.12 -37.88
N LYS C 229 25.78 6.33 -36.84
CA LYS C 229 25.21 5.25 -36.08
C LYS C 229 23.99 4.64 -36.72
N GLU C 230 23.70 3.43 -36.31
CA GLU C 230 22.55 2.72 -36.76
C GLU C 230 21.45 3.42 -36.06
N GLU C 231 20.22 2.98 -36.22
CA GLU C 231 19.10 3.85 -36.08
C GLU C 231 18.48 4.13 -34.71
N SER C 232 19.03 3.55 -33.67
CA SER C 232 18.55 3.75 -32.33
C SER C 232 19.27 2.69 -31.57
N GLU C 233 18.76 2.17 -30.45
CA GLU C 233 17.70 2.75 -29.66
C GLU C 233 18.26 4.06 -29.14
N GLU C 234 19.52 3.97 -28.74
CA GLU C 234 20.36 5.10 -28.48
C GLU C 234 20.48 5.72 -29.84
N LYS C 235 20.61 7.02 -29.88
CA LYS C 235 20.81 7.73 -31.11
C LYS C 235 20.02 8.94 -30.80
N GLU C 236 18.75 8.67 -30.61
CA GLU C 236 17.81 9.66 -30.21
C GLU C 236 18.32 10.17 -28.87
N GLU C 237 18.85 9.28 -28.05
CA GLU C 237 19.41 9.72 -26.78
C GLU C 237 20.52 10.65 -27.13
N GLN C 238 21.28 10.19 -28.09
CA GLN C 238 22.48 10.85 -28.59
C GLN C 238 22.18 12.18 -29.27
N VAL C 239 21.23 12.14 -30.21
CA VAL C 239 20.79 13.35 -30.92
C VAL C 239 20.15 14.38 -30.00
N ALA C 240 19.27 13.93 -29.10
CA ALA C 240 18.63 14.87 -28.17
C ALA C 240 19.65 15.64 -27.33
N GLU C 241 20.62 14.91 -26.78
CA GLU C 241 21.67 15.55 -26.01
C GLU C 241 22.50 16.46 -26.90
N PHE C 242 22.67 16.03 -28.15
CA PHE C 242 23.45 16.85 -29.07
C PHE C 242 22.78 18.21 -29.26
N GLN C 243 21.47 18.21 -29.48
CA GLN C 243 20.77 19.47 -29.70
C GLN C 243 20.77 20.35 -28.47
N LYS C 244 20.68 19.73 -27.29
CA LYS C 244 20.70 20.51 -26.06
C LYS C 244 22.08 21.16 -25.89
N GLN C 245 23.12 20.36 -26.03
CA GLN C 245 24.48 20.88 -25.93
C GLN C 245 24.77 21.98 -26.94
N LYS C 246 24.35 21.75 -28.18
CA LYS C 246 24.59 22.72 -29.24
C LYS C 246 23.95 24.04 -28.88
N GLU C 247 22.71 23.96 -28.40
CA GLU C 247 21.97 25.17 -28.07
C GLU C 247 22.66 25.92 -26.92
N VAL C 248 23.07 25.20 -25.87
CA VAL C 248 23.73 25.82 -24.71
C VAL C 248 25.08 26.47 -25.05
N LEU C 249 25.93 25.64 -25.64
CA LEU C 249 27.29 26.04 -26.01
C LEU C 249 27.25 27.22 -26.98
N LEU C 250 26.39 27.17 -27.99
CA LEU C 250 26.36 28.29 -28.91
C LEU C 250 25.74 29.51 -28.23
N SER C 251 24.77 29.28 -27.33
CA SER C 251 24.14 30.39 -26.63
C SER C 251 25.16 31.19 -25.84
N LEU C 252 26.26 30.54 -25.46
CA LEU C 252 27.36 31.23 -24.77
C LEU C 252 27.86 32.49 -25.53
N PHE C 253 27.72 32.51 -26.85
CA PHE C 253 28.29 33.58 -27.65
C PHE C 253 27.29 34.67 -28.01
N ASP C 254 26.17 34.69 -27.30
CA ASP C 254 25.10 35.67 -27.53
C ASP C 254 25.14 36.81 -26.50
N GLU C 255 25.92 37.85 -26.78
CA GLU C 255 26.04 38.98 -25.86
C GLU C 255 24.72 39.58 -25.39
N LYS C 256 23.76 39.71 -26.29
CA LYS C 256 22.51 40.38 -25.93
C LYS C 256 21.74 39.54 -24.92
N ARG C 257 21.76 38.23 -25.12
CA ARG C 257 21.15 37.31 -24.15
C ARG C 257 21.78 37.44 -22.78
N HIS C 258 23.09 37.61 -22.77
CA HIS C 258 23.82 37.76 -21.52
C HIS C 258 23.39 39.07 -20.86
N GLU C 259 23.27 40.14 -21.64
CA GLU C 259 22.86 41.44 -21.11
C GLU C 259 21.47 41.34 -20.48
N HIS C 260 20.61 40.59 -21.16
CA HIS C 260 19.25 40.35 -20.73
C HIS C 260 19.21 39.62 -19.39
N LEU C 261 19.90 38.49 -19.31
CA LEU C 261 19.95 37.72 -18.07
C LEU C 261 20.57 38.52 -16.95
N LEU C 262 21.57 39.31 -17.30
CA LEU C 262 22.25 40.17 -16.34
C LEU C 262 21.32 41.19 -15.70
N SER C 263 20.55 41.87 -16.53
CA SER C 263 19.63 42.88 -16.02
C SER C 263 18.50 42.23 -15.25
N LYS C 264 18.11 41.02 -15.65
CA LYS C 264 17.08 40.29 -14.91
C LYS C 264 17.63 39.76 -13.59
N GLY C 265 18.95 39.74 -13.46
CA GLY C 265 19.60 39.26 -12.24
C GLY C 265 19.83 37.76 -12.13
N GLU C 266 19.73 37.05 -13.24
CA GLU C 266 20.07 35.61 -13.26
C GLU C 266 21.56 35.41 -13.51
N ARG C 267 22.26 36.51 -13.78
CA ARG C 267 23.70 36.50 -13.85
C ARG C 267 24.18 37.80 -13.22
N ARG C 268 25.42 37.81 -12.74
CA ARG C 268 25.94 38.96 -12.02
C ARG C 268 27.20 39.51 -12.66
N LEU C 269 27.91 38.66 -13.39
CA LEU C 269 29.16 39.06 -14.00
C LEU C 269 28.93 39.70 -15.37
N SER C 270 29.78 40.64 -15.72
CA SER C 270 29.81 41.24 -17.05
C SER C 270 30.22 40.17 -18.06
N TYR C 271 29.86 40.35 -19.31
CA TYR C 271 30.18 39.38 -20.36
C TYR C 271 31.69 39.12 -20.44
N ARG C 272 32.46 40.20 -20.40
CA ARG C 272 33.90 40.09 -20.51
C ARG C 272 34.48 39.36 -19.29
N ALA C 273 34.00 39.73 -18.10
CA ALA C 273 34.38 39.04 -16.89
C ALA C 273 34.07 37.54 -17.01
N LEU C 274 32.92 37.21 -17.58
CA LEU C 274 32.57 35.82 -17.77
C LEU C 274 33.59 35.15 -18.67
N GLN C 275 34.06 35.88 -19.68
CA GLN C 275 35.05 35.33 -20.59
C GLN C 275 36.34 35.01 -19.82
N GLY C 276 36.75 35.92 -18.95
CA GLY C 276 37.93 35.70 -18.14
C GLY C 276 37.79 34.47 -17.26
N ALA C 277 36.65 34.38 -16.57
CA ALA C 277 36.40 33.23 -15.71
C ALA C 277 36.48 31.95 -16.49
N LEU C 278 35.86 31.92 -17.66
CA LEU C 278 35.89 30.73 -18.50
C LEU C 278 37.30 30.38 -18.94
N MET C 279 38.11 31.40 -19.20
CA MET C 279 39.50 31.16 -19.55
C MET C 279 40.28 30.53 -18.40
N ILE C 280 40.15 31.07 -17.20
CA ILE C 280 40.79 30.48 -16.03
C ILE C 280 40.31 29.04 -15.86
N TYR C 281 39.00 28.84 -16.00
CA TYR C 281 38.36 27.52 -15.89
C TYR C 281 39.02 26.50 -16.81
N PHE C 282 39.16 26.87 -18.08
CA PHE C 282 39.70 25.97 -19.08
C PHE C 282 41.22 25.77 -18.99
N TYR C 283 41.97 26.82 -18.62
CA TYR C 283 43.43 26.73 -18.58
C TYR C 283 43.95 26.61 -17.15
N ARG C 284 43.18 25.94 -16.30
CA ARG C 284 43.46 25.92 -14.87
C ARG C 284 44.79 25.26 -14.52
N GLU C 285 45.19 24.29 -15.34
CA GLU C 285 46.42 23.52 -15.10
C GLU C 285 47.64 24.32 -15.51
N GLU C 286 47.45 25.37 -16.30
CA GLU C 286 48.58 26.18 -16.70
C GLU C 286 49.05 26.96 -15.49
N PRO C 287 50.38 26.99 -15.28
CA PRO C 287 51.05 27.67 -14.17
C PRO C 287 50.41 29.00 -13.82
N ARG C 288 50.16 29.86 -14.81
CA ARG C 288 49.62 31.18 -14.51
C ARG C 288 48.12 31.16 -14.16
N PHE C 289 47.50 29.98 -14.21
CA PHE C 289 46.08 29.91 -13.88
C PHE C 289 45.70 29.05 -12.66
N GLN C 290 46.67 28.35 -12.08
CA GLN C 290 46.40 27.45 -10.95
C GLN C 290 45.84 28.22 -9.76
N VAL C 291 46.56 29.27 -9.38
CA VAL C 291 46.15 30.09 -8.25
C VAL C 291 44.86 30.90 -8.52
N PRO C 292 44.75 31.54 -9.71
CA PRO C 292 43.46 32.16 -10.00
C PRO C 292 42.29 31.17 -9.88
N PHE C 293 42.49 29.95 -10.37
CA PHE C 293 41.43 28.96 -10.29
C PHE C 293 41.12 28.64 -8.82
N GLN C 294 42.17 28.61 -8.01
CA GLN C 294 41.97 28.45 -6.58
C GLN C 294 41.11 29.57 -6.02
N LEU C 295 41.33 30.79 -6.49
CA LEU C 295 40.52 31.91 -6.06
C LEU C 295 39.07 31.67 -6.40
N LEU C 296 38.80 31.26 -7.65
CA LEU C 296 37.43 30.98 -8.08
C LEU C 296 36.75 29.91 -7.20
N THR C 297 37.45 28.80 -6.98
CA THR C 297 36.96 27.74 -6.13
C THR C 297 36.64 28.28 -4.74
N SER C 298 37.53 29.11 -4.20
CA SER C 298 37.28 29.72 -2.89
C SER C 298 36.01 30.54 -2.87
N LEU C 299 35.80 31.33 -3.91
CA LEU C 299 34.61 32.17 -3.95
C LEU C 299 33.35 31.31 -3.95
N MET C 300 33.33 30.30 -4.80
CA MET C 300 32.19 29.39 -4.86
C MET C 300 31.97 28.75 -3.49
N ASP C 301 33.06 28.31 -2.84
CA ASP C 301 32.97 27.71 -1.50
C ASP C 301 32.31 28.67 -0.51
N ILE C 302 32.78 29.91 -0.51
CA ILE C 302 32.23 30.91 0.37
C ILE C 302 30.75 31.08 0.11
N ASP C 303 30.38 31.17 -1.17
CA ASP C 303 28.98 31.33 -1.54
C ASP C 303 28.13 30.16 -1.03
N SER C 304 28.58 28.95 -1.33
CA SER C 304 27.90 27.73 -0.88
C SER C 304 27.69 27.75 0.62
N LEU C 305 28.78 27.92 1.37
CA LEU C 305 28.74 27.89 2.82
C LEU C 305 27.86 28.98 3.40
N MET C 306 27.91 30.17 2.84
CA MET C 306 27.05 31.25 3.33
C MET C 306 25.58 30.92 3.10
N THR C 307 25.30 30.31 1.96
CA THR C 307 23.94 29.86 1.72
C THR C 307 23.54 28.82 2.77
N LYS C 308 24.38 27.81 2.96
CA LYS C 308 24.17 26.77 3.96
C LYS C 308 23.94 27.36 5.35
N TRP C 309 24.72 28.38 5.69
CA TRP C 309 24.61 29.02 6.99
C TRP C 309 23.27 29.70 7.11
N ARG C 310 22.94 30.54 6.12
CA ARG C 310 21.66 31.24 6.08
C ARG C 310 20.50 30.24 6.18
N TYR C 311 20.64 29.09 5.52
CA TYR C 311 19.63 28.05 5.54
C TYR C 311 19.47 27.40 6.92
N ASN C 312 20.57 27.12 7.57
CA ASN C 312 20.51 26.61 8.91
C ASN C 312 19.92 27.63 9.82
N HIS C 313 20.28 28.87 9.63
CA HIS C 313 19.81 29.91 10.52
C HIS C 313 18.32 30.02 10.44
N VAL C 314 17.80 30.03 9.24
CA VAL C 314 16.40 30.24 9.05
C VAL C 314 15.64 29.08 9.68
N CYS C 315 16.18 27.89 9.57
CA CYS C 315 15.56 26.74 10.13
C CYS C 315 15.44 26.89 11.61
N MET C 316 16.46 27.43 12.26
CA MET C 316 16.42 27.55 13.70
C MET C 316 15.30 28.47 14.12
N VAL C 317 15.14 29.56 13.41
CA VAL C 317 14.16 30.54 13.81
C VAL C 317 12.84 29.86 13.74
N HIS C 318 12.60 29.14 12.68
CA HIS C 318 11.33 28.45 12.53
C HIS C 318 11.14 27.39 13.60
N ARG C 319 12.15 26.60 13.85
CA ARG C 319 11.97 25.61 14.86
C ARG C 319 11.73 26.33 16.14
N MET C 320 12.47 27.40 16.39
CA MET C 320 12.29 28.12 17.63
C MET C 320 10.98 28.84 17.73
N LEU C 321 10.60 29.55 16.70
CA LEU C 321 9.29 30.18 16.64
C LEU C 321 8.08 29.30 16.45
N GLY C 322 8.18 28.35 15.57
CA GLY C 322 7.04 27.53 15.29
C GLY C 322 6.03 28.36 14.58
N SER C 323 4.81 28.30 15.04
CA SER C 323 3.68 28.81 14.32
C SER C 323 3.86 30.28 14.02
N LYS C 324 4.56 30.96 14.89
CA LYS C 324 4.68 32.39 14.80
C LYS C 324 5.79 32.82 13.88
N ALA C 325 6.48 31.89 13.24
CA ALA C 325 7.67 32.22 12.47
C ALA C 325 7.46 33.17 11.27
N GLY C 326 6.40 32.99 10.51
CA GLY C 326 6.12 33.88 9.40
C GLY C 326 6.38 35.36 9.62
N ARG C 343 18.94 31.55 -6.10
CA ARG C 343 20.37 31.53 -6.41
C ARG C 343 20.77 32.89 -6.85
N TYR C 344 20.97 33.85 -5.94
CA TYR C 344 21.07 33.74 -4.48
C TYR C 344 22.44 33.33 -4.02
N LYS C 345 23.31 33.09 -4.99
CA LYS C 345 24.71 32.91 -4.80
C LYS C 345 25.28 34.07 -5.54
N VAL C 346 26.21 34.77 -4.94
CA VAL C 346 26.76 35.94 -5.56
C VAL C 346 27.44 35.47 -6.79
N PHE C 347 28.23 34.42 -6.65
CA PHE C 347 29.11 34.03 -7.74
C PHE C 347 28.48 32.92 -8.56
N VAL C 348 27.19 33.08 -8.81
CA VAL C 348 26.40 32.08 -9.54
C VAL C 348 27.03 31.70 -10.90
N ASP C 349 27.62 32.68 -11.57
CA ASP C 349 28.25 32.46 -12.88
C ASP C 349 29.40 31.46 -12.80
N LEU C 350 30.16 31.51 -11.71
CA LEU C 350 31.27 30.60 -11.51
C LEU C 350 30.72 29.18 -11.30
N PHE C 351 29.63 29.08 -10.57
CA PHE C 351 28.93 27.81 -10.41
C PHE C 351 28.47 27.26 -11.77
N ASN C 352 28.05 28.15 -12.67
CA ASN C 352 27.57 27.71 -13.97
C ASN C 352 28.69 27.43 -14.97
N LEU C 353 29.93 27.78 -14.64
CA LEU C 353 31.04 27.49 -15.55
C LEU C 353 31.03 26.05 -16.07
N SER C 354 30.68 25.11 -15.20
CA SER C 354 30.66 23.69 -15.55
C SER C 354 29.72 23.42 -16.72
N THR C 355 28.70 24.25 -16.88
CA THR C 355 27.73 24.09 -17.96
C THR C 355 28.36 24.21 -19.36
N TYR C 356 29.46 24.94 -19.46
CA TYR C 356 30.12 25.18 -20.74
C TYR C 356 31.33 24.29 -20.91
N LEU C 357 31.26 23.12 -20.29
CA LEU C 357 32.34 22.15 -20.39
C LEU C 357 32.35 21.55 -21.80
N ILE C 358 33.55 21.50 -22.38
CA ILE C 358 33.71 21.02 -23.74
C ILE C 358 34.84 20.02 -23.71
N PRO C 359 34.89 19.12 -24.68
CA PRO C 359 35.98 18.16 -24.83
C PRO C 359 37.32 18.86 -24.84
N ARG C 360 38.34 18.20 -24.31
CA ARG C 360 39.66 18.80 -24.18
C ARG C 360 40.20 19.36 -25.51
N HIS C 361 40.04 18.60 -26.61
CA HIS C 361 40.61 19.04 -27.87
C HIS C 361 39.94 20.28 -28.48
N TRP C 362 38.76 20.65 -28.00
CA TRP C 362 38.14 21.86 -28.53
C TRP C 362 38.76 23.09 -27.89
N ILE C 363 39.50 22.91 -26.79
CA ILE C 363 40.08 24.07 -26.12
C ILE C 363 41.28 24.56 -26.90
N PRO C 364 41.26 25.85 -27.26
CA PRO C 364 42.36 26.52 -27.97
C PRO C 364 43.68 26.25 -27.29
N LYS C 365 44.70 25.88 -28.05
CA LYS C 365 46.02 25.57 -27.49
C LYS C 365 46.72 26.82 -26.96
N MET C 366 47.62 26.61 -25.99
CA MET C 366 48.29 27.71 -25.31
C MET C 366 49.63 28.03 -25.97
N ASN C 367 50.24 29.12 -25.53
CA ASN C 367 51.51 29.57 -26.07
C ASN C 367 52.48 30.01 -24.97
N LEU D 25 18.57 44.21 25.96
CA LEU D 25 17.26 44.03 25.34
C LEU D 25 17.36 43.59 23.88
N ILE D 26 18.02 44.41 23.08
CA ILE D 26 18.29 44.09 21.69
C ILE D 26 19.73 43.69 21.39
N TYR D 27 19.85 42.74 20.46
CA TYR D 27 21.10 42.22 19.98
C TYR D 27 21.76 43.43 19.41
N GLY D 28 22.99 43.75 19.76
CA GLY D 28 23.82 43.04 20.69
C GLY D 28 24.10 43.87 21.92
N ASN D 29 23.12 44.64 22.33
CA ASN D 29 23.02 45.10 23.70
C ASN D 29 22.78 43.93 24.63
N TYR D 30 21.87 43.07 24.21
CA TYR D 30 21.55 41.79 24.83
C TYR D 30 22.81 40.94 24.93
N LEU D 31 23.62 40.98 23.87
CA LEU D 31 24.80 40.16 23.79
C LEU D 31 26.03 40.92 24.27
N HIS D 32 25.81 42.17 24.69
CA HIS D 32 26.89 43.05 25.14
C HIS D 32 28.06 43.09 24.16
N LEU D 33 27.74 43.29 22.89
CA LEU D 33 28.75 43.30 21.85
C LEU D 33 29.71 44.48 22.01
N GLU D 34 29.30 45.48 22.78
CA GLU D 34 30.17 46.62 23.06
C GLU D 34 31.38 46.11 23.85
N LYS D 35 31.19 45.01 24.56
CA LYS D 35 32.30 44.34 25.25
C LYS D 35 32.96 43.32 24.33
N VAL D 36 32.15 42.41 23.79
CA VAL D 36 32.65 41.29 23.00
C VAL D 36 33.39 41.75 21.75
N LEU D 37 32.86 42.77 21.09
CA LEU D 37 33.40 43.20 19.81
C LEU D 37 34.37 44.38 19.91
N ASN D 38 34.70 44.80 21.13
CA ASN D 38 35.75 45.79 21.37
C ASN D 38 36.78 45.24 22.35
N ALA D 39 37.11 43.96 22.22
CA ALA D 39 38.06 43.31 23.12
C ALA D 39 39.25 42.76 22.36
N GLN D 40 39.46 43.27 21.15
CA GLN D 40 40.52 42.79 20.26
C GLN D 40 41.63 43.81 20.03
N GLU D 41 42.67 43.73 20.86
CA GLU D 41 43.82 44.63 20.75
C GLU D 41 45.06 43.88 20.31
N LEU D 42 45.50 44.14 19.07
CA LEU D 42 46.70 43.51 18.52
C LEU D 42 47.97 44.11 19.12
N GLN D 43 48.75 43.28 19.80
CA GLN D 43 50.00 43.73 20.41
C GLN D 43 50.95 44.29 19.35
N SER D 44 51.11 43.53 18.27
CA SER D 44 51.96 43.95 17.17
C SER D 44 51.56 45.34 16.67
N GLU D 45 50.27 45.61 16.62
CA GLU D 45 49.79 46.92 16.15
C GLU D 45 50.14 47.99 17.16
N THR D 46 49.97 47.65 18.44
CA THR D 46 50.29 48.55 19.55
C THR D 46 51.78 48.88 19.56
N LYS D 47 52.61 47.92 19.18
CA LYS D 47 54.04 48.15 19.13
C LYS D 47 54.56 48.49 17.74
N GLY D 48 53.74 49.22 16.98
CA GLY D 48 54.16 49.86 15.72
C GLY D 48 54.30 49.02 14.45
N ASN D 49 54.23 47.70 14.58
CA ASN D 49 54.39 46.81 13.43
C ASN D 49 53.23 45.83 13.32
N LYS D 50 52.07 46.33 12.90
CA LYS D 50 50.83 45.52 12.81
C LYS D 50 51.01 44.25 11.97
N ILE D 51 50.63 43.12 12.54
CA ILE D 51 50.68 41.84 11.85
C ILE D 51 49.28 41.27 11.67
N HIS D 52 48.91 41.05 10.42
CA HIS D 52 47.54 40.65 10.06
C HIS D 52 46.99 39.42 10.81
N ASP D 53 47.78 38.35 10.89
CA ASP D 53 47.30 37.09 11.47
C ASP D 53 47.09 37.10 12.99
N GLU D 54 47.62 38.11 13.67
CA GLU D 54 47.47 38.17 15.13
C GLU D 54 45.99 38.25 15.50
N HIS D 55 45.19 38.92 14.66
CA HIS D 55 43.76 39.07 14.90
C HIS D 55 43.12 37.69 14.97
N LEU D 56 43.49 36.82 14.04
CA LEU D 56 42.98 35.46 13.99
C LEU D 56 43.37 34.74 15.27
N PHE D 57 44.63 34.92 15.67
CA PHE D 57 45.16 34.31 16.89
C PHE D 57 44.32 34.70 18.13
N ILE D 58 43.98 35.99 18.22
CA ILE D 58 43.13 36.49 19.30
C ILE D 58 41.72 35.89 19.24
N ILE D 59 41.08 36.00 18.08
CA ILE D 59 39.70 35.55 17.94
C ILE D 59 39.52 34.06 18.26
N THR D 60 40.41 33.22 17.72
CA THR D 60 40.33 31.79 17.99
C THR D 60 40.32 31.49 19.48
N HIS D 61 41.24 32.10 20.20
CA HIS D 61 41.33 31.88 21.65
C HIS D 61 40.17 32.47 22.45
N GLN D 62 39.68 33.63 22.03
CA GLN D 62 38.51 34.20 22.68
C GLN D 62 37.29 33.28 22.51
N ALA D 63 37.18 32.67 21.33
CA ALA D 63 36.09 31.73 21.06
C ALA D 63 36.24 30.50 21.96
N TYR D 64 37.47 29.99 22.03
CA TYR D 64 37.79 28.91 22.98
C TYR D 64 37.34 29.23 24.38
N GLU D 65 37.62 30.45 24.82
CA GLU D 65 37.25 30.88 26.17
C GLU D 65 35.74 30.96 26.37
N LEU D 66 35.00 31.51 25.38
CA LEU D 66 33.54 31.56 25.46
C LEU D 66 32.96 30.15 25.66
N TRP D 67 33.42 29.22 24.83
CA TRP D 67 32.92 27.87 24.95
C TRP D 67 33.36 27.22 26.27
N PHE D 68 34.53 27.60 26.77
CA PHE D 68 34.97 27.12 28.07
C PHE D 68 34.01 27.56 29.16
N LYS D 69 33.57 28.81 29.09
CA LYS D 69 32.58 29.29 30.02
C LYS D 69 31.27 28.48 29.90
N GLN D 70 30.81 28.25 28.67
CA GLN D 70 29.58 27.46 28.46
C GLN D 70 29.65 26.04 29.04
N ILE D 71 30.78 25.38 28.78
CA ILE D 71 31.04 24.04 29.32
C ILE D 71 31.06 24.07 30.85
N LEU D 72 31.69 25.09 31.43
CA LEU D 72 31.71 25.22 32.89
C LEU D 72 30.30 25.37 33.45
N TRP D 73 29.49 26.18 32.78
CA TRP D 73 28.08 26.37 33.13
C TRP D 73 27.32 25.05 33.16
N GLU D 74 27.38 24.32 32.04
CA GLU D 74 26.68 23.05 31.97
C GLU D 74 27.18 22.09 33.04
N LEU D 75 28.51 21.96 33.13
CA LEU D 75 29.14 21.01 34.05
C LEU D 75 28.81 21.30 35.52
N ASP D 76 28.93 22.55 35.92
CA ASP D 76 28.57 22.94 37.27
C ASP D 76 27.10 22.68 37.56
N SER D 77 26.22 22.95 36.60
CA SER D 77 24.80 22.66 36.83
C SER D 77 24.59 21.16 37.07
N VAL D 78 25.28 20.33 36.28
CA VAL D 78 25.16 18.90 36.47
C VAL D 78 25.67 18.53 37.87
N ARG D 79 26.83 19.07 38.24
CA ARG D 79 27.43 18.83 39.56
C ARG D 79 26.45 19.15 40.67
N GLU D 80 25.78 20.30 40.60
CA GLU D 80 24.76 20.59 41.59
C GLU D 80 23.63 19.56 41.58
N ILE D 81 23.10 19.21 40.41
CA ILE D 81 22.05 18.19 40.33
C ILE D 81 22.45 16.92 41.09
N PHE D 82 23.69 16.48 40.89
CA PHE D 82 24.22 15.36 41.66
C PHE D 82 24.23 15.64 43.15
N GLN D 83 24.75 16.80 43.50
CA GLN D 83 24.92 17.21 44.87
C GLN D 83 23.60 17.32 45.56
N ASN D 84 22.56 17.65 44.83
CA ASN D 84 21.24 17.76 45.40
C ASN D 84 20.61 16.44 45.73
N GLY D 85 21.19 15.37 45.26
CA GLY D 85 20.86 14.05 45.72
C GLY D 85 19.68 13.38 45.11
N HIS D 86 19.04 14.05 44.18
CA HIS D 86 17.88 13.51 43.51
C HIS D 86 18.20 13.06 42.11
N VAL D 87 19.46 12.82 41.88
CA VAL D 87 19.93 12.50 40.58
C VAL D 87 19.28 11.26 40.04
N ARG D 88 19.00 10.31 40.89
CA ARG D 88 18.53 9.02 40.44
C ARG D 88 17.21 9.18 39.77
N ASP D 89 16.54 10.26 40.07
CA ASP D 89 15.24 10.52 39.50
C ASP D 89 15.34 10.64 37.99
N GLU D 90 14.45 9.96 37.26
CA GLU D 90 14.59 9.84 35.82
C GLU D 90 14.59 11.18 35.07
N ARG D 91 13.81 12.15 35.56
CA ARG D 91 13.82 13.50 35.00
C ARG D 91 15.17 14.17 35.18
N ASN D 92 15.69 14.12 36.40
CA ASN D 92 16.98 14.72 36.70
C ASN D 92 18.08 14.00 35.93
N MET D 93 17.98 12.67 35.87
CA MET D 93 18.95 11.88 35.12
C MET D 93 18.96 12.29 33.65
N LEU D 94 17.78 12.53 33.09
CA LEU D 94 17.66 12.98 31.71
C LEU D 94 18.31 14.33 31.52
N LYS D 95 18.05 15.26 32.44
CA LYS D 95 18.67 16.57 32.37
C LYS D 95 20.20 16.43 32.36
N VAL D 96 20.73 15.59 33.24
CA VAL D 96 22.16 15.41 33.38
C VAL D 96 22.77 14.87 32.10
N VAL D 97 22.20 13.76 31.60
CA VAL D 97 22.68 13.12 30.37
C VAL D 97 22.60 14.08 29.19
N SER D 98 21.52 14.86 29.16
CA SER D 98 21.31 15.81 28.09
C SER D 98 22.40 16.87 28.09
N ARG D 99 22.69 17.41 29.28
CA ARG D 99 23.69 18.46 29.38
C ARG D 99 25.11 17.94 29.18
N MET D 100 25.35 16.70 29.59
CA MET D 100 26.66 16.12 29.37
C MET D 100 26.88 15.91 27.88
N HIS D 101 25.83 15.45 27.20
CA HIS D 101 25.85 15.35 25.74
C HIS D 101 26.17 16.70 25.11
N ARG D 102 25.53 17.75 25.60
CA ARG D 102 25.81 19.09 25.10
C ARG D 102 27.29 19.43 25.25
N VAL D 103 27.85 19.10 26.42
CA VAL D 103 29.27 19.35 26.63
C VAL D 103 30.12 18.59 25.59
N SER D 104 29.76 17.34 25.32
CA SER D 104 30.46 16.55 24.30
C SER D 104 30.41 17.21 22.89
N VAL D 105 29.22 17.69 22.51
CA VAL D 105 29.05 18.36 21.22
C VAL D 105 29.89 19.64 21.14
N ILE D 106 29.86 20.45 22.20
CA ILE D 106 30.73 21.61 22.25
C ILE D 106 32.19 21.19 22.07
N LEU D 107 32.63 20.16 22.78
CA LEU D 107 34.02 19.69 22.67
C LEU D 107 34.40 19.26 21.23
N LYS D 108 33.51 18.54 20.54
CA LYS D 108 33.74 18.23 19.13
C LYS D 108 33.91 19.51 18.32
N LEU D 109 33.08 20.50 18.59
CA LEU D 109 33.23 21.77 17.87
C LEU D 109 34.62 22.37 18.11
N LEU D 110 35.07 22.37 19.37
CA LEU D 110 36.39 22.91 19.73
C LEU D 110 37.55 22.13 19.11
N VAL D 111 37.39 20.82 18.97
CA VAL D 111 38.39 20.00 18.29
C VAL D 111 38.42 20.40 16.83
N GLN D 112 37.25 20.54 16.23
CA GLN D 112 37.17 20.99 14.84
C GLN D 112 37.75 22.38 14.62
N GLN D 113 37.76 23.20 15.65
CA GLN D 113 38.17 24.60 15.53
C GLN D 113 39.66 24.78 15.27
N PHE D 114 40.46 23.73 15.45
CA PHE D 114 41.90 23.84 15.20
C PHE D 114 42.24 24.10 13.73
N SER D 115 41.31 23.71 12.87
CA SER D 115 41.47 23.86 11.43
C SER D 115 41.64 25.33 11.10
N ILE D 116 41.10 26.20 11.94
CA ILE D 116 41.23 27.62 11.71
C ILE D 116 42.69 28.04 11.84
N LEU D 117 43.30 27.74 12.99
CA LEU D 117 44.70 28.08 13.23
C LEU D 117 45.64 27.33 12.29
N GLU D 118 45.16 26.23 11.70
CA GLU D 118 45.96 25.56 10.67
C GLU D 118 46.16 26.44 9.43
N THR D 119 45.29 27.43 9.22
CA THR D 119 45.42 28.27 8.04
C THR D 119 46.39 29.41 8.29
N MET D 120 47.07 29.37 9.43
CA MET D 120 48.10 30.36 9.75
C MET D 120 49.46 29.69 9.64
N THR D 121 50.31 30.23 8.79
CA THR D 121 51.64 29.68 8.62
C THR D 121 52.51 30.07 9.80
N ALA D 122 53.48 29.23 10.10
CA ALA D 122 54.38 29.46 11.22
C ALA D 122 55.18 30.75 11.02
N LEU D 123 55.48 31.10 9.77
CA LEU D 123 56.15 32.36 9.44
C LEU D 123 55.35 33.59 9.88
N ASP D 124 54.12 33.64 9.40
CA ASP D 124 53.26 34.77 9.72
C ASP D 124 53.07 34.85 11.24
N PHE D 125 53.09 33.72 11.91
CA PHE D 125 53.08 33.73 13.38
C PHE D 125 54.37 34.37 13.88
N ASN D 126 55.50 33.99 13.33
CA ASN D 126 56.74 34.62 13.75
C ASN D 126 56.74 36.14 13.58
N ASP D 127 56.01 36.61 12.60
CA ASP D 127 55.99 38.02 12.37
C ASP D 127 55.37 38.64 13.57
N PHE D 128 54.82 37.84 14.45
CA PHE D 128 54.21 38.45 15.62
C PHE D 128 54.54 37.84 16.96
N ARG D 129 54.71 36.54 17.02
CA ARG D 129 54.91 35.96 18.33
C ARG D 129 55.71 36.91 19.20
N GLU D 130 56.67 37.60 18.61
CA GLU D 130 57.57 38.43 19.39
C GLU D 130 56.96 39.51 20.29
N TYR D 131 55.72 39.89 20.09
CA TYR D 131 55.10 40.81 21.02
C TYR D 131 54.25 39.98 21.93
N LEU D 132 54.47 38.67 21.83
CA LEU D 132 53.73 37.71 22.63
C LEU D 132 54.51 37.38 23.88
N SER D 133 53.97 36.50 24.70
CA SER D 133 54.63 36.11 25.92
C SER D 133 54.68 34.60 26.08
N PRO D 134 55.52 34.14 27.09
CA PRO D 134 55.60 32.67 27.15
C PRO D 134 54.27 31.96 27.20
N GLY D 137 53.35 30.29 30.40
CA GLY D 137 52.29 31.07 30.99
C GLY D 137 51.20 31.43 29.98
N PHE D 138 50.95 30.53 29.03
CA PHE D 138 49.94 30.80 28.06
C PHE D 138 48.99 29.62 28.11
N GLN D 139 48.27 29.55 29.23
CA GLN D 139 47.20 28.58 29.39
C GLN D 139 45.96 29.18 30.03
N SER D 140 44.83 28.59 29.70
CA SER D 140 43.53 29.10 30.14
C SER D 140 43.26 28.78 31.58
N LEU D 141 42.78 29.76 32.33
CA LEU D 141 42.32 29.49 33.66
C LEU D 141 41.10 28.64 33.61
N GLN D 142 40.18 29.02 32.75
CA GLN D 142 38.91 28.32 32.63
C GLN D 142 39.11 26.85 32.32
N PHE D 143 40.11 26.55 31.49
CA PHE D 143 40.45 25.17 31.20
C PHE D 143 41.00 24.48 32.44
N ARG D 144 41.73 25.22 33.27
CA ARG D 144 42.27 24.62 34.50
C ARG D 144 41.12 24.27 35.43
N LEU D 145 40.22 25.23 35.62
CA LEU D 145 38.99 25.01 36.38
C LEU D 145 38.25 23.78 35.87
N LEU D 146 38.07 23.72 34.55
CA LEU D 146 37.38 22.61 33.91
C LEU D 146 38.03 21.29 34.30
N GLU D 147 39.34 21.23 34.12
CA GLU D 147 40.09 20.03 34.47
C GLU D 147 39.89 19.64 35.94
N ASN D 148 39.94 20.63 36.83
CA ASN D 148 39.71 20.41 38.27
C ASN D 148 38.33 19.84 38.56
N LYS D 149 37.30 20.47 38.04
CA LYS D 149 35.95 20.03 38.30
C LYS D 149 35.61 18.68 37.74
N ILE D 150 36.33 18.22 36.74
CA ILE D 150 36.02 16.93 36.14
C ILE D 150 36.17 15.71 37.04
N GLY D 151 37.24 15.62 37.81
CA GLY D 151 38.32 16.56 37.82
C GLY D 151 39.53 15.69 37.64
N VAL D 152 40.49 16.19 36.91
CA VAL D 152 41.69 15.44 36.66
C VAL D 152 42.65 15.50 37.82
N LEU D 153 43.45 14.46 37.96
CA LEU D 153 44.45 14.42 39.00
C LEU D 153 45.41 15.55 38.80
N GLU D 173 41.32 35.64 41.88
CA GLU D 173 41.04 34.48 41.04
C GLU D 173 41.57 33.15 41.60
N ASN D 174 42.64 33.18 42.38
CA ASN D 174 43.13 31.94 42.99
C ASN D 174 42.08 31.31 43.91
N GLU D 175 41.11 32.13 44.33
CA GLU D 175 39.99 31.63 45.13
C GLU D 175 39.12 30.70 44.28
N LEU D 176 38.93 31.03 43.00
CA LEU D 176 38.15 30.16 42.11
C LEU D 176 38.87 28.84 41.89
N LEU D 177 40.17 28.91 41.63
CA LEU D 177 40.97 27.72 41.37
C LEU D 177 40.96 26.80 42.59
N LEU D 178 41.21 27.40 43.74
CA LEU D 178 41.22 26.69 45.02
C LEU D 178 39.88 26.07 45.32
N LYS D 179 38.82 26.87 45.17
CA LYS D 179 37.44 26.41 45.33
C LYS D 179 37.14 25.21 44.42
N SER D 180 37.64 25.26 43.20
CA SER D 180 37.48 24.16 42.24
C SER D 180 38.25 22.92 42.70
N GLU D 181 39.34 23.14 43.43
CA GLU D 181 40.16 22.04 43.94
C GLU D 181 39.57 21.37 45.18
N GLN D 182 38.87 22.15 45.98
CA GLN D 182 38.29 21.65 47.23
C GLN D 182 36.88 21.07 47.04
N GLU D 183 36.05 21.74 46.24
CA GLU D 183 34.68 21.28 46.02
C GLU D 183 34.68 19.95 45.28
N LYS D 184 33.57 19.22 45.36
CA LYS D 184 33.50 17.89 44.78
C LYS D 184 33.58 17.88 43.26
N THR D 185 34.44 17.00 42.74
CA THR D 185 34.62 16.84 41.31
C THR D 185 33.50 15.98 40.74
N LEU D 186 33.34 16.03 39.41
CA LEU D 186 32.35 15.21 38.73
C LEU D 186 32.66 13.73 38.98
N LEU D 187 33.93 13.40 38.97
CA LEU D 187 34.35 12.03 39.24
C LEU D 187 33.83 11.52 40.57
N GLU D 188 34.02 12.31 41.62
CA GLU D 188 33.59 11.91 42.96
C GLU D 188 32.08 11.66 43.04
N LEU D 189 31.32 12.59 42.49
CA LEU D 189 29.86 12.55 42.51
C LEU D 189 29.33 11.34 41.72
N VAL D 190 29.93 11.10 40.55
CA VAL D 190 29.57 9.94 39.75
C VAL D 190 29.89 8.66 40.50
N GLU D 191 31.04 8.65 41.19
CA GLU D 191 31.46 7.53 42.03
C GLU D 191 30.41 7.24 43.12
N ALA D 192 29.99 8.29 43.81
CA ALA D 192 28.95 8.17 44.83
C ALA D 192 27.68 7.58 44.24
N TRP D 193 27.23 8.13 43.11
CA TRP D 193 26.02 7.66 42.44
C TRP D 193 26.13 6.17 42.05
N LEU D 194 27.30 5.78 41.56
CA LEU D 194 27.53 4.40 41.17
C LEU D 194 27.50 3.46 42.36
N GLU D 195 28.06 3.92 43.48
CA GLU D 195 28.10 3.16 44.72
C GLU D 195 26.69 2.81 45.21
N ARG D 196 25.73 3.68 44.93
CA ARG D 196 24.37 3.51 45.39
C ARG D 196 23.48 2.81 44.38
N THR D 197 24.07 2.09 43.44
CA THR D 197 23.29 1.42 42.41
C THR D 197 22.51 0.21 42.97
N PRO D 198 21.18 0.27 42.91
CA PRO D 198 20.29 -0.81 43.37
C PRO D 198 20.57 -2.12 42.64
N GLY D 199 20.73 -3.20 43.41
CA GLY D 199 21.00 -4.51 42.83
C GLY D 199 22.27 -5.10 43.42
N LEU D 200 23.01 -4.27 44.14
CA LEU D 200 24.29 -4.66 44.74
C LEU D 200 24.10 -5.29 46.12
N GLU D 201 22.90 -5.13 46.69
CA GLU D 201 22.56 -5.65 48.02
C GLU D 201 22.76 -7.16 48.07
N PRO D 202 23.60 -7.65 48.98
CA PRO D 202 23.93 -9.06 48.96
C PRO D 202 22.68 -9.83 49.20
N HIS D 203 21.87 -9.32 50.09
CA HIS D 203 20.61 -9.95 50.39
C HIS D 203 19.52 -9.81 49.34
N GLY D 204 19.61 -8.79 48.52
CA GLY D 204 18.55 -8.53 47.57
C GLY D 204 18.88 -9.18 46.26
N PHE D 205 19.17 -8.38 45.25
CA PHE D 205 19.60 -8.94 44.00
C PHE D 205 20.92 -9.69 44.13
N ASN D 206 21.83 -9.19 44.94
CA ASN D 206 23.12 -9.81 45.07
C ASN D 206 23.79 -10.00 43.72
N PHE D 207 23.94 -8.90 42.99
CA PHE D 207 24.58 -8.94 41.68
C PHE D 207 26.02 -9.46 41.74
N TRP D 208 26.80 -8.95 42.69
CA TRP D 208 28.23 -9.25 42.78
C TRP D 208 28.52 -10.72 43.12
N GLY D 209 27.78 -11.26 44.08
CA GLY D 209 27.95 -12.65 44.45
C GLY D 209 27.70 -13.60 43.31
N LYS D 210 26.52 -13.48 42.73
CA LYS D 210 26.07 -14.38 41.72
C LYS D 210 26.94 -14.33 40.49
N LEU D 211 27.43 -13.15 40.20
CA LEU D 211 28.22 -12.97 39.01
C LEU D 211 29.41 -13.81 39.25
N GLU D 212 29.96 -13.65 40.43
CA GLU D 212 31.20 -14.30 40.75
C GLU D 212 31.11 -15.78 40.74
N LYS D 213 30.04 -16.34 41.29
CA LYS D 213 29.87 -17.77 41.25
C LYS D 213 29.76 -18.15 39.81
N ASN D 214 28.99 -17.34 39.10
CA ASN D 214 28.67 -17.65 37.74
C ASN D 214 29.88 -17.70 36.83
N ILE D 215 30.79 -16.76 37.01
CA ILE D 215 31.98 -16.78 36.20
C ILE D 215 32.73 -18.05 36.53
N THR D 216 32.76 -18.40 37.81
CA THR D 216 33.55 -19.51 38.25
C THR D 216 33.09 -20.79 37.63
N ARG D 217 31.79 -21.03 37.63
CA ARG D 217 31.28 -22.28 37.07
C ARG D 217 31.67 -22.25 35.63
N GLY D 218 31.62 -21.06 35.08
CA GLY D 218 32.00 -20.95 33.69
C GLY D 218 33.44 -21.29 33.46
N LEU D 219 34.32 -20.81 34.32
CA LEU D 219 35.73 -21.11 34.13
C LEU D 219 35.87 -22.61 34.24
N GLU D 220 35.20 -23.20 35.22
CA GLU D 220 35.32 -24.63 35.39
C GLU D 220 34.74 -25.36 34.21
N GLU D 221 33.59 -24.92 33.73
CA GLU D 221 32.94 -25.61 32.63
C GLU D 221 33.78 -25.58 31.37
N GLU D 222 34.40 -24.45 31.12
CA GLU D 222 35.32 -24.37 29.99
C GLU D 222 36.60 -25.18 30.12
N PHE D 223 37.14 -25.25 31.33
CA PHE D 223 38.39 -25.98 31.56
C PHE D 223 38.30 -27.45 31.13
N ILE D 224 37.21 -28.13 31.50
CA ILE D 224 37.04 -29.54 31.19
C ILE D 224 36.91 -29.82 29.68
N ARG D 225 36.32 -28.89 28.94
CA ARG D 225 36.11 -29.06 27.51
C ARG D 225 36.87 -28.01 26.70
N ALA D 240 44.30 -23.44 23.64
CA ALA D 240 44.38 -22.25 24.48
C ALA D 240 45.03 -22.53 25.81
N GLU D 241 45.83 -21.61 26.35
CA GLU D 241 46.00 -20.20 25.97
C GLU D 241 44.97 -19.31 26.65
N PHE D 242 44.04 -19.98 27.32
CA PHE D 242 42.89 -19.44 28.06
C PHE D 242 43.21 -18.63 29.30
N GLN D 243 44.20 -19.05 30.05
CA GLN D 243 44.25 -18.77 31.45
C GLN D 243 44.34 -17.28 31.59
N LYS D 244 44.79 -16.65 30.53
CA LYS D 244 45.11 -15.25 30.59
C LYS D 244 43.85 -14.44 30.79
N GLN D 245 42.76 -14.76 30.09
CA GLN D 245 41.52 -14.03 30.34
C GLN D 245 41.17 -14.32 31.77
N LYS D 246 41.33 -15.59 32.15
CA LYS D 246 41.05 -16.03 33.49
C LYS D 246 41.80 -15.21 34.50
N GLU D 247 43.09 -15.16 34.32
CA GLU D 247 43.92 -14.44 35.25
C GLU D 247 43.15 -13.19 35.59
N VAL D 248 42.54 -12.61 34.57
CA VAL D 248 41.89 -11.32 34.74
C VAL D 248 40.49 -11.36 35.32
N LEU D 249 39.66 -12.28 34.87
CA LEU D 249 38.28 -12.27 35.30
C LEU D 249 38.30 -12.46 36.79
N LEU D 250 39.09 -13.41 37.25
CA LEU D 250 39.06 -13.66 38.67
C LEU D 250 39.65 -12.45 39.42
N SER D 251 40.62 -11.79 38.80
CA SER D 251 41.26 -10.62 39.39
C SER D 251 40.28 -9.49 39.67
N LEU D 252 39.16 -9.53 38.95
CA LEU D 252 38.08 -8.57 39.16
C LEU D 252 37.62 -8.57 40.62
N PHE D 253 37.74 -9.73 41.28
CA PHE D 253 37.23 -9.92 42.64
C PHE D 253 38.31 -9.76 43.71
N ASP D 254 39.44 -9.18 43.32
CA ASP D 254 40.56 -8.99 44.24
C ASP D 254 40.57 -7.56 44.76
N GLU D 255 39.84 -7.34 45.85
CA GLU D 255 39.78 -6.03 46.50
C GLU D 255 41.19 -5.47 46.76
N LYS D 256 42.14 -6.36 47.08
CA LYS D 256 43.48 -5.91 47.40
C LYS D 256 44.14 -5.27 46.19
N ARG D 257 44.03 -5.96 45.07
CA ARG D 257 44.58 -5.45 43.83
C ARG D 257 43.92 -4.14 43.46
N HIS D 258 42.60 -4.05 43.65
CA HIS D 258 41.91 -2.83 43.29
C HIS D 258 42.30 -1.64 44.15
N GLU D 259 42.36 -1.82 45.46
CA GLU D 259 42.77 -0.75 46.37
C GLU D 259 44.21 -0.32 46.15
N HIS D 260 45.08 -1.30 45.92
CA HIS D 260 46.47 -1.01 45.68
C HIS D 260 46.62 -0.22 44.38
N LEU D 261 46.02 -0.72 43.30
CA LEU D 261 46.07 -0.03 42.00
C LEU D 261 45.44 1.36 42.15
N LEU D 262 44.46 1.47 43.03
CA LEU D 262 43.81 2.73 43.36
C LEU D 262 44.86 3.68 43.91
N SER D 263 45.71 3.18 44.81
CA SER D 263 46.77 3.99 45.41
C SER D 263 47.85 4.35 44.39
N LYS D 264 48.09 3.43 43.45
CA LYS D 264 49.02 3.68 42.37
C LYS D 264 48.42 4.63 41.35
N GLY D 265 47.11 4.85 41.43
CA GLY D 265 46.43 5.75 40.53
C GLY D 265 46.09 5.16 39.18
N GLU D 266 46.10 3.84 39.08
CA GLU D 266 45.71 3.20 37.85
C GLU D 266 44.19 3.05 37.85
N ARG D 267 43.57 3.35 38.99
CA ARG D 267 42.12 3.36 39.05
C ARG D 267 41.67 4.57 39.86
N ARG D 268 40.44 5.04 39.59
CA ARG D 268 39.95 6.25 40.21
C ARG D 268 38.65 5.97 40.94
N LEU D 269 37.98 4.90 40.51
CA LEU D 269 36.72 4.57 41.12
C LEU D 269 36.93 3.67 42.34
N SER D 270 36.07 3.83 43.33
CA SER D 270 36.02 2.91 44.46
C SER D 270 35.54 1.54 43.96
N TYR D 271 35.88 0.50 44.70
CA TYR D 271 35.54 -0.87 44.33
C TYR D 271 34.03 -1.04 44.11
N ARG D 272 33.24 -0.46 45.01
CA ARG D 272 31.80 -0.56 44.91
C ARG D 272 31.28 0.17 43.67
N ALA D 273 31.82 1.36 43.43
CA ALA D 273 31.49 2.15 42.25
C ALA D 273 31.76 1.33 40.98
N LEU D 274 32.90 0.63 40.96
CA LEU D 274 33.22 -0.24 39.84
C LEU D 274 32.15 -1.32 39.69
N GLN D 275 31.67 -1.85 40.82
CA GLN D 275 30.62 -2.88 40.74
C GLN D 275 29.34 -2.34 40.11
N GLY D 276 28.96 -1.14 40.52
CA GLY D 276 27.80 -0.46 39.95
C GLY D 276 27.94 -0.21 38.46
N ALA D 277 29.10 0.33 38.09
CA ALA D 277 29.41 0.62 36.70
C ALA D 277 29.31 -0.64 35.86
N LEU D 278 29.87 -1.73 36.35
CA LEU D 278 29.79 -3.01 35.65
C LEU D 278 28.34 -3.51 35.56
N MET D 279 27.54 -3.24 36.58
CA MET D 279 26.14 -3.64 36.52
C MET D 279 25.42 -2.90 35.39
N ILE D 280 25.62 -1.59 35.31
CA ILE D 280 25.05 -0.76 34.25
C ILE D 280 25.52 -1.25 32.87
N TYR D 281 26.81 -1.54 32.78
CA TYR D 281 27.43 -2.07 31.58
C TYR D 281 26.72 -3.33 31.11
N PHE D 282 26.54 -4.29 32.02
CA PHE D 282 25.95 -5.58 31.66
C PHE D 282 24.44 -5.48 31.37
N TYR D 283 23.74 -4.61 32.07
CA TYR D 283 22.30 -4.52 31.90
C TYR D 283 21.93 -3.30 31.08
N ARG D 284 22.80 -2.94 30.14
CA ARG D 284 22.59 -1.74 29.35
C ARG D 284 21.30 -1.84 28.54
N GLU D 285 20.93 -3.04 28.12
CA GLU D 285 19.73 -3.23 27.32
C GLU D 285 18.45 -3.17 28.15
N GLU D 286 18.56 -3.30 29.46
CA GLU D 286 17.38 -3.19 30.31
C GLU D 286 16.91 -1.75 30.41
N PRO D 287 15.59 -1.56 30.32
CA PRO D 287 14.85 -0.30 30.41
C PRO D 287 15.38 0.65 31.47
N ARG D 288 15.59 0.16 32.69
CA ARG D 288 15.97 1.04 33.79
C ARG D 288 17.43 1.45 33.77
N PHE D 289 18.19 0.93 32.82
CA PHE D 289 19.62 1.21 32.74
C PHE D 289 20.07 1.95 31.49
N GLN D 290 19.14 2.22 30.57
CA GLN D 290 19.46 2.84 29.29
C GLN D 290 20.14 4.17 29.45
N VAL D 291 19.47 5.04 30.20
CA VAL D 291 19.95 6.38 30.44
C VAL D 291 21.22 6.42 31.31
N PRO D 292 21.26 5.62 32.39
CA PRO D 292 22.54 5.55 33.11
C PRO D 292 23.71 5.20 32.19
N PHE D 293 23.50 4.22 31.32
CA PHE D 293 24.57 3.85 30.41
C PHE D 293 24.90 5.00 29.48
N GLN D 294 23.88 5.74 29.06
CA GLN D 294 24.12 6.92 28.25
C GLN D 294 25.05 7.87 29.00
N LEU D 295 24.81 8.06 30.30
CA LEU D 295 25.68 8.91 31.12
C LEU D 295 27.11 8.41 31.11
N LEU D 296 27.30 7.12 31.29
CA LEU D 296 28.65 6.57 31.26
C LEU D 296 29.34 6.86 29.92
N THR D 297 28.61 6.58 28.84
CA THR D 297 29.13 6.82 27.51
C THR D 297 29.56 8.27 27.35
N SER D 298 28.68 9.19 27.78
CA SER D 298 28.95 10.62 27.72
C SER D 298 30.21 11.02 28.49
N LEU D 299 30.40 10.42 29.67
CA LEU D 299 31.58 10.72 30.48
C LEU D 299 32.84 10.30 29.75
N MET D 300 32.81 9.08 29.21
CA MET D 300 33.92 8.59 28.42
C MET D 300 34.24 9.49 27.23
N ASP D 301 33.20 9.84 26.48
CA ASP D 301 33.35 10.71 25.32
C ASP D 301 33.98 12.04 25.71
N ILE D 302 33.46 12.66 26.77
CA ILE D 302 33.99 13.95 27.21
C ILE D 302 35.45 13.71 27.57
N ASP D 303 35.76 12.57 28.14
CA ASP D 303 37.12 12.32 28.45
C ASP D 303 37.87 12.40 27.17
N SER D 304 37.64 11.44 26.31
CA SER D 304 38.36 11.41 25.04
C SER D 304 38.58 12.76 24.39
N LEU D 305 37.50 13.51 24.23
CA LEU D 305 37.54 14.80 23.57
C LEU D 305 38.46 15.78 24.28
N MET D 306 38.47 15.75 25.61
CA MET D 306 39.37 16.61 26.39
C MET D 306 40.82 16.23 26.08
N THR D 307 41.07 14.92 25.95
CA THR D 307 42.39 14.44 25.55
C THR D 307 42.78 14.89 24.13
N LYS D 308 41.90 14.67 23.15
CA LYS D 308 42.10 15.12 21.77
C LYS D 308 42.39 16.62 21.69
N TRP D 309 41.73 17.40 22.52
CA TRP D 309 41.97 18.83 22.60
C TRP D 309 43.32 19.24 23.13
N ARG D 310 43.78 18.61 24.20
CA ARG D 310 45.07 18.96 24.76
C ARG D 310 46.11 18.67 23.73
N TYR D 311 45.94 17.52 23.10
CA TYR D 311 46.91 17.04 22.15
C TYR D 311 47.00 18.00 21.01
N ASN D 312 45.86 18.43 20.51
CA ASN D 312 45.87 19.38 19.42
C ASN D 312 46.47 20.65 19.88
N HIS D 313 46.18 21.04 21.12
CA HIS D 313 46.65 22.31 21.59
C HIS D 313 48.14 22.33 21.61
N VAL D 314 48.74 21.26 22.09
CA VAL D 314 50.19 21.23 22.18
C VAL D 314 50.83 21.30 20.82
N CYS D 315 50.25 20.58 19.87
CA CYS D 315 50.84 20.43 18.55
C CYS D 315 50.97 21.82 18.02
N MET D 316 49.97 22.63 18.29
CA MET D 316 49.96 23.96 17.77
C MET D 316 51.15 24.68 18.31
N VAL D 317 51.56 24.41 19.53
CA VAL D 317 52.65 25.21 20.04
C VAL D 317 54.04 24.81 19.57
N HIS D 318 54.30 23.52 19.42
CA HIS D 318 55.57 23.13 18.85
C HIS D 318 55.61 23.67 17.45
N ARG D 319 54.55 23.48 16.70
CA ARG D 319 54.60 23.84 15.31
C ARG D 319 54.91 25.29 15.28
N MET D 320 54.43 26.03 16.25
CA MET D 320 54.71 27.45 16.29
C MET D 320 55.89 27.74 17.21
N LEU D 321 56.54 26.69 17.68
CA LEU D 321 57.70 26.87 18.55
C LEU D 321 58.97 26.05 18.26
N GLY D 322 60.09 26.46 18.86
CA GLY D 322 61.36 25.82 18.60
C GLY D 322 61.65 24.72 19.58
N ARG D 343 47.03 5.89 30.13
CA ARG D 343 46.09 6.97 29.99
C ARG D 343 45.69 7.51 31.36
N TYR D 344 46.08 8.75 31.61
CA TYR D 344 45.89 9.40 32.87
C TYR D 344 44.41 9.67 33.06
N LYS D 345 43.63 9.45 32.01
CA LYS D 345 42.23 9.86 31.93
C LYS D 345 41.30 9.42 33.05
N VAL D 346 40.34 10.26 33.38
CA VAL D 346 39.61 10.12 34.60
C VAL D 346 38.41 9.22 34.63
N PHE D 347 38.08 8.53 33.57
CA PHE D 347 36.97 7.61 33.65
C PHE D 347 37.52 6.32 33.13
N VAL D 348 38.78 6.21 33.38
CA VAL D 348 39.59 5.23 32.77
C VAL D 348 39.00 3.90 33.12
N ASP D 349 38.47 3.80 34.30
CA ASP D 349 37.91 2.57 34.77
C ASP D 349 36.78 2.22 33.84
N LEU D 350 36.06 3.22 33.42
CA LEU D 350 34.93 3.05 32.54
C LEU D 350 35.32 2.48 31.18
N PHE D 351 36.41 2.98 30.66
CA PHE D 351 37.04 2.52 29.43
C PHE D 351 37.49 1.07 29.56
N ASN D 352 37.94 0.72 30.76
CA ASN D 352 38.49 -0.62 31.03
C ASN D 352 37.42 -1.69 31.25
N LEU D 353 36.17 -1.27 31.35
CA LEU D 353 35.03 -2.17 31.49
C LEU D 353 35.04 -3.31 30.46
N SER D 354 35.45 -2.98 29.24
CA SER D 354 35.43 -3.94 28.13
C SER D 354 36.30 -5.18 28.37
N THR D 355 37.39 -5.02 29.13
CA THR D 355 38.30 -6.13 29.41
C THR D 355 37.62 -7.25 30.20
N TYR D 356 36.57 -6.88 30.93
CA TYR D 356 35.84 -7.80 31.79
C TYR D 356 34.56 -8.29 31.10
N LEU D 357 34.60 -8.31 29.77
CA LEU D 357 33.46 -8.79 28.99
C LEU D 357 33.40 -10.31 29.11
N ILE D 358 32.19 -10.84 29.31
CA ILE D 358 32.03 -12.27 29.54
C ILE D 358 30.93 -12.81 28.64
N PRO D 359 30.91 -14.13 28.41
CA PRO D 359 29.80 -14.72 27.65
C PRO D 359 28.45 -14.32 28.26
N ARG D 360 27.45 -14.14 27.40
CA ARG D 360 26.15 -13.58 27.80
C ARG D 360 25.43 -14.30 28.95
N HIS D 361 25.44 -15.63 28.91
CA HIS D 361 24.69 -16.42 29.87
C HIS D 361 25.22 -16.35 31.29
N TRP D 362 26.47 -15.92 31.39
CA TRP D 362 27.12 -15.76 32.66
C TRP D 362 26.54 -14.62 33.41
N ILE D 363 25.44 -14.08 32.92
CA ILE D 363 24.86 -12.92 33.56
C ILE D 363 23.56 -13.32 34.18
N PRO D 364 23.45 -12.96 35.52
CA PRO D 364 22.25 -13.50 36.18
C PRO D 364 20.93 -12.97 35.70
N LYS D 365 19.93 -13.83 35.61
CA LYS D 365 18.66 -13.42 35.09
C LYS D 365 18.17 -12.25 35.90
N MET D 366 17.63 -11.26 35.20
CA MET D 366 17.29 -10.00 35.80
C MET D 366 15.86 -9.89 36.31
N ASN D 367 15.04 -10.85 35.96
CA ASN D 367 13.69 -10.88 36.49
C ASN D 367 13.31 -12.28 36.92
N ILE E 26 -29.19 -43.32 11.04
CA ILE E 26 -30.24 -42.66 11.77
C ILE E 26 -30.92 -41.58 10.93
N TYR E 27 -30.30 -41.23 9.83
CA TYR E 27 -30.72 -40.10 9.03
C TYR E 27 -32.12 -40.28 8.56
N GLY E 28 -32.44 -41.48 8.15
CA GLY E 28 -33.76 -41.77 7.67
C GLY E 28 -34.68 -41.74 8.83
N ASN E 29 -34.13 -42.11 9.97
CA ASN E 29 -34.88 -42.11 11.20
C ASN E 29 -35.08 -40.77 11.85
N TYR E 30 -34.07 -39.93 11.82
CA TYR E 30 -34.16 -38.63 12.43
C TYR E 30 -35.25 -37.92 11.73
N LEU E 31 -35.30 -38.08 10.43
CA LEU E 31 -36.19 -37.31 9.61
C LEU E 31 -37.52 -37.95 9.47
N HIS E 32 -37.66 -39.09 10.07
CA HIS E 32 -38.84 -39.85 9.91
C HIS E 32 -39.23 -39.99 8.51
N LEU E 33 -38.35 -40.52 7.69
CA LEU E 33 -38.67 -40.68 6.31
C LEU E 33 -39.55 -41.85 6.21
N GLU E 34 -39.75 -42.53 7.30
CA GLU E 34 -40.61 -43.68 7.22
C GLU E 34 -41.96 -43.16 6.84
N LYS E 35 -42.27 -41.95 7.28
CA LYS E 35 -43.51 -41.27 6.97
C LYS E 35 -43.44 -40.44 5.68
N VAL E 36 -42.44 -39.56 5.58
CA VAL E 36 -42.35 -38.60 4.47
C VAL E 36 -42.26 -39.29 3.10
N LEU E 37 -41.56 -40.42 3.05
CA LEU E 37 -41.35 -41.11 1.78
C LEU E 37 -42.32 -42.26 1.52
N ASN E 38 -43.35 -42.40 2.35
CA ASN E 38 -44.45 -43.33 2.07
C ASN E 38 -45.77 -42.58 2.07
N ALA E 39 -45.76 -41.36 1.55
CA ALA E 39 -46.94 -40.51 1.56
C ALA E 39 -47.33 -40.13 0.15
N GLN E 40 -46.84 -40.88 -0.82
CA GLN E 40 -47.08 -40.56 -2.23
C GLN E 40 -47.98 -41.60 -2.85
N GLU E 41 -49.29 -41.35 -2.79
CA GLU E 41 -50.26 -42.28 -3.36
C GLU E 41 -50.97 -41.66 -4.55
N LEU E 42 -50.58 -42.11 -5.74
CA LEU E 42 -51.21 -41.65 -6.98
C LEU E 42 -52.58 -42.28 -7.15
N GLN E 43 -53.61 -41.44 -7.20
CA GLN E 43 -54.98 -41.91 -7.39
C GLN E 43 -55.07 -42.68 -8.70
N SER E 44 -54.44 -42.14 -9.73
CA SER E 44 -54.38 -42.80 -11.04
C SER E 44 -53.91 -44.24 -10.91
N GLU E 45 -52.97 -44.48 -10.00
CA GLU E 45 -52.48 -45.84 -9.78
C GLU E 45 -53.56 -46.69 -9.12
N THR E 46 -54.24 -46.10 -8.14
CA THR E 46 -55.32 -46.78 -7.42
C THR E 46 -56.45 -47.15 -8.39
N LYS E 47 -56.70 -46.29 -9.36
CA LYS E 47 -57.77 -46.57 -10.31
C LYS E 47 -57.26 -47.21 -11.61
N GLY E 48 -56.23 -48.04 -11.49
CA GLY E 48 -55.81 -48.91 -12.59
C GLY E 48 -55.08 -48.24 -13.74
N ASN E 49 -55.07 -46.91 -13.76
CA ASN E 49 -54.47 -46.17 -14.86
C ASN E 49 -53.43 -45.13 -14.42
N LYS E 50 -52.27 -45.61 -13.96
CA LYS E 50 -51.18 -44.73 -13.49
C LYS E 50 -50.70 -43.68 -14.50
N ILE E 51 -50.69 -42.42 -14.08
CA ILE E 51 -50.21 -41.31 -14.91
C ILE E 51 -48.98 -40.66 -14.31
N HIS E 52 -47.90 -40.65 -15.09
CA HIS E 52 -46.57 -40.25 -14.66
C HIS E 52 -46.49 -38.88 -13.96
N ASP E 53 -47.08 -37.86 -14.57
CA ASP E 53 -46.91 -36.51 -14.04
C ASP E 53 -47.64 -36.22 -12.72
N GLU E 54 -48.53 -37.12 -12.31
CA GLU E 54 -49.27 -36.92 -11.06
C GLU E 54 -48.32 -36.91 -9.85
N HIS E 55 -47.25 -37.70 -9.95
CA HIS E 55 -46.29 -37.80 -8.87
C HIS E 55 -45.64 -36.44 -8.58
N LEU E 56 -45.29 -35.72 -9.64
CA LEU E 56 -44.72 -34.39 -9.53
C LEU E 56 -45.68 -33.44 -8.84
N PHE E 57 -46.94 -33.51 -9.27
CA PHE E 57 -48.02 -32.69 -8.74
C PHE E 57 -48.13 -32.89 -7.23
N ILE E 58 -48.04 -34.14 -6.82
CA ILE E 58 -48.06 -34.46 -5.40
C ILE E 58 -46.82 -33.90 -4.65
N ILE E 59 -45.62 -34.22 -5.14
CA ILE E 59 -44.38 -33.84 -4.46
C ILE E 59 -44.25 -32.32 -4.29
N THR E 60 -44.54 -31.58 -5.36
CA THR E 60 -44.47 -30.13 -5.31
C THR E 60 -45.31 -29.61 -4.14
N HIS E 61 -46.56 -30.09 -4.04
CA HIS E 61 -47.46 -29.64 -2.99
C HIS E 61 -47.05 -30.06 -1.60
N GLN E 62 -46.52 -31.27 -1.47
CA GLN E 62 -46.01 -31.73 -0.19
C GLN E 62 -44.85 -30.83 0.26
N ALA E 63 -44.02 -30.42 -0.69
CA ALA E 63 -42.90 -29.55 -0.40
C ALA E 63 -43.39 -28.19 0.07
N TYR E 64 -44.37 -27.66 -0.66
CA TYR E 64 -45.05 -26.43 -0.27
C TYR E 64 -45.55 -26.53 1.16
N GLU E 65 -46.17 -27.66 1.49
CA GLU E 65 -46.72 -27.84 2.82
C GLU E 65 -45.65 -27.90 3.89
N LEU E 66 -44.53 -28.56 3.58
CA LEU E 66 -43.38 -28.60 4.50
C LEU E 66 -42.90 -27.18 4.80
N TRP E 67 -42.72 -26.39 3.75
CA TRP E 67 -42.26 -25.03 3.95
C TRP E 67 -43.29 -24.16 4.67
N PHE E 68 -44.56 -24.42 4.40
CA PHE E 68 -45.64 -23.73 5.08
C PHE E 68 -45.59 -24.02 6.57
N LYS E 69 -45.33 -25.26 6.91
CA LYS E 69 -45.19 -25.62 8.31
C LYS E 69 -44.03 -24.85 8.93
N GLN E 70 -42.91 -24.75 8.20
CA GLN E 70 -41.77 -23.99 8.71
C GLN E 70 -42.09 -22.51 8.94
N ILE E 71 -42.70 -21.86 7.95
CA ILE E 71 -43.07 -20.46 8.05
C ILE E 71 -44.00 -20.24 9.24
N LEU E 72 -44.96 -21.15 9.45
CA LEU E 72 -45.83 -21.04 10.59
C LEU E 72 -45.04 -21.14 11.90
N TRP E 73 -44.07 -22.04 11.94
CA TRP E 73 -43.19 -22.20 13.10
C TRP E 73 -42.47 -20.86 13.42
N GLU E 74 -41.83 -20.30 12.41
CA GLU E 74 -41.10 -19.05 12.59
C GLU E 74 -42.05 -17.95 13.03
N LEU E 75 -43.16 -17.84 12.30
CA LEU E 75 -44.12 -16.78 12.50
C LEU E 75 -44.71 -16.82 13.90
N ASP E 76 -45.13 -18.00 14.33
CA ASP E 76 -45.69 -18.15 15.67
C ASP E 76 -44.65 -17.77 16.73
N SER E 77 -43.39 -18.20 16.53
CA SER E 77 -42.35 -17.83 17.49
C SER E 77 -42.21 -16.30 17.57
N VAL E 78 -42.26 -15.63 16.41
CA VAL E 78 -42.18 -14.17 16.33
C VAL E 78 -43.35 -13.50 17.06
N ARG E 79 -44.55 -14.00 16.82
CA ARG E 79 -45.75 -13.54 17.48
C ARG E 79 -45.61 -13.64 19.01
N GLU E 80 -45.16 -14.80 19.46
CA GLU E 80 -44.92 -15.04 20.86
C GLU E 80 -43.97 -14.00 21.44
N ILE E 81 -42.85 -13.77 20.76
CA ILE E 81 -41.90 -12.74 21.18
C ILE E 81 -42.61 -11.39 21.34
N PHE E 82 -43.43 -11.01 20.37
CA PHE E 82 -44.18 -9.77 20.48
C PHE E 82 -45.09 -9.73 21.71
N GLN E 83 -45.86 -10.79 21.90
CA GLN E 83 -46.91 -10.87 22.89
C GLN E 83 -46.35 -10.70 24.28
N ASN E 84 -45.14 -11.13 24.47
CA ASN E 84 -44.48 -11.06 25.75
C ASN E 84 -44.02 -9.70 26.18
N GLY E 85 -44.08 -8.74 25.30
CA GLY E 85 -43.83 -7.35 25.63
C GLY E 85 -42.42 -6.84 25.52
N HIS E 86 -41.49 -7.71 25.24
CA HIS E 86 -40.10 -7.33 25.32
C HIS E 86 -39.41 -7.20 24.00
N VAL E 87 -40.18 -7.01 22.96
CA VAL E 87 -39.61 -6.94 21.64
C VAL E 87 -38.66 -5.80 21.50
N ARG E 88 -38.77 -4.81 22.35
CA ARG E 88 -37.85 -3.70 22.31
C ARG E 88 -36.42 -4.07 22.67
N ASP E 89 -36.27 -4.98 23.61
CA ASP E 89 -34.96 -5.51 23.99
C ASP E 89 -34.22 -5.87 22.70
N GLU E 90 -33.05 -5.27 22.49
CA GLU E 90 -32.34 -5.38 21.21
C GLU E 90 -32.10 -6.84 20.77
N ARG E 91 -31.88 -7.72 21.74
CA ARG E 91 -31.71 -9.15 21.48
C ARG E 91 -32.94 -9.70 20.79
N ASN E 92 -34.09 -9.45 21.42
CA ASN E 92 -35.38 -9.96 20.94
C ASN E 92 -35.75 -9.36 19.59
N MET E 93 -35.50 -8.07 19.45
CA MET E 93 -35.75 -7.41 18.19
C MET E 93 -34.91 -8.04 17.08
N LEU E 94 -33.66 -8.36 17.38
CA LEU E 94 -32.79 -9.01 16.41
C LEU E 94 -33.32 -10.41 16.04
N LYS E 95 -33.76 -11.18 17.03
CA LYS E 95 -34.35 -12.49 16.78
C LYS E 95 -35.53 -12.38 15.80
N VAL E 96 -36.39 -11.40 16.07
CA VAL E 96 -37.57 -11.19 15.25
C VAL E 96 -37.17 -10.84 13.81
N VAL E 97 -36.27 -9.86 13.66
CA VAL E 97 -35.82 -9.45 12.33
C VAL E 97 -35.18 -10.60 11.55
N SER E 98 -34.39 -11.41 12.25
CA SER E 98 -33.70 -12.49 11.59
C SER E 98 -34.72 -13.50 11.11
N ARG E 99 -35.69 -13.82 11.95
CA ARG E 99 -36.69 -14.83 11.58
C ARG E 99 -37.67 -14.37 10.50
N MET E 100 -38.02 -13.09 10.53
CA MET E 100 -38.86 -12.56 9.48
C MET E 100 -38.09 -12.63 8.17
N HIS E 101 -36.81 -12.28 8.24
CA HIS E 101 -35.96 -12.43 7.07
C HIS E 101 -35.98 -13.87 6.56
N ARG E 102 -35.87 -14.83 7.48
CA ARG E 102 -35.88 -16.25 7.12
C ARG E 102 -37.14 -16.60 6.35
N VAL E 103 -38.27 -16.08 6.86
CA VAL E 103 -39.56 -16.27 6.20
C VAL E 103 -39.52 -15.69 4.79
N SER E 104 -38.90 -14.53 4.63
CA SER E 104 -38.71 -13.93 3.31
C SER E 104 -37.95 -14.86 2.36
N VAL E 105 -36.85 -15.44 2.86
CA VAL E 105 -36.04 -16.34 2.04
C VAL E 105 -36.84 -17.59 1.61
N ILE E 106 -37.51 -18.21 2.58
CA ILE E 106 -38.37 -19.35 2.28
C ILE E 106 -39.42 -19.00 1.22
N LEU E 107 -40.02 -17.82 1.37
CA LEU E 107 -41.01 -17.38 0.39
C LEU E 107 -40.42 -17.23 -1.01
N LYS E 108 -39.24 -16.62 -1.13
CA LYS E 108 -38.60 -16.53 -2.46
C LYS E 108 -38.40 -17.92 -3.05
N LEU E 109 -37.97 -18.86 -2.23
CA LEU E 109 -37.85 -20.23 -2.71
C LEU E 109 -39.19 -20.75 -3.21
N LEU E 110 -40.25 -20.50 -2.45
CA LEU E 110 -41.58 -20.97 -2.83
C LEU E 110 -42.03 -20.38 -4.16
N VAL E 111 -41.66 -19.12 -4.39
CA VAL E 111 -41.95 -18.50 -5.67
C VAL E 111 -41.15 -19.15 -6.78
N GLN E 112 -39.86 -19.38 -6.57
CA GLN E 112 -39.08 -20.08 -7.59
C GLN E 112 -39.57 -21.51 -7.84
N GLN E 113 -40.28 -22.08 -6.88
CA GLN E 113 -40.71 -23.47 -7.00
C GLN E 113 -41.77 -23.68 -8.09
N PHE E 114 -42.38 -22.61 -8.58
CA PHE E 114 -43.39 -22.73 -9.63
C PHE E 114 -42.78 -23.21 -10.96
N SER E 115 -41.48 -22.94 -11.11
CA SER E 115 -40.75 -23.35 -12.29
C SER E 115 -40.83 -24.87 -12.46
N ILE E 116 -41.00 -25.57 -11.35
CA ILE E 116 -41.10 -27.02 -11.39
C ILE E 116 -42.35 -27.39 -12.16
N LEU E 117 -43.49 -26.90 -11.71
CA LEU E 117 -44.78 -27.20 -12.35
C LEU E 117 -44.89 -26.63 -13.75
N GLU E 118 -44.07 -25.64 -14.07
CA GLU E 118 -44.06 -25.16 -15.43
C GLU E 118 -43.55 -26.22 -16.42
N THR E 119 -42.82 -27.22 -15.91
CA THR E 119 -42.30 -28.27 -16.78
C THR E 119 -43.36 -29.34 -17.01
N MET E 120 -44.56 -29.04 -16.55
CA MET E 120 -45.65 -29.98 -16.73
C MET E 120 -46.68 -29.50 -17.75
N THR E 121 -46.91 -30.26 -18.83
CA THR E 121 -47.88 -29.82 -19.84
C THR E 121 -49.31 -30.00 -19.34
N ALA E 122 -50.19 -29.10 -19.75
CA ALA E 122 -51.56 -29.11 -19.28
C ALA E 122 -52.29 -30.40 -19.69
N LEU E 123 -51.91 -30.95 -20.84
CA LEU E 123 -52.40 -32.25 -21.29
C LEU E 123 -52.14 -33.34 -20.25
N ASP E 124 -50.89 -33.43 -19.82
CA ASP E 124 -50.47 -34.42 -18.84
C ASP E 124 -51.22 -34.22 -17.52
N PHE E 125 -51.54 -32.97 -17.21
CA PHE E 125 -52.38 -32.65 -16.06
C PHE E 125 -53.77 -33.24 -16.20
N ASN E 126 -54.40 -32.97 -17.35
CA ASN E 126 -55.75 -33.45 -17.62
C ASN E 126 -55.86 -34.97 -17.69
N ASP E 127 -54.77 -35.66 -18.07
CA ASP E 127 -54.74 -37.12 -17.99
C ASP E 127 -55.00 -37.62 -16.56
N PHE E 128 -54.76 -36.77 -15.56
CA PHE E 128 -55.04 -37.14 -14.17
C PHE E 128 -55.97 -36.14 -13.45
N ARG E 129 -56.30 -35.06 -14.13
CA ARG E 129 -57.05 -34.00 -13.52
C ARG E 129 -58.33 -34.61 -13.07
N GLU E 130 -58.86 -35.49 -13.90
CA GLU E 130 -60.16 -36.07 -13.71
C GLU E 130 -60.15 -36.89 -12.44
N TYR E 131 -59.01 -36.95 -11.79
CA TYR E 131 -58.95 -37.69 -10.54
C TYR E 131 -59.08 -36.82 -9.31
N LEU E 132 -59.29 -35.53 -9.50
CA LEU E 132 -59.29 -34.63 -8.36
C LEU E 132 -60.66 -34.06 -7.98
N SER E 133 -61.06 -34.36 -6.74
CA SER E 133 -62.24 -33.82 -6.07
C SER E 133 -62.04 -32.36 -5.68
N PRO E 134 -60.72 -31.94 -5.64
CA PRO E 134 -60.56 -30.57 -5.12
C PRO E 134 -61.27 -29.58 -5.99
N ALA E 135 -61.51 -29.93 -7.24
CA ALA E 135 -62.16 -29.01 -8.14
C ALA E 135 -61.28 -27.77 -8.20
N SER E 136 -61.86 -26.58 -8.18
CA SER E 136 -61.04 -25.38 -8.23
C SER E 136 -60.16 -25.24 -7.00
N GLY E 137 -60.72 -25.55 -5.82
CA GLY E 137 -59.93 -25.67 -4.59
C GLY E 137 -60.53 -26.72 -3.68
N PHE E 138 -59.71 -27.62 -3.10
CA PHE E 138 -58.26 -27.76 -3.32
C PHE E 138 -57.28 -26.83 -2.63
N GLN E 139 -57.65 -26.27 -1.50
CA GLN E 139 -56.73 -25.36 -0.83
C GLN E 139 -56.22 -25.75 0.54
N SER E 140 -55.06 -25.20 0.85
CA SER E 140 -54.25 -25.50 2.00
C SER E 140 -54.78 -24.91 3.24
N LEU E 141 -54.91 -25.72 4.26
CA LEU E 141 -55.33 -25.21 5.52
C LEU E 141 -54.26 -24.30 6.03
N GLN E 142 -53.04 -24.76 5.87
CA GLN E 142 -51.90 -24.09 6.40
C GLN E 142 -51.73 -22.75 5.76
N PHE E 143 -51.90 -22.69 4.48
CA PHE E 143 -51.78 -21.39 3.85
C PHE E 143 -52.85 -20.45 4.44
N ARG E 144 -54.00 -21.03 4.79
CA ARG E 144 -55.08 -20.26 5.39
C ARG E 144 -54.67 -19.74 6.78
N LEU E 145 -54.16 -20.64 7.62
CA LEU E 145 -53.60 -20.28 8.91
C LEU E 145 -52.57 -19.16 8.75
N LEU E 146 -51.68 -19.32 7.78
CA LEU E 146 -50.64 -18.33 7.51
C LEU E 146 -51.23 -16.96 7.25
N GLU E 147 -52.13 -16.89 6.28
CA GLU E 147 -52.78 -15.64 5.89
C GLU E 147 -53.46 -14.99 7.10
N ASN E 148 -54.17 -15.81 7.87
CA ASN E 148 -54.84 -15.33 9.07
C ASN E 148 -53.88 -14.72 10.09
N LYS E 149 -52.84 -15.44 10.44
CA LYS E 149 -51.87 -14.93 11.40
C LYS E 149 -51.13 -13.69 10.96
N ILE E 150 -50.90 -13.54 9.67
CA ILE E 150 -50.27 -12.34 9.16
C ILE E 150 -51.20 -11.21 9.43
N GLY E 151 -52.48 -11.49 9.31
CA GLY E 151 -53.45 -10.44 9.42
C GLY E 151 -54.20 -10.06 8.18
N VAL E 152 -54.27 -10.96 7.23
CA VAL E 152 -55.15 -10.77 6.11
C VAL E 152 -56.59 -10.76 6.60
N LEU E 153 -57.39 -9.85 6.08
CA LEU E 153 -58.79 -9.79 6.43
C LEU E 153 -59.61 -10.78 5.63
N GLN E 154 -60.49 -11.49 6.31
CA GLN E 154 -61.35 -12.51 5.72
C GLN E 154 -60.77 -13.25 4.51
N GLU E 172 -60.65 -30.65 14.81
CA GLU E 172 -59.41 -30.07 15.31
C GLU E 172 -58.89 -28.97 14.37
N GLU E 173 -58.97 -29.24 13.07
CA GLU E 173 -58.55 -28.26 12.08
C GLU E 173 -59.41 -27.01 12.17
N ASN E 174 -60.70 -27.18 12.46
CA ASN E 174 -61.55 -26.02 12.63
C ASN E 174 -61.18 -25.22 13.86
N GLU E 175 -60.66 -25.89 14.86
CA GLU E 175 -60.27 -25.17 16.06
C GLU E 175 -58.99 -24.36 15.77
N LEU E 176 -58.07 -24.93 14.98
CA LEU E 176 -56.83 -24.23 14.60
C LEU E 176 -57.22 -23.00 13.79
N LEU E 177 -58.17 -23.19 12.88
CA LEU E 177 -58.66 -22.11 12.04
C LEU E 177 -59.26 -20.98 12.89
N LEU E 178 -60.11 -21.35 13.84
CA LEU E 178 -60.71 -20.34 14.71
C LEU E 178 -59.69 -19.58 15.51
N LYS E 179 -58.77 -20.30 16.16
CA LYS E 179 -57.70 -19.65 16.89
C LYS E 179 -56.94 -18.67 16.00
N SER E 180 -56.68 -19.09 14.76
CA SER E 180 -55.90 -18.26 13.85
C SER E 180 -56.66 -16.98 13.55
N GLU E 181 -57.98 -17.07 13.56
CA GLU E 181 -58.80 -15.87 13.33
C GLU E 181 -58.91 -14.98 14.57
N GLN E 182 -58.91 -15.62 15.74
CA GLN E 182 -59.12 -14.93 17.00
C GLN E 182 -57.87 -14.38 17.67
N GLU E 183 -56.78 -15.14 17.67
CA GLU E 183 -55.53 -14.73 18.33
C GLU E 183 -54.92 -13.50 17.66
N LYS E 184 -54.04 -12.80 18.36
CA LYS E 184 -53.46 -11.57 17.81
C LYS E 184 -52.64 -11.86 16.55
N THR E 185 -52.93 -11.13 15.49
CA THR E 185 -52.18 -11.27 14.24
C THR E 185 -50.87 -10.52 14.29
N LEU E 186 -50.00 -10.85 13.35
CA LEU E 186 -48.73 -10.15 13.24
C LEU E 186 -48.97 -8.66 13.03
N LEU E 187 -49.94 -8.33 12.18
CA LEU E 187 -50.27 -6.92 11.95
C LEU E 187 -50.65 -6.22 13.25
N GLU E 188 -51.53 -6.83 14.04
CA GLU E 188 -51.95 -6.22 15.29
C GLU E 188 -50.78 -6.02 16.28
N LEU E 189 -49.92 -7.02 16.40
CA LEU E 189 -48.79 -6.95 17.31
C LEU E 189 -47.82 -5.85 16.89
N VAL E 190 -47.57 -5.77 15.59
CA VAL E 190 -46.70 -4.73 15.05
C VAL E 190 -47.32 -3.35 15.26
N GLU E 191 -48.64 -3.27 15.08
CA GLU E 191 -49.41 -2.05 15.36
C GLU E 191 -49.22 -1.57 16.79
N ALA E 192 -49.39 -2.51 17.73
CA ALA E 192 -49.18 -2.23 19.13
C ALA E 192 -47.78 -1.69 19.35
N TRP E 193 -46.80 -2.40 18.79
CA TRP E 193 -45.39 -2.04 18.93
C TRP E 193 -45.10 -0.64 18.40
N LEU E 194 -45.67 -0.32 17.25
CA LEU E 194 -45.47 0.96 16.61
C LEU E 194 -46.09 2.07 17.43
N GLU E 195 -47.25 1.79 18.01
CA GLU E 195 -47.97 2.76 18.83
C GLU E 195 -47.13 3.25 19.99
N ARG E 196 -46.27 2.36 20.49
CA ARG E 196 -45.44 2.64 21.66
C ARG E 196 -44.04 3.11 21.29
N THR E 197 -43.89 3.66 20.07
CA THR E 197 -42.58 4.15 19.62
C THR E 197 -42.17 5.40 20.37
N PRO E 198 -41.06 5.32 21.11
CA PRO E 198 -40.53 6.47 21.87
C PRO E 198 -40.24 7.65 20.96
N GLY E 199 -40.79 8.81 21.31
CA GLY E 199 -40.59 10.02 20.54
C GLY E 199 -41.90 10.63 20.09
N LEU E 200 -42.99 9.87 20.25
CA LEU E 200 -44.31 10.32 19.81
C LEU E 200 -45.02 11.15 20.87
N GLU E 201 -44.45 11.16 22.06
CA GLU E 201 -45.13 11.75 23.17
C GLU E 201 -45.36 13.13 22.72
N PRO E 202 -46.67 13.58 22.90
CA PRO E 202 -46.88 14.92 22.36
C PRO E 202 -45.99 15.90 23.06
N HIS E 203 -45.91 15.77 24.37
CA HIS E 203 -45.02 16.63 25.12
C HIS E 203 -43.55 16.39 24.86
N GLY E 204 -43.15 15.13 24.86
CA GLY E 204 -41.74 14.81 24.94
C GLY E 204 -40.81 15.15 23.79
N PHE E 205 -41.16 14.78 22.58
CA PHE E 205 -40.40 15.19 21.42
C PHE E 205 -41.30 15.77 20.37
N ASN E 206 -42.59 15.53 20.55
CA ASN E 206 -43.59 16.11 19.70
C ASN E 206 -43.28 15.82 18.26
N PHE E 207 -42.91 14.59 17.97
CA PHE E 207 -42.59 14.33 16.58
C PHE E 207 -43.70 14.82 15.67
N TRP E 208 -44.94 14.46 16.00
CA TRP E 208 -46.05 14.73 15.10
C TRP E 208 -46.29 16.23 14.96
N GLY E 209 -46.26 16.94 16.09
CA GLY E 209 -46.45 18.38 16.08
C GLY E 209 -45.37 19.12 15.31
N LYS E 210 -44.12 18.87 15.67
CA LYS E 210 -42.99 19.48 14.97
C LYS E 210 -43.09 19.21 13.47
N LEU E 211 -43.45 17.99 13.12
CA LEU E 211 -43.57 17.59 11.71
C LEU E 211 -44.65 18.41 10.98
N GLU E 212 -45.83 18.55 11.58
CA GLU E 212 -46.90 19.38 11.01
C GLU E 212 -46.40 20.81 10.82
N LYS E 213 -45.73 21.32 11.84
CA LYS E 213 -45.14 22.66 11.80
C LYS E 213 -44.21 22.86 10.61
N ASN E 214 -43.23 21.98 10.51
CA ASN E 214 -42.25 22.05 9.44
C ASN E 214 -42.82 21.86 8.03
N ILE E 215 -43.76 20.93 7.87
CA ILE E 215 -44.35 20.69 6.55
C ILE E 215 -45.15 21.91 6.10
N THR E 216 -45.96 22.46 7.00
CA THR E 216 -46.73 23.66 6.68
C THR E 216 -45.80 24.84 6.36
N ARG E 217 -44.79 25.04 7.19
CA ARG E 217 -43.83 26.13 6.97
C ARG E 217 -43.18 26.01 5.60
N GLY E 218 -42.74 24.80 5.26
CA GLY E 218 -42.06 24.60 4.00
C GLY E 218 -43.01 24.76 2.84
N LEU E 219 -44.27 24.36 3.03
CA LEU E 219 -45.27 24.51 1.97
C LEU E 219 -45.60 25.97 1.68
N GLU E 220 -45.69 26.80 2.72
CA GLU E 220 -45.89 28.23 2.52
C GLU E 220 -44.70 28.86 1.80
N GLU E 221 -43.50 28.53 2.30
CA GLU E 221 -42.29 29.11 1.73
C GLU E 221 -42.19 28.75 0.26
N GLU E 222 -42.64 27.56 -0.10
CA GLU E 222 -42.61 27.17 -1.50
C GLU E 222 -43.74 27.89 -2.25
N PHE E 223 -44.86 28.09 -1.54
CA PHE E 223 -46.05 28.75 -2.09
C PHE E 223 -45.77 30.13 -2.66
N ILE E 224 -45.04 30.99 -1.95
CA ILE E 224 -44.85 32.31 -2.56
C ILE E 224 -43.95 32.30 -3.81
N ARG E 225 -42.86 31.53 -3.77
CA ARG E 225 -41.92 31.48 -4.89
C ARG E 225 -42.31 30.42 -5.93
N GLN E 238 -45.75 28.69 -14.42
CA GLN E 238 -46.07 28.15 -13.12
C GLN E 238 -47.14 27.10 -13.25
N VAL E 239 -47.23 26.21 -12.28
CA VAL E 239 -48.38 25.34 -12.23
C VAL E 239 -48.79 24.94 -10.82
N ALA E 240 -50.06 24.60 -10.69
CA ALA E 240 -50.73 24.45 -9.43
C ALA E 240 -50.73 23.00 -9.01
N GLU E 241 -49.96 22.19 -9.70
CA GLU E 241 -49.88 20.78 -9.39
C GLU E 241 -49.39 20.64 -7.96
N PHE E 242 -48.65 21.64 -7.52
CA PHE E 242 -48.03 21.55 -6.23
C PHE E 242 -49.18 21.36 -5.26
N GLN E 243 -50.30 22.04 -5.51
CA GLN E 243 -51.45 21.94 -4.63
C GLN E 243 -51.68 20.50 -4.27
N LYS E 244 -51.51 19.68 -5.30
CA LYS E 244 -51.62 18.24 -5.14
C LYS E 244 -50.75 17.60 -4.10
N GLN E 245 -49.48 17.98 -4.06
CA GLN E 245 -48.63 17.53 -2.98
C GLN E 245 -49.23 18.13 -1.74
N LYS E 246 -49.67 19.37 -1.87
CA LYS E 246 -50.21 20.10 -0.77
C LYS E 246 -51.39 19.33 -0.31
N GLU E 247 -52.15 18.83 -1.26
CA GLU E 247 -53.37 18.13 -0.91
C GLU E 247 -53.06 16.90 -0.10
N VAL E 248 -52.06 16.15 -0.54
CA VAL E 248 -51.78 14.85 0.05
C VAL E 248 -50.98 15.03 1.30
N LEU E 249 -49.95 15.83 1.19
CA LEU E 249 -49.13 16.09 2.36
C LEU E 249 -49.93 16.56 3.58
N LEU E 250 -50.83 17.50 3.38
CA LEU E 250 -51.63 18.03 4.48
C LEU E 250 -52.66 17.00 4.96
N SER E 251 -53.13 16.18 4.02
CA SER E 251 -54.12 15.14 4.34
C SER E 251 -53.64 14.16 5.40
N LEU E 252 -52.32 14.04 5.51
CA LEU E 252 -51.69 13.16 6.48
C LEU E 252 -52.16 13.42 7.92
N PHE E 253 -52.50 14.67 8.19
CA PHE E 253 -52.80 15.08 9.57
C PHE E 253 -54.30 15.09 9.88
N ASP E 254 -55.08 14.44 9.02
CA ASP E 254 -56.53 14.39 9.18
C ASP E 254 -56.98 13.04 9.74
N GLU E 255 -57.00 12.91 11.08
CA GLU E 255 -57.43 11.67 11.73
C GLU E 255 -58.76 11.09 11.21
N LYS E 256 -59.75 11.95 10.95
CA LYS E 256 -61.08 11.45 10.58
C LYS E 256 -61.06 10.75 9.22
N ARG E 257 -60.32 11.32 8.27
CA ARG E 257 -60.14 10.67 6.98
C ARG E 257 -59.47 9.32 7.15
N HIS E 258 -58.50 9.25 8.07
CA HIS E 258 -57.79 8.01 8.32
C HIS E 258 -58.71 6.94 8.90
N GLU E 259 -59.52 7.32 9.88
CA GLU E 259 -60.49 6.42 10.50
C GLU E 259 -61.51 5.96 9.44
N HIS E 260 -61.84 6.89 8.53
CA HIS E 260 -62.75 6.60 7.43
C HIS E 260 -62.20 5.52 6.52
N LEU E 261 -60.97 5.73 6.04
CA LEU E 261 -60.30 4.78 5.16
C LEU E 261 -60.09 3.45 5.88
N LEU E 262 -59.85 3.54 7.18
CA LEU E 262 -59.66 2.39 8.02
C LEU E 262 -60.92 1.54 7.99
N SER E 263 -62.06 2.20 8.14
CA SER E 263 -63.35 1.52 8.15
C SER E 263 -63.67 0.93 6.79
N LYS E 264 -63.24 1.62 5.73
CA LYS E 264 -63.39 1.12 4.37
C LYS E 264 -62.38 0.01 4.09
N GLY E 265 -61.38 -0.14 4.97
CA GLY E 265 -60.40 -1.19 4.82
C GLY E 265 -59.31 -0.84 3.82
N GLU E 266 -59.24 0.45 3.49
CA GLU E 266 -58.23 0.95 2.58
C GLU E 266 -56.97 1.26 3.35
N ARG E 267 -57.06 1.15 4.67
CA ARG E 267 -55.91 1.20 5.57
C ARG E 267 -56.06 0.20 6.72
N ARG E 268 -54.94 -0.23 7.29
CA ARG E 268 -54.99 -1.26 8.32
C ARG E 268 -54.39 -0.85 9.66
N LEU E 269 -53.45 0.10 9.64
CA LEU E 269 -52.83 0.51 10.89
C LEU E 269 -53.61 1.62 11.58
N SER E 270 -53.54 1.62 12.91
CA SER E 270 -54.08 2.73 13.68
C SER E 270 -53.32 4.00 13.32
N TYR E 271 -53.94 5.15 13.54
CA TYR E 271 -53.33 6.44 13.22
C TYR E 271 -51.98 6.63 13.92
N ARG E 272 -51.93 6.28 15.20
CA ARG E 272 -50.72 6.46 15.98
C ARG E 272 -49.61 5.54 15.47
N ALA E 273 -49.97 4.29 15.20
CA ALA E 273 -49.04 3.32 14.65
C ALA E 273 -48.41 3.89 13.37
N LEU E 274 -49.25 4.52 12.55
CA LEU E 274 -48.78 5.16 11.33
C LEU E 274 -47.76 6.25 11.65
N GLN E 275 -48.01 7.00 12.72
CA GLN E 275 -47.04 8.04 13.12
C GLN E 275 -45.69 7.41 13.49
N GLY E 276 -45.74 6.30 14.22
CA GLY E 276 -44.54 5.55 14.58
C GLY E 276 -43.79 5.05 13.35
N ALA E 277 -44.54 4.46 12.41
CA ALA E 277 -43.97 3.96 11.18
C ALA E 277 -43.26 5.06 10.42
N LEU E 278 -43.88 6.23 10.31
CA LEU E 278 -43.23 7.35 9.65
C LEU E 278 -42.01 7.82 10.42
N MET E 279 -42.05 7.71 11.73
CA MET E 279 -40.89 8.10 12.52
C MET E 279 -39.70 7.20 12.19
N ILE E 280 -39.94 5.89 12.16
CA ILE E 280 -38.91 4.93 11.77
C ILE E 280 -38.45 5.16 10.33
N TYR E 281 -39.41 5.38 9.45
CA TYR E 281 -39.17 5.63 8.03
C TYR E 281 -38.17 6.78 7.88
N PHE E 282 -38.49 7.90 8.53
CA PHE E 282 -37.70 9.13 8.42
C PHE E 282 -36.37 9.09 9.16
N TYR E 283 -36.30 8.41 10.30
CA TYR E 283 -35.07 8.40 11.07
C TYR E 283 -34.34 7.08 10.94
N ARG E 284 -34.47 6.44 9.78
CA ARG E 284 -33.96 5.09 9.57
C ARG E 284 -32.46 4.97 9.71
N GLU E 285 -31.75 6.05 9.37
CA GLU E 285 -30.30 6.03 9.35
C GLU E 285 -29.74 6.05 10.75
N GLU E 286 -30.58 6.42 11.72
CA GLU E 286 -30.14 6.46 13.10
C GLU E 286 -29.98 5.04 13.65
N PRO E 287 -28.85 4.78 14.32
CA PRO E 287 -28.50 3.50 14.95
C PRO E 287 -29.68 2.79 15.61
N ARG E 288 -30.45 3.53 16.40
CA ARG E 288 -31.53 2.93 17.15
C ARG E 288 -32.77 2.65 16.30
N PHE E 289 -32.74 3.06 15.04
CA PHE E 289 -33.85 2.86 14.12
C PHE E 289 -33.52 1.91 12.96
N GLN E 290 -32.27 1.50 12.86
CA GLN E 290 -31.82 0.65 11.77
C GLN E 290 -32.56 -0.69 11.77
N VAL E 291 -32.55 -1.35 12.92
CA VAL E 291 -33.18 -2.66 13.03
C VAL E 291 -34.71 -2.59 12.89
N PRO E 292 -35.36 -1.62 13.56
CA PRO E 292 -36.79 -1.45 13.28
C PRO E 292 -37.10 -1.30 11.81
N PHE E 293 -36.30 -0.51 11.10
CA PHE E 293 -36.55 -0.33 9.68
C PHE E 293 -36.35 -1.64 8.92
N GLN E 294 -35.38 -2.44 9.34
CA GLN E 294 -35.21 -3.76 8.76
C GLN E 294 -36.52 -4.55 8.92
N LEU E 295 -37.09 -4.49 10.12
CA LEU E 295 -38.36 -5.17 10.39
C LEU E 295 -39.46 -4.74 9.43
N LEU E 296 -39.61 -3.43 9.25
CA LEU E 296 -40.63 -2.93 8.34
C LEU E 296 -40.41 -3.50 6.94
N THR E 297 -39.16 -3.42 6.49
CA THR E 297 -38.77 -3.91 5.17
C THR E 297 -39.16 -5.38 5.01
N SER E 298 -38.85 -6.17 6.03
CA SER E 298 -39.18 -7.59 6.06
C SER E 298 -40.69 -7.82 5.93
N LEU E 299 -41.47 -7.02 6.66
CA LEU E 299 -42.93 -7.18 6.62
C LEU E 299 -43.47 -6.92 5.22
N MET E 300 -43.04 -5.82 4.62
CA MET E 300 -43.40 -5.51 3.23
C MET E 300 -42.98 -6.63 2.27
N ASP E 301 -41.75 -7.12 2.44
CA ASP E 301 -41.25 -8.19 1.60
C ASP E 301 -42.14 -9.41 1.67
N ILE E 302 -42.49 -9.81 2.89
CA ILE E 302 -43.36 -10.96 3.09
C ILE E 302 -44.73 -10.77 2.44
N ASP E 303 -45.31 -9.59 2.61
CA ASP E 303 -46.60 -9.30 1.98
C ASP E 303 -46.51 -9.45 0.45
N SER E 304 -45.52 -8.78 -0.13
CA SER E 304 -45.28 -8.86 -1.57
C SER E 304 -45.19 -10.31 -2.01
N LEU E 305 -44.30 -11.05 -1.37
CA LEU E 305 -44.03 -12.42 -1.76
C LEU E 305 -45.26 -13.33 -1.63
N MET E 306 -46.04 -13.11 -0.57
CA MET E 306 -47.26 -13.89 -0.37
C MET E 306 -48.24 -13.62 -1.50
N THR E 307 -48.32 -12.35 -1.91
CA THR E 307 -49.16 -11.98 -3.03
C THR E 307 -48.70 -12.65 -4.30
N LYS E 308 -47.40 -12.54 -4.56
CA LYS E 308 -46.76 -13.20 -5.69
C LYS E 308 -47.08 -14.68 -5.74
N TRP E 309 -47.00 -15.34 -4.59
CA TRP E 309 -47.27 -16.77 -4.53
C TRP E 309 -48.72 -17.09 -4.83
N ARG E 310 -49.63 -16.42 -4.13
CA ARG E 310 -51.07 -16.62 -4.33
C ARG E 310 -51.40 -16.41 -5.80
N TYR E 311 -50.78 -15.40 -6.39
CA TYR E 311 -50.95 -15.08 -7.80
C TYR E 311 -50.41 -16.12 -8.77
N ASN E 312 -49.23 -16.64 -8.48
CA ASN E 312 -48.66 -17.70 -9.27
C ASN E 312 -49.50 -18.92 -9.16
N HIS E 313 -50.02 -19.18 -7.98
CA HIS E 313 -50.76 -20.41 -7.79
C HIS E 313 -52.03 -20.48 -8.57
N VAL E 314 -52.80 -19.40 -8.54
CA VAL E 314 -54.09 -19.46 -9.19
C VAL E 314 -53.88 -19.61 -10.68
N CYS E 315 -52.93 -18.86 -11.19
CA CYS E 315 -52.75 -18.76 -12.60
C CYS E 315 -52.42 -20.12 -13.17
N MET E 316 -51.60 -20.88 -12.48
CA MET E 316 -51.26 -22.21 -12.95
C MET E 316 -52.54 -23.03 -13.00
N VAL E 317 -53.40 -22.81 -12.02
CA VAL E 317 -54.65 -23.51 -11.95
C VAL E 317 -55.48 -23.20 -13.20
N HIS E 318 -55.39 -21.95 -13.63
CA HIS E 318 -56.05 -21.56 -14.84
C HIS E 318 -55.43 -22.29 -16.01
N ARG E 319 -54.11 -22.32 -16.05
CA ARG E 319 -53.38 -23.03 -17.08
C ARG E 319 -53.68 -24.54 -17.13
N MET E 320 -54.10 -25.07 -16.00
CA MET E 320 -54.36 -26.49 -15.91
C MET E 320 -55.81 -26.82 -16.06
N LEU E 321 -56.61 -25.93 -16.63
CA LEU E 321 -57.98 -26.28 -16.96
C LEU E 321 -58.60 -25.53 -18.14
N GLY E 322 -59.28 -26.26 -19.02
CA GLY E 322 -60.05 -25.68 -20.10
C GLY E 322 -61.12 -24.76 -19.57
N SER E 323 -61.79 -25.21 -18.53
CA SER E 323 -62.73 -24.42 -17.78
C SER E 323 -62.12 -23.23 -17.07
N TYR E 344 -54.94 -10.33 0.00
CA TYR E 344 -54.83 -8.88 -0.04
C TYR E 344 -53.70 -8.36 0.83
N LYS E 345 -53.05 -7.29 0.39
CA LYS E 345 -51.88 -6.79 1.07
C LYS E 345 -52.23 -6.32 2.45
N VAL E 346 -51.33 -6.56 3.39
CA VAL E 346 -51.62 -6.30 4.76
C VAL E 346 -50.91 -5.10 5.23
N PHE E 347 -49.87 -4.68 4.55
CA PHE E 347 -49.06 -3.68 5.17
C PHE E 347 -49.03 -2.47 4.32
N VAL E 348 -50.02 -2.36 3.47
CA VAL E 348 -50.14 -1.18 2.63
C VAL E 348 -49.74 0.08 3.31
N ASP E 349 -50.09 0.23 4.55
CA ASP E 349 -49.67 1.44 5.23
C ASP E 349 -48.16 1.64 5.12
N LEU E 350 -47.40 0.57 5.22
CA LEU E 350 -45.95 0.66 5.10
C LEU E 350 -45.53 0.96 3.66
N PHE E 351 -46.20 0.32 2.71
CA PHE E 351 -45.97 0.59 1.30
C PHE E 351 -46.23 2.07 0.96
N ASN E 352 -47.23 2.65 1.62
CA ASN E 352 -47.63 4.03 1.32
C ASN E 352 -46.76 5.12 1.99
N LEU E 353 -45.88 4.72 2.90
CA LEU E 353 -44.96 5.66 3.55
C LEU E 353 -44.23 6.55 2.55
N SER E 354 -43.88 5.99 1.40
CA SER E 354 -43.16 6.73 0.38
C SER E 354 -43.92 7.96 -0.08
N THR E 355 -45.26 7.88 -0.06
CA THR E 355 -46.09 8.99 -0.51
C THR E 355 -45.86 10.25 0.33
N TYR E 356 -45.48 10.06 1.58
CA TYR E 356 -45.27 11.17 2.51
C TYR E 356 -43.79 11.50 2.68
N LEU E 357 -43.00 11.21 1.66
CA LEU E 357 -41.59 11.56 1.69
C LEU E 357 -41.46 13.07 1.44
N ILE E 358 -40.64 13.73 2.23
CA ILE E 358 -40.51 15.18 2.21
C ILE E 358 -39.06 15.62 2.10
N PRO E 359 -38.84 16.88 1.66
CA PRO E 359 -37.47 17.38 1.62
C PRO E 359 -36.80 17.14 2.95
N ARG E 360 -35.51 16.82 2.90
CA ARG E 360 -34.78 16.39 4.07
C ARG E 360 -34.83 17.36 5.25
N HIS E 361 -34.66 18.65 5.01
CA HIS E 361 -34.62 19.59 6.13
C HIS E 361 -35.94 19.78 6.87
N TRP E 362 -37.05 19.33 6.28
CA TRP E 362 -38.34 19.48 6.96
C TRP E 362 -38.46 18.46 8.07
N ILE E 363 -37.62 17.46 8.03
CA ILE E 363 -37.71 16.44 9.02
C ILE E 363 -37.19 17.04 10.30
N PRO E 364 -38.11 17.10 11.34
CA PRO E 364 -37.60 17.81 12.52
C PRO E 364 -36.40 17.11 13.02
N LYS E 365 -35.42 17.89 13.44
CA LYS E 365 -34.12 17.37 13.79
C LYS E 365 -34.10 16.58 15.07
N MET E 366 -33.34 15.49 15.04
CA MET E 366 -33.16 14.65 16.18
C MET E 366 -32.34 15.39 17.16
N ASN E 367 -32.65 15.26 18.44
CA ASN E 367 -31.87 15.92 19.46
C ASN E 367 -32.14 17.42 19.49
N LEU F 25 -62.17 -36.45 -3.20
CA LEU F 25 -61.31 -36.51 -2.01
C LEU F 25 -60.85 -35.12 -1.62
N ILE F 26 -59.85 -35.03 -0.74
CA ILE F 26 -59.45 -33.72 -0.26
C ILE F 26 -57.99 -33.44 -0.05
N TYR F 27 -57.68 -32.18 -0.31
CA TYR F 27 -56.35 -31.71 -0.50
C TYR F 27 -55.37 -32.23 0.46
N GLY F 28 -55.80 -32.86 1.53
CA GLY F 28 -54.85 -33.17 2.56
C GLY F 28 -54.94 -34.61 2.85
N ASN F 29 -55.90 -35.24 2.24
CA ASN F 29 -56.03 -36.64 2.42
C ASN F 29 -55.24 -37.22 1.30
N TYR F 30 -55.16 -36.43 0.24
CA TYR F 30 -54.57 -36.83 -1.01
C TYR F 30 -53.08 -36.65 -0.94
N LEU F 31 -52.64 -35.71 -0.13
CA LEU F 31 -51.23 -35.45 0.04
C LEU F 31 -50.79 -36.14 1.29
N HIS F 32 -51.65 -36.93 1.87
CA HIS F 32 -51.26 -37.66 3.07
C HIS F 32 -50.50 -36.79 4.08
N LEU F 33 -51.01 -35.59 4.33
CA LEU F 33 -50.36 -34.64 5.22
C LEU F 33 -50.33 -35.15 6.66
N GLU F 34 -51.17 -36.14 6.97
CA GLU F 34 -51.15 -36.77 8.29
C GLU F 34 -49.82 -37.47 8.51
N LYS F 35 -49.15 -37.83 7.41
CA LYS F 35 -47.80 -38.38 7.47
C LYS F 35 -46.76 -37.28 7.38
N VAL F 36 -46.84 -36.48 6.30
CA VAL F 36 -45.85 -35.47 6.00
C VAL F 36 -45.74 -34.41 7.08
N LEU F 37 -46.85 -33.98 7.62
CA LEU F 37 -46.82 -32.90 8.57
C LEU F 37 -46.74 -33.34 9.99
N ASN F 38 -46.65 -34.64 10.19
CA ASN F 38 -46.45 -35.21 11.51
C ASN F 38 -45.16 -35.99 11.61
N ALA F 39 -44.16 -35.59 10.85
CA ALA F 39 -42.87 -36.24 10.83
C ALA F 39 -41.75 -35.42 11.42
N GLN F 40 -42.08 -34.38 12.15
CA GLN F 40 -41.09 -33.42 12.62
C GLN F 40 -40.79 -33.61 14.11
N GLU F 41 -39.82 -34.46 14.42
CA GLU F 41 -39.48 -34.70 15.82
C GLU F 41 -38.08 -34.17 16.17
N LEU F 42 -38.08 -33.05 16.89
CA LEU F 42 -36.84 -32.41 17.32
C LEU F 42 -36.19 -33.20 18.44
N GLN F 43 -35.00 -33.74 18.17
CA GLN F 43 -34.27 -34.47 19.19
C GLN F 43 -34.00 -33.57 20.38
N SER F 44 -33.53 -32.35 20.13
CA SER F 44 -33.28 -31.41 21.20
C SER F 44 -34.50 -31.28 22.10
N GLU F 45 -35.69 -31.20 21.50
CA GLU F 45 -36.92 -31.08 22.28
C GLU F 45 -37.26 -32.40 22.97
N THR F 46 -37.04 -33.51 22.25
CA THR F 46 -37.30 -34.84 22.79
C THR F 46 -36.47 -35.15 24.04
N LYS F 47 -35.21 -34.73 24.07
CA LYS F 47 -34.38 -34.94 25.26
C LYS F 47 -34.28 -33.66 26.10
N GLY F 48 -35.41 -32.98 26.23
CA GLY F 48 -35.58 -31.90 27.19
C GLY F 48 -35.07 -30.49 26.95
N ASN F 49 -34.29 -30.24 25.90
CA ASN F 49 -33.78 -28.89 25.65
C ASN F 49 -34.08 -28.39 24.24
N LYS F 50 -35.33 -28.01 23.97
CA LYS F 50 -35.74 -27.57 22.63
C LYS F 50 -34.93 -26.43 22.03
N ILE F 51 -34.41 -26.64 20.83
CA ILE F 51 -33.67 -25.61 20.11
C ILE F 51 -34.45 -25.23 18.85
N HIS F 52 -34.82 -23.97 18.76
CA HIS F 52 -35.70 -23.49 17.70
C HIS F 52 -35.25 -23.88 16.29
N ASP F 53 -33.97 -23.67 15.97
CA ASP F 53 -33.50 -23.84 14.59
C ASP F 53 -33.41 -25.30 14.09
N GLU F 54 -33.52 -26.27 14.99
CA GLU F 54 -33.49 -27.67 14.59
C GLU F 54 -34.66 -27.98 13.67
N HIS F 55 -35.77 -27.28 13.86
CA HIS F 55 -36.96 -27.46 13.03
C HIS F 55 -36.65 -27.12 11.57
N LEU F 56 -35.95 -26.01 11.37
CA LEU F 56 -35.52 -25.60 10.04
C LEU F 56 -34.60 -26.65 9.48
N PHE F 57 -33.66 -27.09 10.32
CA PHE F 57 -32.72 -28.10 9.89
C PHE F 57 -33.43 -29.35 9.40
N ILE F 58 -34.45 -29.81 10.13
CA ILE F 58 -35.23 -30.99 9.74
C ILE F 58 -36.03 -30.77 8.43
N ILE F 59 -36.80 -29.68 8.39
CA ILE F 59 -37.65 -29.42 7.23
C ILE F 59 -36.85 -29.35 5.92
N THR F 60 -35.74 -28.61 5.89
CA THR F 60 -34.92 -28.49 4.65
C THR F 60 -34.50 -29.85 4.10
N HIS F 61 -34.01 -30.71 4.98
CA HIS F 61 -33.61 -32.05 4.56
C HIS F 61 -34.81 -32.89 4.11
N GLN F 62 -35.95 -32.73 4.78
CA GLN F 62 -37.14 -33.44 4.35
C GLN F 62 -37.55 -33.02 2.93
N ALA F 63 -37.43 -31.73 2.66
CA ALA F 63 -37.73 -31.21 1.32
C ALA F 63 -36.74 -31.78 0.29
N TYR F 64 -35.45 -31.77 0.65
CA TYR F 64 -34.42 -32.38 -0.17
C TYR F 64 -34.83 -33.79 -0.54
N GLU F 65 -35.25 -34.56 0.47
CA GLU F 65 -35.63 -35.96 0.27
C GLU F 65 -36.84 -36.14 -0.64
N LEU F 66 -37.83 -35.26 -0.48
CA LEU F 66 -38.98 -35.31 -1.38
C LEU F 66 -38.52 -35.14 -2.81
N TRP F 67 -37.74 -34.08 -3.05
CA TRP F 67 -37.29 -33.83 -4.42
C TRP F 67 -36.36 -34.94 -4.94
N PHE F 68 -35.60 -35.56 -4.04
CA PHE F 68 -34.79 -36.69 -4.47
C PHE F 68 -35.70 -37.79 -4.95
N LYS F 69 -36.80 -38.02 -4.23
CA LYS F 69 -37.73 -39.05 -4.66
C LYS F 69 -38.30 -38.75 -6.03
N GLN F 70 -38.66 -37.50 -6.25
CA GLN F 70 -39.17 -37.12 -7.56
C GLN F 70 -38.12 -37.37 -8.65
N ILE F 71 -36.89 -36.94 -8.39
CA ILE F 71 -35.81 -37.12 -9.36
C ILE F 71 -35.58 -38.59 -9.66
N LEU F 72 -35.61 -39.44 -8.63
CA LEU F 72 -35.49 -40.88 -8.82
C LEU F 72 -36.63 -41.44 -9.68
N TRP F 73 -37.83 -40.89 -9.48
CA TRP F 73 -38.99 -41.25 -10.28
C TRP F 73 -38.73 -41.00 -11.76
N GLU F 74 -38.38 -39.75 -12.07
CA GLU F 74 -38.13 -39.35 -13.46
C GLU F 74 -36.99 -40.16 -14.06
N LEU F 75 -35.89 -40.24 -13.31
CA LEU F 75 -34.67 -40.87 -13.77
C LEU F 75 -34.90 -42.35 -14.07
N ASP F 76 -35.55 -43.06 -13.16
CA ASP F 76 -35.85 -44.45 -13.41
C ASP F 76 -36.75 -44.60 -14.65
N SER F 77 -37.73 -43.69 -14.81
CA SER F 77 -38.58 -43.77 -16.00
C SER F 77 -37.79 -43.63 -17.32
N VAL F 78 -36.87 -42.68 -17.34
CA VAL F 78 -35.99 -42.46 -18.49
C VAL F 78 -35.11 -43.68 -18.74
N ARG F 79 -34.55 -44.22 -17.67
CA ARG F 79 -33.74 -45.43 -17.79
C ARG F 79 -34.53 -46.54 -18.46
N GLU F 80 -35.75 -46.80 -17.98
CA GLU F 80 -36.60 -47.82 -18.62
C GLU F 80 -36.85 -47.53 -20.10
N ILE F 81 -37.21 -46.29 -20.42
CA ILE F 81 -37.41 -45.94 -21.83
C ILE F 81 -36.19 -46.36 -22.66
N PHE F 82 -35.00 -46.05 -22.15
CA PHE F 82 -33.76 -46.46 -22.83
C PHE F 82 -33.69 -47.99 -22.97
N GLN F 83 -33.90 -48.69 -21.87
CA GLN F 83 -33.77 -50.15 -21.83
C GLN F 83 -34.71 -50.93 -22.78
N ASN F 84 -35.79 -50.30 -23.22
CA ASN F 84 -36.72 -51.00 -24.11
C ASN F 84 -36.35 -50.85 -25.59
N GLY F 85 -35.22 -50.21 -25.88
CA GLY F 85 -34.74 -50.18 -27.26
C GLY F 85 -35.37 -49.17 -28.21
N HIS F 86 -36.49 -48.58 -27.82
CA HIS F 86 -37.21 -47.69 -28.73
C HIS F 86 -37.04 -46.19 -28.42
N VAL F 87 -35.88 -45.83 -27.89
CA VAL F 87 -35.61 -44.44 -27.52
C VAL F 87 -35.57 -43.51 -28.71
N ARG F 88 -35.22 -44.04 -29.89
CA ARG F 88 -35.02 -43.17 -31.05
C ARG F 88 -36.32 -42.70 -31.65
N ASP F 89 -37.39 -43.46 -31.38
CA ASP F 89 -38.74 -43.05 -31.75
C ASP F 89 -39.03 -41.66 -31.15
N GLU F 90 -39.38 -40.69 -32.01
CA GLU F 90 -39.49 -39.28 -31.64
C GLU F 90 -40.33 -39.01 -30.39
N ARG F 91 -41.38 -39.80 -30.22
CA ARG F 91 -42.25 -39.70 -29.06
C ARG F 91 -41.48 -39.95 -27.76
N ASN F 92 -40.79 -41.09 -27.72
CA ASN F 92 -40.02 -41.49 -26.55
C ASN F 92 -38.87 -40.53 -26.30
N MET F 93 -38.23 -40.09 -27.38
CA MET F 93 -37.14 -39.13 -27.29
C MET F 93 -37.57 -37.82 -26.67
N LEU F 94 -38.75 -37.34 -27.08
CA LEU F 94 -39.30 -36.11 -26.53
C LEU F 94 -39.59 -36.29 -25.04
N LYS F 95 -40.17 -37.43 -24.69
CA LYS F 95 -40.39 -37.74 -23.29
C LYS F 95 -39.08 -37.65 -22.48
N VAL F 96 -38.03 -38.28 -23.03
CA VAL F 96 -36.73 -38.34 -22.37
C VAL F 96 -36.14 -36.95 -22.18
N VAL F 97 -36.12 -36.17 -23.25
CA VAL F 97 -35.57 -34.82 -23.17
C VAL F 97 -36.37 -33.96 -22.19
N SER F 98 -37.69 -34.10 -22.22
CA SER F 98 -38.53 -33.26 -21.36
C SER F 98 -38.30 -33.60 -19.88
N ARG F 99 -38.24 -34.89 -19.57
CA ARG F 99 -38.05 -35.31 -18.20
C ARG F 99 -36.63 -35.03 -17.66
N MET F 100 -35.62 -35.16 -18.53
CA MET F 100 -34.28 -34.82 -18.07
C MET F 100 -34.21 -33.34 -17.79
N HIS F 101 -34.81 -32.54 -18.68
CA HIS F 101 -34.87 -31.10 -18.46
C HIS F 101 -35.51 -30.79 -17.11
N ARG F 102 -36.57 -31.54 -16.81
CA ARG F 102 -37.24 -31.41 -15.53
C ARG F 102 -36.29 -31.64 -14.37
N VAL F 103 -35.51 -32.73 -14.46
CA VAL F 103 -34.56 -33.02 -13.41
C VAL F 103 -33.61 -31.83 -13.25
N SER F 104 -33.20 -31.26 -14.37
CA SER F 104 -32.37 -30.07 -14.33
C SER F 104 -33.04 -28.91 -13.55
N VAL F 105 -34.32 -28.66 -13.84
CA VAL F 105 -35.04 -27.57 -13.17
C VAL F 105 -35.16 -27.79 -11.65
N ILE F 106 -35.56 -28.99 -11.27
CA ILE F 106 -35.58 -29.40 -9.86
C ILE F 106 -34.23 -29.20 -9.16
N LEU F 107 -33.15 -29.64 -9.80
CA LEU F 107 -31.81 -29.48 -9.23
C LEU F 107 -31.45 -28.01 -9.04
N LYS F 108 -31.78 -27.17 -10.00
CA LYS F 108 -31.57 -25.74 -9.82
C LYS F 108 -32.33 -25.23 -8.59
N LEU F 109 -33.56 -25.70 -8.41
CA LEU F 109 -34.28 -25.33 -7.20
C LEU F 109 -33.54 -25.78 -5.92
N LEU F 110 -33.05 -27.01 -5.92
CA LEU F 110 -32.35 -27.54 -4.77
C LEU F 110 -31.09 -26.74 -4.45
N VAL F 111 -30.40 -26.30 -5.49
CA VAL F 111 -29.22 -25.47 -5.32
C VAL F 111 -29.61 -24.14 -4.68
N GLN F 112 -30.70 -23.54 -5.16
CA GLN F 112 -31.19 -22.30 -4.55
C GLN F 112 -31.63 -22.51 -3.08
N GLN F 113 -31.97 -23.75 -2.73
CA GLN F 113 -32.51 -24.05 -1.41
C GLN F 113 -31.48 -23.91 -0.27
N PHE F 114 -30.20 -23.86 -0.59
CA PHE F 114 -29.16 -23.70 0.43
C PHE F 114 -29.21 -22.32 1.09
N SER F 115 -29.80 -21.35 0.40
CA SER F 115 -29.94 -20.03 0.97
C SER F 115 -30.76 -20.07 2.25
N ILE F 116 -31.65 -21.07 2.37
CA ILE F 116 -32.48 -21.23 3.56
C ILE F 116 -31.61 -21.56 4.75
N LEU F 117 -30.82 -22.62 4.59
CA LEU F 117 -29.94 -23.11 5.64
C LEU F 117 -28.84 -22.10 5.96
N GLU F 118 -28.59 -21.17 5.04
CA GLU F 118 -27.68 -20.08 5.33
C GLU F 118 -28.17 -19.12 6.38
N THR F 119 -29.48 -19.09 6.63
CA THR F 119 -30.07 -18.16 7.59
C THR F 119 -29.95 -18.69 9.00
N MET F 120 -29.24 -19.82 9.10
CA MET F 120 -29.00 -20.48 10.36
C MET F 120 -27.56 -20.35 10.81
N THR F 121 -27.33 -19.79 11.99
CA THR F 121 -25.96 -19.59 12.47
C THR F 121 -25.30 -20.88 12.96
N ALA F 122 -23.98 -20.94 12.83
CA ALA F 122 -23.19 -22.10 13.22
C ALA F 122 -23.32 -22.35 14.72
N LEU F 123 -23.44 -21.26 15.47
CA LEU F 123 -23.69 -21.29 16.90
C LEU F 123 -24.96 -22.06 17.23
N ASP F 124 -26.07 -21.61 16.65
CA ASP F 124 -27.37 -22.24 16.90
C ASP F 124 -27.41 -23.68 16.40
N PHE F 125 -26.69 -23.97 15.32
CA PHE F 125 -26.59 -25.36 14.88
C PHE F 125 -25.89 -26.15 15.98
N ASN F 126 -24.79 -25.59 16.49
CA ASN F 126 -24.03 -26.26 17.55
C ASN F 126 -24.83 -26.50 18.81
N ASP F 127 -25.78 -25.60 19.07
CA ASP F 127 -26.72 -25.75 20.16
C ASP F 127 -27.50 -27.07 20.16
N PHE F 128 -27.65 -27.72 19.00
CA PHE F 128 -28.41 -28.97 18.96
C PHE F 128 -27.71 -30.20 18.35
N ARG F 129 -26.53 -29.95 17.81
CA ARG F 129 -25.79 -30.95 17.07
C ARG F 129 -25.57 -32.11 17.99
N GLU F 130 -25.44 -31.81 19.27
CA GLU F 130 -25.12 -32.85 20.21
C GLU F 130 -26.20 -33.89 20.20
N TYR F 131 -27.44 -33.47 20.12
CA TYR F 131 -28.56 -34.39 20.18
C TYR F 131 -28.75 -35.38 19.06
N LEU F 132 -28.60 -34.94 17.82
CA LEU F 132 -28.74 -35.84 16.70
C LEU F 132 -27.37 -36.32 16.49
N SER F 133 -27.23 -37.34 15.65
CA SER F 133 -25.93 -37.83 15.31
C SER F 133 -26.05 -39.13 14.50
N PRO F 134 -24.91 -39.94 14.32
CA PRO F 134 -23.62 -39.27 14.45
C PRO F 134 -22.90 -39.33 13.13
N ALA F 135 -22.36 -38.22 12.67
CA ALA F 135 -21.81 -38.19 11.35
C ALA F 135 -20.72 -39.25 11.29
N SER F 136 -20.69 -40.04 10.21
CA SER F 136 -21.79 -40.13 9.24
C SER F 136 -22.21 -41.57 9.08
N GLY F 137 -23.39 -41.89 9.56
CA GLY F 137 -24.12 -40.85 10.21
C GLY F 137 -25.13 -40.26 9.25
N PHE F 138 -24.97 -38.99 9.01
CA PHE F 138 -25.90 -38.23 8.21
C PHE F 138 -25.76 -38.40 6.69
N GLN F 139 -26.10 -39.53 6.12
CA GLN F 139 -26.11 -39.51 4.68
C GLN F 139 -27.33 -40.16 4.06
N SER F 140 -27.72 -39.61 2.93
CA SER F 140 -28.99 -39.84 2.28
C SER F 140 -29.01 -41.06 1.42
N LEU F 141 -29.81 -42.03 1.76
CA LEU F 141 -29.85 -43.18 0.94
C LEU F 141 -30.18 -42.76 -0.44
N GLN F 142 -31.18 -41.90 -0.59
CA GLN F 142 -31.70 -41.56 -1.90
C GLN F 142 -30.69 -40.82 -2.78
N PHE F 143 -29.89 -39.95 -2.19
CA PHE F 143 -28.90 -39.24 -2.97
C PHE F 143 -27.88 -40.20 -3.53
N ARG F 144 -27.61 -41.23 -2.73
CA ARG F 144 -26.65 -42.28 -3.05
C ARG F 144 -27.19 -43.04 -4.26
N LEU F 145 -28.45 -43.46 -4.15
CA LEU F 145 -29.15 -44.10 -5.26
C LEU F 145 -29.09 -43.24 -6.53
N LEU F 146 -29.32 -41.94 -6.37
CA LEU F 146 -29.27 -41.01 -7.49
C LEU F 146 -27.91 -41.03 -8.17
N GLU F 147 -26.84 -40.85 -7.40
CA GLU F 147 -25.48 -40.87 -7.96
C GLU F 147 -25.17 -42.18 -8.68
N ASN F 148 -25.56 -43.30 -8.07
CA ASN F 148 -25.36 -44.61 -8.68
C ASN F 148 -26.07 -44.75 -10.03
N LYS F 149 -27.33 -44.41 -10.04
CA LYS F 149 -28.11 -44.51 -11.23
C LYS F 149 -27.60 -43.59 -12.32
N ILE F 150 -27.02 -42.46 -11.96
CA ILE F 150 -26.53 -41.52 -12.97
C ILE F 150 -25.45 -42.06 -13.88
N GLY F 151 -24.45 -42.70 -13.34
CA GLY F 151 -24.28 -42.79 -11.93
C GLY F 151 -22.85 -42.41 -11.87
N VAL F 152 -22.45 -41.85 -10.77
CA VAL F 152 -21.09 -41.41 -10.62
C VAL F 152 -20.10 -42.55 -10.40
N LEU F 153 -18.82 -42.23 -10.56
CA LEU F 153 -17.73 -43.08 -10.17
C LEU F 153 -17.63 -43.09 -8.65
N GLN F 154 -17.32 -44.22 -8.06
CA GLN F 154 -17.15 -44.27 -6.62
C GLN F 154 -15.75 -43.85 -6.18
N PHE F 169 -22.95 -47.82 6.52
CA PHE F 169 -23.52 -48.99 5.84
C PHE F 169 -24.93 -49.33 6.39
N LYS F 170 -25.79 -49.95 5.58
CA LYS F 170 -27.07 -50.46 6.06
C LYS F 170 -27.68 -51.55 5.15
N GLY F 171 -28.66 -52.30 5.63
CA GLY F 171 -29.52 -53.17 4.82
C GLY F 171 -30.71 -53.30 5.72
N GLU F 172 -31.94 -53.63 5.29
CA GLU F 172 -32.35 -54.18 4.01
C GLU F 172 -32.77 -53.08 3.07
N GLU F 173 -32.39 -51.87 3.43
CA GLU F 173 -32.35 -50.76 2.52
C GLU F 173 -31.35 -51.17 1.47
N ASN F 174 -30.31 -51.87 1.88
CA ASN F 174 -29.16 -52.14 1.04
C ASN F 174 -29.45 -52.91 -0.20
N GLU F 175 -30.47 -53.74 -0.18
CA GLU F 175 -30.79 -54.54 -1.34
C GLU F 175 -31.05 -53.57 -2.45
N LEU F 176 -31.72 -52.49 -2.10
CA LEU F 176 -31.99 -51.40 -2.99
C LEU F 176 -30.71 -50.72 -3.41
N LEU F 177 -29.79 -50.54 -2.48
CA LEU F 177 -28.58 -49.83 -2.81
C LEU F 177 -27.79 -50.56 -3.86
N LEU F 178 -27.63 -51.85 -3.68
CA LEU F 178 -26.78 -52.62 -4.57
C LEU F 178 -27.36 -52.61 -5.94
N LYS F 179 -28.66 -52.79 -6.03
CA LYS F 179 -29.31 -52.87 -7.31
C LYS F 179 -29.04 -51.60 -8.01
N SER F 180 -28.90 -50.52 -7.26
CA SER F 180 -28.56 -49.27 -7.86
C SER F 180 -27.23 -49.46 -8.53
N GLU F 181 -26.31 -50.12 -7.85
CA GLU F 181 -25.00 -50.40 -8.42
C GLU F 181 -24.94 -51.43 -9.53
N GLN F 182 -25.67 -52.51 -9.37
CA GLN F 182 -25.72 -53.55 -10.37
C GLN F 182 -26.39 -53.22 -11.67
N GLU F 183 -27.53 -52.54 -11.61
CA GLU F 183 -28.35 -52.22 -12.77
C GLU F 183 -27.67 -51.19 -13.67
N LYS F 184 -28.17 -51.07 -14.89
CA LYS F 184 -27.61 -50.17 -15.88
C LYS F 184 -27.76 -48.72 -15.42
N THR F 185 -26.66 -47.97 -15.49
CA THR F 185 -26.67 -46.56 -15.13
C THR F 185 -27.21 -45.75 -16.29
N LEU F 186 -27.59 -44.51 -16.04
CA LEU F 186 -28.03 -43.63 -17.11
C LEU F 186 -26.90 -43.44 -18.10
N LEU F 187 -25.69 -43.27 -17.58
CA LEU F 187 -24.50 -43.11 -18.41
C LEU F 187 -24.33 -44.26 -19.40
N GLU F 188 -24.43 -45.48 -18.92
CA GLU F 188 -24.29 -46.65 -19.78
C GLU F 188 -25.34 -46.69 -20.88
N LEU F 189 -26.60 -46.40 -20.51
CA LEU F 189 -27.70 -46.43 -21.46
C LEU F 189 -27.51 -45.35 -22.54
N VAL F 190 -27.08 -44.17 -22.11
CA VAL F 190 -26.79 -43.08 -23.03
C VAL F 190 -25.64 -43.44 -23.95
N GLU F 191 -24.61 -44.10 -23.41
CA GLU F 191 -23.50 -44.61 -24.19
C GLU F 191 -23.97 -45.56 -25.30
N ALA F 192 -24.80 -46.52 -24.92
CA ALA F 192 -25.37 -47.45 -25.90
C ALA F 192 -26.08 -46.68 -26.99
N TRP F 193 -26.93 -45.74 -26.59
CA TRP F 193 -27.67 -44.92 -27.55
C TRP F 193 -26.75 -44.16 -28.50
N LEU F 194 -25.68 -43.59 -27.96
CA LEU F 194 -24.74 -42.81 -28.75
C LEU F 194 -24.00 -43.67 -29.76
N GLU F 195 -23.63 -44.88 -29.37
CA GLU F 195 -22.87 -45.77 -30.25
C GLU F 195 -23.54 -46.09 -31.59
N ARG F 196 -24.86 -46.22 -31.58
CA ARG F 196 -25.64 -46.57 -32.77
C ARG F 196 -26.19 -45.35 -33.46
N THR F 197 -25.50 -44.22 -33.28
CA THR F 197 -25.91 -42.98 -33.90
C THR F 197 -25.71 -43.13 -35.39
N PRO F 198 -26.80 -42.98 -36.16
CA PRO F 198 -26.71 -43.11 -37.62
C PRO F 198 -25.70 -42.12 -38.22
N GLY F 199 -24.78 -42.66 -39.01
CA GLY F 199 -23.74 -41.87 -39.65
C GLY F 199 -22.36 -42.39 -39.33
N LEU F 200 -22.29 -43.29 -38.36
CA LEU F 200 -21.01 -43.83 -37.92
C LEU F 200 -20.56 -45.03 -38.74
N GLU F 201 -21.50 -45.62 -39.49
CA GLU F 201 -21.22 -46.77 -40.33
C GLU F 201 -20.13 -46.42 -41.35
N PRO F 202 -19.03 -47.15 -41.30
CA PRO F 202 -17.84 -46.89 -42.09
C PRO F 202 -18.02 -47.06 -43.58
N HIS F 203 -18.69 -48.11 -43.99
CA HIS F 203 -19.04 -48.25 -45.38
C HIS F 203 -20.47 -47.86 -45.30
N GLY F 204 -20.75 -46.65 -45.72
CA GLY F 204 -21.95 -45.95 -45.32
C GLY F 204 -21.50 -44.52 -45.20
N PHE F 205 -22.11 -43.74 -44.32
CA PHE F 205 -21.69 -42.37 -44.19
C PHE F 205 -20.26 -42.29 -43.69
N ASN F 206 -19.90 -43.15 -42.76
CA ASN F 206 -18.53 -43.16 -42.30
C ASN F 206 -18.06 -41.76 -41.90
N PHE F 207 -18.75 -41.15 -40.96
CA PHE F 207 -18.49 -39.77 -40.59
C PHE F 207 -17.11 -39.63 -39.98
N TRP F 208 -16.68 -40.61 -39.23
CA TRP F 208 -15.40 -40.50 -38.54
C TRP F 208 -14.25 -40.42 -39.53
N GLY F 209 -14.32 -41.25 -40.58
CA GLY F 209 -13.30 -41.24 -41.63
C GLY F 209 -13.22 -39.91 -42.34
N LYS F 210 -14.36 -39.42 -42.83
CA LYS F 210 -14.42 -38.11 -43.48
C LYS F 210 -13.86 -37.01 -42.56
N LEU F 211 -14.23 -37.06 -41.27
CA LEU F 211 -13.76 -36.07 -40.31
C LEU F 211 -12.25 -36.09 -40.14
N GLU F 212 -11.69 -37.29 -39.97
CA GLU F 212 -10.23 -37.42 -39.90
C GLU F 212 -9.55 -36.89 -41.15
N LYS F 213 -10.08 -37.26 -42.31
CA LYS F 213 -9.51 -36.83 -43.58
C LYS F 213 -9.50 -35.29 -43.68
N ASN F 214 -10.66 -34.68 -43.48
CA ASN F 214 -10.78 -33.23 -43.58
C ASN F 214 -9.91 -32.50 -42.56
N ILE F 215 -9.84 -33.02 -41.34
CA ILE F 215 -9.04 -32.39 -40.29
C ILE F 215 -7.55 -32.49 -40.62
N THR F 216 -7.11 -33.67 -41.06
CA THR F 216 -5.71 -33.89 -41.42
C THR F 216 -5.32 -32.98 -42.58
N ARG F 217 -6.15 -32.98 -43.62
CA ARG F 217 -5.95 -32.12 -44.78
C ARG F 217 -5.86 -30.65 -44.38
N GLY F 218 -6.79 -30.21 -43.54
CA GLY F 218 -6.88 -28.81 -43.15
C GLY F 218 -5.71 -28.39 -42.30
N LEU F 219 -5.23 -29.31 -41.50
CA LEU F 219 -4.03 -29.06 -40.74
C LEU F 219 -2.78 -28.94 -41.58
N GLU F 220 -2.65 -29.80 -42.58
CA GLU F 220 -1.48 -29.73 -43.44
C GLU F 220 -1.52 -28.40 -44.13
N GLU F 221 -2.70 -28.07 -44.63
CA GLU F 221 -2.85 -26.87 -45.39
C GLU F 221 -2.53 -25.73 -44.47
N GLU F 222 -3.02 -25.83 -43.26
CA GLU F 222 -2.76 -24.78 -42.29
C GLU F 222 -1.30 -24.68 -41.92
N PHE F 223 -0.61 -25.80 -41.98
CA PHE F 223 0.81 -25.81 -41.72
C PHE F 223 1.56 -25.01 -42.76
N ILE F 224 1.30 -25.34 -44.00
CA ILE F 224 1.95 -24.68 -45.08
C ILE F 224 1.73 -23.19 -44.97
N ARG F 225 0.49 -22.77 -44.80
CA ARG F 225 0.14 -21.35 -44.83
C ARG F 225 1.01 -20.66 -43.79
N ILE F 226 1.29 -21.40 -42.75
CA ILE F 226 2.21 -20.97 -41.76
C ILE F 226 3.66 -20.84 -42.20
N GLN F 227 4.15 -21.79 -42.99
CA GLN F 227 5.57 -21.75 -43.36
C GLN F 227 5.81 -21.31 -44.79
N ALA F 228 6.29 -20.09 -44.99
CA ALA F 228 6.45 -19.10 -43.93
C ALA F 228 5.84 -17.77 -44.27
N LYS F 229 5.23 -17.14 -43.28
CA LYS F 229 5.09 -15.71 -43.24
C LYS F 229 5.18 -15.44 -41.77
N GLU F 230 5.70 -14.28 -41.35
CA GLU F 230 6.08 -13.19 -42.23
C GLU F 230 7.26 -13.54 -43.12
N GLN F 238 4.12 -15.75 -33.19
CA GLN F 238 4.38 -17.10 -32.72
C GLN F 238 3.94 -18.17 -33.73
N VAL F 239 4.35 -19.41 -33.49
CA VAL F 239 4.01 -20.57 -34.33
C VAL F 239 3.37 -21.66 -33.46
N ALA F 240 3.82 -21.73 -32.21
CA ALA F 240 3.41 -22.73 -31.22
C ALA F 240 1.90 -22.91 -31.07
N GLU F 241 1.14 -21.84 -31.26
CA GLU F 241 -0.32 -21.90 -31.13
C GLU F 241 -0.92 -22.95 -32.07
N PHE F 242 -0.32 -23.09 -33.25
CA PHE F 242 -0.74 -24.12 -34.21
C PHE F 242 -0.50 -25.52 -33.67
N GLN F 243 0.65 -25.74 -33.06
CA GLN F 243 1.06 -27.07 -32.61
C GLN F 243 0.11 -27.64 -31.55
N LYS F 244 -0.38 -26.75 -30.70
CA LYS F 244 -1.32 -27.14 -29.66
C LYS F 244 -2.61 -27.63 -30.29
N GLN F 245 -3.15 -26.82 -31.21
CA GLN F 245 -4.36 -27.20 -31.92
C GLN F 245 -4.21 -28.52 -32.69
N LYS F 246 -3.08 -28.70 -33.38
CA LYS F 246 -2.85 -29.94 -34.12
C LYS F 246 -2.81 -31.16 -33.21
N GLU F 247 -2.09 -31.03 -32.11
CA GLU F 247 -1.94 -32.15 -31.20
C GLU F 247 -3.30 -32.53 -30.62
N VAL F 248 -4.04 -31.50 -30.17
CA VAL F 248 -5.37 -31.73 -29.61
C VAL F 248 -6.34 -32.34 -30.62
N LEU F 249 -6.47 -31.70 -31.76
CA LEU F 249 -7.39 -32.15 -32.80
C LEU F 249 -7.09 -33.57 -33.27
N LEU F 250 -5.81 -33.87 -33.52
CA LEU F 250 -5.45 -35.21 -33.96
C LEU F 250 -5.57 -36.27 -32.88
N SER F 251 -5.33 -35.89 -31.63
CA SER F 251 -5.41 -36.83 -30.52
C SER F 251 -6.78 -37.50 -30.47
N LEU F 252 -7.77 -36.81 -31.03
CA LEU F 252 -9.11 -37.35 -31.15
C LEU F 252 -9.14 -38.69 -31.89
N PHE F 253 -8.22 -38.86 -32.82
CA PHE F 253 -8.25 -40.03 -33.70
C PHE F 253 -7.31 -41.10 -33.19
N ASP F 254 -6.92 -40.92 -31.94
CA ASP F 254 -6.01 -41.82 -31.26
C ASP F 254 -6.77 -42.72 -30.29
N GLU F 255 -7.33 -43.82 -30.80
CA GLU F 255 -8.10 -44.75 -29.98
C GLU F 255 -7.39 -45.21 -28.69
N LYS F 256 -6.08 -45.44 -28.78
CA LYS F 256 -5.35 -45.97 -27.64
C LYS F 256 -5.24 -44.96 -26.50
N ARG F 257 -4.98 -43.71 -26.84
CA ARG F 257 -4.96 -42.66 -25.83
C ARG F 257 -6.34 -42.58 -25.15
N HIS F 258 -7.39 -42.76 -25.95
CA HIS F 258 -8.74 -42.73 -25.40
C HIS F 258 -8.98 -43.86 -24.42
N GLU F 259 -8.57 -45.08 -24.79
CA GLU F 259 -8.72 -46.21 -23.88
C GLU F 259 -7.91 -46.02 -22.61
N HIS F 260 -6.70 -45.46 -22.77
CA HIS F 260 -5.83 -45.22 -21.64
C HIS F 260 -6.53 -44.29 -20.67
N LEU F 261 -7.04 -43.16 -21.18
CA LEU F 261 -7.78 -42.20 -20.36
C LEU F 261 -9.08 -42.79 -19.77
N LEU F 262 -9.70 -43.71 -20.50
CA LEU F 262 -10.90 -44.37 -19.99
C LEU F 262 -10.54 -45.11 -18.71
N SER F 263 -9.45 -45.85 -18.77
CA SER F 263 -8.99 -46.62 -17.61
C SER F 263 -8.47 -45.70 -16.50
N LYS F 264 -7.92 -44.57 -16.91
CA LYS F 264 -7.45 -43.53 -16.02
C LYS F 264 -8.61 -42.76 -15.37
N GLY F 265 -9.80 -42.88 -15.95
CA GLY F 265 -10.98 -42.21 -15.43
C GLY F 265 -11.10 -40.74 -15.80
N GLU F 266 -10.30 -40.27 -16.76
CA GLU F 266 -10.42 -38.89 -17.28
C GLU F 266 -11.41 -38.79 -18.42
N ARG F 267 -11.87 -39.94 -18.89
CA ARG F 267 -12.95 -40.03 -19.87
C ARG F 267 -13.83 -41.21 -19.47
N ARG F 268 -15.11 -41.18 -19.85
CA ARG F 268 -16.03 -42.21 -19.41
C ARG F 268 -16.80 -42.90 -20.54
N LEU F 269 -16.93 -42.22 -21.67
CA LEU F 269 -17.67 -42.79 -22.80
C LEU F 269 -16.78 -43.68 -23.67
N SER F 270 -17.39 -44.70 -24.27
CA SER F 270 -16.69 -45.53 -25.24
C SER F 270 -16.29 -44.66 -26.44
N TYR F 271 -15.25 -45.09 -27.16
CA TYR F 271 -14.73 -44.33 -28.29
C TYR F 271 -15.84 -44.09 -29.32
N ARG F 272 -16.62 -45.12 -29.57
CA ARG F 272 -17.71 -45.04 -30.54
C ARG F 272 -18.74 -44.02 -30.04
N ALA F 273 -19.06 -44.10 -28.75
CA ALA F 273 -19.96 -43.14 -28.11
C ALA F 273 -19.47 -41.72 -28.29
N LEU F 274 -18.16 -41.53 -28.10
CA LEU F 274 -17.55 -40.22 -28.29
C LEU F 274 -17.78 -39.75 -29.72
N GLN F 275 -17.70 -40.66 -30.67
CA GLN F 275 -17.97 -40.31 -32.07
C GLN F 275 -19.43 -39.90 -32.27
N GLY F 276 -20.36 -40.63 -31.68
CA GLY F 276 -21.77 -40.28 -31.79
C GLY F 276 -22.04 -38.89 -31.22
N ALA F 277 -21.51 -38.64 -30.03
CA ALA F 277 -21.66 -37.36 -29.40
C ALA F 277 -21.10 -36.24 -30.26
N LEU F 278 -19.92 -36.44 -30.83
CA LEU F 278 -19.31 -35.42 -31.71
C LEU F 278 -20.15 -35.19 -32.96
N MET F 279 -20.76 -36.27 -33.45
CA MET F 279 -21.63 -36.14 -34.60
C MET F 279 -22.83 -35.25 -34.27
N ILE F 280 -23.44 -35.51 -33.12
CA ILE F 280 -24.55 -34.68 -32.65
C ILE F 280 -24.13 -33.22 -32.45
N TYR F 281 -22.99 -33.01 -31.79
CA TYR F 281 -22.46 -31.68 -31.56
C TYR F 281 -22.29 -30.91 -32.86
N PHE F 282 -21.60 -31.48 -33.84
CA PHE F 282 -21.30 -30.73 -35.08
C PHE F 282 -22.51 -30.46 -35.97
N TYR F 283 -23.47 -31.39 -35.98
CA TYR F 283 -24.66 -31.31 -36.83
C TYR F 283 -25.89 -30.89 -36.02
N ARG F 284 -25.69 -30.05 -35.01
CA ARG F 284 -26.74 -29.75 -34.05
C ARG F 284 -27.96 -29.02 -34.62
N GLU F 285 -27.72 -28.16 -35.61
CA GLU F 285 -28.75 -27.34 -36.20
C GLU F 285 -29.65 -28.14 -37.15
N GLU F 286 -29.18 -29.32 -37.54
CA GLU F 286 -29.96 -30.15 -38.43
C GLU F 286 -31.15 -30.72 -37.69
N PRO F 287 -32.32 -30.69 -38.33
CA PRO F 287 -33.61 -31.16 -37.84
C PRO F 287 -33.56 -32.44 -37.01
N ARG F 288 -32.91 -33.50 -37.49
CA ARG F 288 -32.96 -34.76 -36.76
C ARG F 288 -32.00 -34.80 -35.56
N PHE F 289 -31.23 -33.73 -35.37
CA PHE F 289 -30.28 -33.70 -34.27
C PHE F 289 -30.55 -32.62 -33.20
N GLN F 290 -31.54 -31.76 -33.43
CA GLN F 290 -31.85 -30.70 -32.47
C GLN F 290 -32.29 -31.31 -31.16
N VAL F 291 -33.23 -32.25 -31.23
CA VAL F 291 -33.72 -32.89 -30.01
C VAL F 291 -32.64 -33.75 -29.34
N PRO F 292 -31.89 -34.55 -30.12
CA PRO F 292 -30.73 -35.24 -29.52
C PRO F 292 -29.78 -34.29 -28.81
N PHE F 293 -29.46 -33.15 -29.41
CA PHE F 293 -28.54 -32.20 -28.78
C PHE F 293 -29.05 -31.60 -27.49
N GLN F 294 -30.35 -31.39 -27.41
CA GLN F 294 -30.98 -30.96 -26.18
C GLN F 294 -30.67 -31.95 -25.06
N LEU F 295 -30.76 -33.24 -25.37
CA LEU F 295 -30.47 -34.29 -24.39
C LEU F 295 -29.08 -34.17 -23.81
N LEU F 296 -28.09 -33.98 -24.68
CA LEU F 296 -26.71 -33.81 -24.26
C LEU F 296 -26.61 -32.60 -23.31
N THR F 297 -27.24 -31.50 -23.71
CA THR F 297 -27.30 -30.30 -22.88
C THR F 297 -27.93 -30.58 -21.51
N SER F 298 -29.05 -31.30 -21.51
CA SER F 298 -29.68 -31.66 -20.25
C SER F 298 -28.75 -32.43 -19.34
N LEU F 299 -28.04 -33.39 -19.89
CA LEU F 299 -27.11 -34.21 -19.10
C LEU F 299 -26.00 -33.37 -18.51
N MET F 300 -25.42 -32.50 -19.33
CA MET F 300 -24.38 -31.60 -18.84
C MET F 300 -24.89 -30.75 -17.70
N ASP F 301 -26.08 -30.19 -17.86
CA ASP F 301 -26.71 -29.37 -16.85
C ASP F 301 -26.90 -30.14 -15.53
N ILE F 302 -27.41 -31.37 -15.63
CA ILE F 302 -27.61 -32.18 -14.45
C ILE F 302 -26.29 -32.42 -13.75
N ASP F 303 -25.27 -32.77 -14.54
CA ASP F 303 -23.94 -33.02 -14.02
C ASP F 303 -23.38 -31.81 -13.31
N SER F 304 -23.47 -30.65 -13.96
CA SER F 304 -23.06 -29.40 -13.35
C SER F 304 -23.75 -29.18 -12.01
N LEU F 305 -25.09 -29.27 -12.01
CA LEU F 305 -25.89 -29.02 -10.82
C LEU F 305 -25.60 -30.00 -9.69
N MET F 306 -25.40 -31.26 -10.03
CA MET F 306 -25.09 -32.26 -9.02
C MET F 306 -23.79 -31.90 -8.31
N THR F 307 -22.82 -31.43 -9.08
CA THR F 307 -21.54 -30.95 -8.55
C THR F 307 -21.74 -29.74 -7.66
N LYS F 308 -22.42 -28.75 -8.20
CA LYS F 308 -22.77 -27.51 -7.50
C LYS F 308 -23.53 -27.81 -6.20
N TRP F 309 -24.43 -28.78 -6.26
CA TRP F 309 -25.19 -29.16 -5.08
C TRP F 309 -24.25 -29.76 -4.05
N ARG F 310 -23.36 -30.59 -4.54
CA ARG F 310 -22.37 -31.23 -3.69
C ARG F 310 -21.46 -30.22 -3.03
N TYR F 311 -21.05 -29.21 -3.77
CA TYR F 311 -20.21 -28.20 -3.21
C TYR F 311 -20.89 -27.42 -2.12
N ASN F 312 -22.14 -27.04 -2.36
CA ASN F 312 -22.86 -26.27 -1.40
C ASN F 312 -23.07 -27.06 -0.14
N HIS F 313 -23.36 -28.33 -0.29
CA HIS F 313 -23.43 -29.20 0.86
C HIS F 313 -22.00 -29.23 1.25
N VAL F 314 -21.68 -29.77 2.40
CA VAL F 314 -20.28 -29.86 2.85
C VAL F 314 -19.78 -28.48 3.17
N CYS F 315 -19.84 -27.59 2.19
CA CYS F 315 -19.51 -26.21 2.41
C CYS F 315 -20.42 -25.71 3.50
N MET F 316 -21.66 -26.16 3.50
CA MET F 316 -22.49 -25.98 4.67
C MET F 316 -21.87 -26.77 5.78
N VAL F 317 -21.47 -28.00 5.49
CA VAL F 317 -21.05 -28.89 6.55
C VAL F 317 -19.83 -28.32 7.21
N HIS F 318 -18.95 -27.72 6.41
CA HIS F 318 -17.78 -27.16 7.00
C HIS F 318 -18.18 -26.04 7.91
N ARG F 319 -19.12 -25.23 7.42
CA ARG F 319 -19.57 -24.05 8.17
C ARG F 319 -20.17 -24.47 9.46
N MET F 320 -20.98 -25.52 9.42
CA MET F 320 -21.61 -26.04 10.61
C MET F 320 -20.75 -26.80 11.61
N LEU F 321 -19.81 -27.60 11.14
CA LEU F 321 -18.93 -28.31 12.08
C LEU F 321 -17.52 -27.74 12.27
N GLY F 322 -16.78 -27.57 11.19
CA GLY F 322 -15.48 -26.98 11.28
C GLY F 322 -14.58 -27.68 12.28
N SER F 323 -14.59 -29.00 12.28
CA SER F 323 -13.89 -29.79 13.29
C SER F 323 -12.51 -29.25 13.67
N ARG F 343 -13.24 -31.28 -11.34
CA ARG F 343 -14.34 -31.94 -10.65
C ARG F 343 -14.67 -33.27 -11.31
N TYR F 344 -15.56 -34.03 -10.70
CA TYR F 344 -15.90 -35.36 -11.21
C TYR F 344 -17.35 -35.48 -11.64
N LYS F 345 -17.52 -35.22 -12.92
CA LYS F 345 -18.79 -35.19 -13.55
C LYS F 345 -18.85 -36.40 -14.40
N VAL F 346 -19.96 -37.08 -14.33
CA VAL F 346 -20.22 -38.24 -15.13
C VAL F 346 -20.08 -37.98 -16.59
N PHE F 347 -20.43 -36.78 -17.01
CA PHE F 347 -20.60 -36.50 -18.42
C PHE F 347 -19.54 -35.59 -18.95
N VAL F 348 -18.35 -35.76 -18.44
CA VAL F 348 -17.24 -34.89 -18.75
C VAL F 348 -16.86 -34.83 -20.21
N ASP F 349 -16.98 -35.94 -20.90
CA ASP F 349 -16.71 -35.99 -22.34
C ASP F 349 -17.54 -34.97 -23.13
N LEU F 350 -18.81 -34.83 -22.72
CA LEU F 350 -19.74 -33.93 -23.39
C LEU F 350 -19.28 -32.50 -23.14
N PHE F 351 -18.84 -32.23 -21.92
CA PHE F 351 -18.23 -30.94 -21.62
C PHE F 351 -17.01 -30.71 -22.51
N ASN F 352 -16.26 -31.77 -22.76
CA ASN F 352 -15.03 -31.65 -23.53
C ASN F 352 -15.23 -31.56 -25.04
N LEU F 353 -16.44 -31.80 -25.53
CA LEU F 353 -16.70 -31.65 -26.96
C LEU F 353 -16.24 -30.30 -27.52
N SER F 354 -16.42 -29.23 -26.75
CA SER F 354 -16.08 -27.89 -27.24
C SER F 354 -14.61 -27.72 -27.59
N THR F 355 -13.73 -28.42 -26.88
CA THR F 355 -12.28 -28.34 -27.13
C THR F 355 -11.94 -28.81 -28.54
N TYR F 356 -12.81 -29.63 -29.13
CA TYR F 356 -12.60 -30.18 -30.46
C TYR F 356 -13.31 -29.33 -31.51
N LEU F 357 -13.36 -28.04 -31.24
CA LEU F 357 -13.96 -27.10 -32.17
C LEU F 357 -13.07 -26.93 -33.40
N ILE F 358 -13.69 -26.98 -34.58
CA ILE F 358 -12.99 -26.90 -35.85
C ILE F 358 -13.74 -25.88 -36.71
N PRO F 359 -13.08 -25.30 -37.72
CA PRO F 359 -13.77 -24.45 -38.69
C PRO F 359 -14.94 -25.15 -39.35
N ARG F 360 -16.02 -24.42 -39.63
CA ARG F 360 -17.25 -25.02 -40.14
C ARG F 360 -17.00 -25.84 -41.38
N HIS F 361 -16.15 -25.30 -42.24
CA HIS F 361 -15.87 -25.93 -43.53
C HIS F 361 -15.16 -27.29 -43.44
N TRP F 362 -14.52 -27.58 -42.30
CA TRP F 362 -13.89 -28.89 -42.15
C TRP F 362 -14.92 -29.96 -41.81
N ILE F 363 -16.11 -29.54 -41.40
CA ILE F 363 -17.13 -30.50 -41.04
C ILE F 363 -17.70 -31.12 -42.31
N PRO F 364 -17.67 -32.47 -42.37
CA PRO F 364 -18.24 -33.24 -43.48
C PRO F 364 -19.67 -32.81 -43.78
N LYS F 365 -19.98 -32.60 -45.06
CA LYS F 365 -21.30 -32.13 -45.47
C LYS F 365 -22.41 -33.17 -45.32
N MET F 366 -23.64 -32.69 -45.15
CA MET F 366 -24.83 -33.51 -44.89
C MET F 366 -25.69 -33.92 -46.10
N ASN F 367 -25.60 -35.20 -46.46
CA ASN F 367 -26.42 -35.82 -47.51
C ASN F 367 -26.88 -37.23 -47.16
N LEU G 25 -8.03 -5.50 -31.50
CA LEU G 25 -7.22 -4.30 -31.36
C LEU G 25 -6.91 -4.07 -29.88
N ILE G 26 -7.61 -3.13 -29.27
CA ILE G 26 -7.43 -2.80 -27.90
C ILE G 26 -8.83 -2.92 -27.39
N TYR G 27 -8.97 -3.56 -26.25
CA TYR G 27 -10.27 -3.81 -25.67
C TYR G 27 -10.86 -2.44 -25.44
N GLY G 28 -10.04 -1.54 -24.99
CA GLY G 28 -10.52 -0.23 -24.67
C GLY G 28 -11.09 0.37 -25.90
N ASN G 29 -10.45 0.14 -27.03
CA ASN G 29 -10.79 0.84 -28.25
C ASN G 29 -11.88 0.14 -29.01
N TYR G 30 -11.84 -1.16 -28.97
CA TYR G 30 -12.84 -2.00 -29.60
C TYR G 30 -14.26 -1.73 -29.09
N LEU G 31 -14.38 -1.47 -27.80
CA LEU G 31 -15.66 -1.24 -27.14
C LEU G 31 -16.00 0.25 -27.04
N HIS G 32 -15.12 1.10 -27.57
CA HIS G 32 -15.30 2.55 -27.54
C HIS G 32 -15.59 3.10 -26.13
N LEU G 33 -14.80 2.64 -25.16
CA LEU G 33 -15.00 3.02 -23.77
C LEU G 33 -14.77 4.50 -23.53
N GLU G 34 -14.11 5.17 -24.47
CA GLU G 34 -13.93 6.62 -24.41
C GLU G 34 -15.29 7.28 -24.49
N LYS G 35 -16.24 6.57 -25.10
CA LYS G 35 -17.62 7.00 -25.15
C LYS G 35 -18.40 6.48 -23.93
N VAL G 36 -18.39 5.16 -23.76
CA VAL G 36 -19.22 4.52 -22.74
C VAL G 36 -18.89 4.96 -21.33
N LEU G 37 -17.59 5.10 -21.04
CA LEU G 37 -17.16 5.40 -19.68
C LEU G 37 -16.90 6.87 -19.41
N ASN G 38 -17.27 7.75 -20.34
CA ASN G 38 -17.27 9.19 -20.09
C ASN G 38 -18.64 9.80 -20.33
N ALA G 39 -19.68 9.06 -19.93
CA ALA G 39 -21.07 9.46 -20.13
C ALA G 39 -21.81 9.58 -18.80
N GLN G 40 -21.07 9.70 -17.70
CA GLN G 40 -21.69 9.76 -16.40
C GLN G 40 -21.54 11.12 -15.73
N GLU G 41 -22.51 12.00 -15.94
CA GLU G 41 -22.46 13.33 -15.33
C GLU G 41 -23.55 13.48 -14.28
N LEU G 42 -23.16 13.49 -13.02
CA LEU G 42 -24.11 13.66 -11.94
C LEU G 42 -24.63 15.08 -11.89
N GLN G 43 -25.94 15.24 -12.09
CA GLN G 43 -26.58 16.54 -12.04
C GLN G 43 -26.38 17.21 -10.68
N SER G 44 -26.57 16.45 -9.62
CA SER G 44 -26.35 16.95 -8.27
C SER G 44 -24.95 17.56 -8.13
N GLU G 45 -23.96 16.93 -8.75
CA GLU G 45 -22.58 17.43 -8.72
C GLU G 45 -22.43 18.68 -9.60
N THR G 46 -23.08 18.66 -10.77
CA THR G 46 -23.06 19.79 -11.70
C THR G 46 -23.63 21.06 -11.07
N LYS G 47 -24.66 20.88 -10.25
CA LYS G 47 -25.22 22.02 -9.54
C LYS G 47 -24.75 22.08 -8.09
N GLY G 48 -23.50 21.70 -7.87
CA GLY G 48 -22.81 21.95 -6.62
C GLY G 48 -23.05 21.08 -5.41
N ASN G 49 -24.04 20.19 -5.45
CA ASN G 49 -24.32 19.37 -4.27
C ASN G 49 -24.33 17.87 -4.57
N LYS G 50 -23.13 17.34 -4.79
CA LYS G 50 -22.95 15.94 -5.19
C LYS G 50 -23.67 14.94 -4.27
N ILE G 51 -24.46 14.06 -4.89
CA ILE G 51 -25.13 12.97 -4.18
C ILE G 51 -24.66 11.59 -4.67
N HIS G 52 -24.06 10.82 -3.78
CA HIS G 52 -23.42 9.54 -4.12
C HIS G 52 -24.30 8.55 -4.92
N ASP G 53 -25.56 8.35 -4.55
CA ASP G 53 -26.40 7.34 -5.20
C ASP G 53 -26.86 7.68 -6.64
N GLU G 54 -26.68 8.94 -7.04
CA GLU G 54 -27.08 9.35 -8.39
C GLU G 54 -26.28 8.58 -9.45
N HIS G 55 -25.02 8.30 -9.14
CA HIS G 55 -24.15 7.57 -10.05
C HIS G 55 -24.79 6.21 -10.33
N LEU G 56 -25.31 5.59 -9.29
CA LEU G 56 -26.02 4.32 -9.45
C LEU G 56 -27.25 4.47 -10.34
N PHE G 57 -28.03 5.52 -10.10
CA PHE G 57 -29.23 5.75 -10.92
C PHE G 57 -28.87 5.83 -12.42
N ILE G 58 -27.82 6.62 -12.69
CA ILE G 58 -27.34 6.81 -14.05
C ILE G 58 -26.82 5.51 -14.69
N ILE G 59 -25.92 4.83 -13.99
CA ILE G 59 -25.35 3.59 -14.51
C ILE G 59 -26.44 2.56 -14.82
N THR G 60 -27.35 2.36 -13.87
CA THR G 60 -28.45 1.42 -14.08
C THR G 60 -29.20 1.76 -15.35
N HIS G 61 -29.58 3.03 -15.51
CA HIS G 61 -30.33 3.31 -16.73
C HIS G 61 -29.52 3.16 -18.03
N GLN G 62 -28.24 3.53 -18.01
CA GLN G 62 -27.37 3.35 -19.17
C GLN G 62 -27.24 1.86 -19.55
N ALA G 63 -27.16 1.00 -18.54
CA ALA G 63 -27.11 -0.43 -18.83
C ALA G 63 -28.42 -0.89 -19.46
N TYR G 64 -29.54 -0.43 -18.90
CA TYR G 64 -30.85 -0.70 -19.51
C TYR G 64 -30.84 -0.32 -20.99
N GLU G 65 -30.36 0.89 -21.29
CA GLU G 65 -30.36 1.36 -22.68
C GLU G 65 -29.45 0.53 -23.60
N LEU G 66 -28.30 0.10 -23.10
CA LEU G 66 -27.45 -0.80 -23.88
C LEU G 66 -28.24 -2.05 -24.23
N TRP G 67 -28.88 -2.64 -23.23
CA TRP G 67 -29.65 -3.84 -23.49
C TRP G 67 -30.87 -3.60 -24.40
N PHE G 68 -31.46 -2.41 -24.32
CA PHE G 68 -32.55 -2.06 -25.23
C PHE G 68 -32.01 -2.05 -26.65
N LYS G 69 -30.83 -1.48 -26.85
CA LYS G 69 -30.22 -1.48 -28.17
C LYS G 69 -29.98 -2.90 -28.67
N GLN G 70 -29.50 -3.77 -27.80
CA GLN G 70 -29.31 -5.17 -28.20
C GLN G 70 -30.61 -5.84 -28.61
N ILE G 71 -31.63 -5.69 -27.77
CA ILE G 71 -32.95 -6.25 -28.05
C ILE G 71 -33.52 -5.72 -29.36
N LEU G 72 -33.35 -4.43 -29.61
CA LEU G 72 -33.80 -3.84 -30.86
C LEU G 72 -33.04 -4.45 -32.05
N TRP G 73 -31.75 -4.68 -31.88
CA TRP G 73 -30.92 -5.32 -32.91
C TRP G 73 -31.50 -6.68 -33.29
N GLU G 74 -31.67 -7.52 -32.28
CA GLU G 74 -32.19 -8.86 -32.48
C GLU G 74 -33.57 -8.82 -33.12
N LEU G 75 -34.43 -7.96 -32.57
CA LEU G 75 -35.81 -7.83 -33.01
C LEU G 75 -35.91 -7.40 -34.46
N ASP G 76 -35.14 -6.38 -34.83
CA ASP G 76 -35.12 -5.91 -36.20
C ASP G 76 -34.65 -7.00 -37.16
N SER G 77 -33.62 -7.74 -36.76
CA SER G 77 -33.12 -8.82 -37.61
C SER G 77 -34.21 -9.88 -37.83
N VAL G 78 -34.93 -10.21 -36.76
CA VAL G 78 -36.03 -11.18 -36.84
C VAL G 78 -37.19 -10.71 -37.74
N ARG G 79 -37.60 -9.46 -37.56
CA ARG G 79 -38.63 -8.85 -38.39
C ARG G 79 -38.26 -8.95 -39.86
N GLU G 80 -37.03 -8.55 -40.17
CA GLU G 80 -36.54 -8.67 -41.53
C GLU G 80 -36.61 -10.11 -42.05
N ILE G 81 -36.18 -11.08 -41.25
CA ILE G 81 -36.30 -12.49 -41.64
C ILE G 81 -37.73 -12.82 -42.05
N PHE G 82 -38.69 -12.36 -41.25
CA PHE G 82 -40.11 -12.55 -41.56
C PHE G 82 -40.49 -11.91 -42.89
N GLN G 83 -40.07 -10.67 -43.08
CA GLN G 83 -40.42 -9.87 -44.22
C GLN G 83 -39.92 -10.46 -45.52
N ASN G 84 -38.76 -11.05 -45.49
CA ASN G 84 -38.21 -11.66 -46.69
C ASN G 84 -39.03 -12.84 -47.11
N GLY G 85 -39.89 -13.30 -46.23
CA GLY G 85 -40.89 -14.29 -46.58
C GLY G 85 -40.44 -15.71 -46.49
N HIS G 86 -39.24 -15.92 -46.02
CA HIS G 86 -38.70 -17.26 -45.98
C HIS G 86 -38.65 -17.86 -44.60
N VAL G 87 -39.57 -17.44 -43.77
CA VAL G 87 -39.56 -17.83 -42.40
C VAL G 87 -39.66 -19.32 -42.27
N ARG G 88 -40.44 -19.96 -43.10
CA ARG G 88 -40.67 -21.38 -42.97
C ARG G 88 -39.43 -22.22 -43.15
N ASP G 89 -38.55 -21.85 -44.06
CA ASP G 89 -37.33 -22.62 -44.27
C ASP G 89 -36.66 -22.81 -42.90
N GLU G 90 -36.44 -24.06 -42.50
CA GLU G 90 -36.00 -24.35 -41.12
C GLU G 90 -34.72 -23.64 -40.62
N ARG G 91 -33.80 -23.34 -41.53
CA ARG G 91 -32.61 -22.56 -41.18
C ARG G 91 -33.05 -21.23 -40.57
N ASN G 92 -33.91 -20.52 -41.30
CA ASN G 92 -34.42 -19.23 -40.89
C ASN G 92 -35.27 -19.33 -39.63
N MET G 93 -36.08 -20.37 -39.55
CA MET G 93 -36.90 -20.59 -38.38
C MET G 93 -36.05 -20.76 -37.12
N LEU G 94 -34.94 -21.49 -37.27
CA LEU G 94 -34.01 -21.67 -36.17
C LEU G 94 -33.38 -20.35 -35.75
N LYS G 95 -32.96 -19.55 -36.72
CA LYS G 95 -32.42 -18.24 -36.37
C LYS G 95 -33.43 -17.48 -35.53
N VAL G 96 -34.67 -17.43 -36.01
CA VAL G 96 -35.69 -16.63 -35.34
C VAL G 96 -35.93 -17.11 -33.93
N VAL G 97 -36.14 -18.42 -33.75
CA VAL G 97 -36.39 -18.95 -32.41
C VAL G 97 -35.22 -18.67 -31.46
N SER G 98 -34.00 -18.84 -31.95
CA SER G 98 -32.83 -18.65 -31.08
C SER G 98 -32.67 -17.18 -30.65
N ARG G 99 -32.89 -16.26 -31.57
CA ARG G 99 -32.73 -14.85 -31.24
C ARG G 99 -33.85 -14.33 -30.34
N MET G 100 -35.06 -14.83 -30.56
CA MET G 100 -36.17 -14.44 -29.70
C MET G 100 -35.93 -14.96 -28.30
N HIS G 101 -35.47 -16.20 -28.23
CA HIS G 101 -35.08 -16.80 -26.97
C HIS G 101 -34.04 -15.91 -26.29
N ARG G 102 -33.08 -15.43 -27.07
CA ARG G 102 -32.05 -14.53 -26.57
C ARG G 102 -32.66 -13.26 -25.96
N VAL G 103 -33.64 -12.68 -26.65
CA VAL G 103 -34.34 -11.53 -26.11
C VAL G 103 -35.02 -11.87 -24.77
N SER G 104 -35.61 -13.06 -24.68
CA SER G 104 -36.19 -13.45 -23.41
C SER G 104 -35.11 -13.46 -22.31
N VAL G 105 -33.96 -14.06 -22.61
CA VAL G 105 -32.90 -14.13 -21.61
C VAL G 105 -32.42 -12.73 -21.20
N ILE G 106 -32.17 -11.87 -22.17
CA ILE G 106 -31.79 -10.50 -21.85
C ILE G 106 -32.84 -9.83 -20.94
N LEU G 107 -34.13 -9.95 -21.29
CA LEU G 107 -35.22 -9.38 -20.48
C LEU G 107 -35.23 -9.95 -19.04
N LYS G 108 -35.00 -11.26 -18.87
CA LYS G 108 -34.86 -11.84 -17.53
C LYS G 108 -33.74 -11.13 -16.77
N LEU G 109 -32.61 -10.91 -17.45
CA LEU G 109 -31.54 -10.19 -16.80
C LEU G 109 -32.00 -8.80 -16.38
N LEU G 110 -32.71 -8.09 -17.25
CA LEU G 110 -33.18 -6.75 -16.95
C LEU G 110 -34.12 -6.73 -15.75
N VAL G 111 -34.93 -7.77 -15.62
CA VAL G 111 -35.81 -7.90 -14.48
C VAL G 111 -34.99 -8.11 -13.20
N GLN G 112 -34.01 -9.00 -13.25
CA GLN G 112 -33.13 -9.20 -12.10
C GLN G 112 -32.35 -7.94 -11.74
N GLN G 113 -32.19 -7.04 -12.70
CA GLN G 113 -31.40 -5.83 -12.50
C GLN G 113 -32.05 -4.84 -11.53
N PHE G 114 -33.34 -5.00 -11.26
CA PHE G 114 -34.02 -4.11 -10.31
C PHE G 114 -33.51 -4.28 -8.89
N SER G 115 -32.96 -5.46 -8.64
CA SER G 115 -32.43 -5.76 -7.32
C SER G 115 -31.34 -4.77 -6.97
N ILE G 116 -30.66 -4.25 -7.98
CA ILE G 116 -29.60 -3.29 -7.77
C ILE G 116 -30.17 -1.98 -7.24
N LEU G 117 -31.14 -1.43 -7.94
CA LEU G 117 -31.76 -0.17 -7.53
C LEU G 117 -32.50 -0.31 -6.19
N GLU G 118 -32.84 -1.56 -5.83
CA GLU G 118 -33.42 -1.80 -4.50
C GLU G 118 -32.42 -1.47 -3.39
N THR G 119 -31.14 -1.41 -3.72
CA THR G 119 -30.14 -1.11 -2.71
C THR G 119 -30.04 0.39 -2.51
N MET G 120 -30.95 1.15 -3.14
CA MET G 120 -30.99 2.59 -2.97
C MET G 120 -32.17 2.98 -2.10
N THR G 121 -31.89 3.64 -0.98
CA THR G 121 -32.96 4.05 -0.06
C THR G 121 -33.70 5.26 -0.59
N ALA G 122 -34.97 5.34 -0.22
CA ALA G 122 -35.87 6.40 -0.66
C ALA G 122 -35.39 7.76 -0.16
N LEU G 123 -34.80 7.78 1.03
CA LEU G 123 -34.18 8.99 1.59
C LEU G 123 -33.08 9.52 0.68
N ASP G 124 -32.15 8.62 0.34
CA ASP G 124 -31.00 8.95 -0.50
C ASP G 124 -31.37 9.41 -1.91
N PHE G 125 -32.41 8.79 -2.46
CA PHE G 125 -32.98 9.20 -3.74
C PHE G 125 -33.65 10.57 -3.64
N ASN G 126 -34.35 10.76 -2.52
CA ASN G 126 -34.99 12.02 -2.17
C ASN G 126 -33.92 13.10 -2.17
N ASP G 127 -32.70 12.73 -1.80
CA ASP G 127 -31.58 13.67 -1.85
C ASP G 127 -31.25 14.24 -3.24
N PHE G 128 -31.57 13.52 -4.32
CA PHE G 128 -31.19 14.02 -5.66
C PHE G 128 -32.33 14.15 -6.68
N ARG G 129 -33.48 13.57 -6.35
CA ARG G 129 -34.68 13.67 -7.19
C ARG G 129 -34.96 15.11 -7.65
N GLU G 130 -34.53 16.04 -6.82
CA GLU G 130 -34.82 17.44 -6.98
C GLU G 130 -34.17 17.93 -8.24
N TYR G 131 -33.20 17.17 -8.74
CA TYR G 131 -32.41 17.64 -9.84
C TYR G 131 -32.88 17.08 -11.14
N LEU G 132 -34.10 16.55 -11.17
CA LEU G 132 -34.63 16.00 -12.40
C LEU G 132 -36.02 16.50 -12.78
N SER G 133 -36.17 17.01 -13.98
CA SER G 133 -37.51 17.29 -14.50
C SER G 133 -38.09 15.96 -14.83
N PRO G 134 -39.48 15.93 -14.95
CA PRO G 134 -40.07 14.61 -14.72
C PRO G 134 -40.84 14.06 -15.88
N ALA G 135 -41.13 12.76 -15.85
CA ALA G 135 -41.92 12.17 -16.91
C ALA G 135 -43.23 12.90 -16.92
N SER G 136 -43.68 13.30 -18.10
CA SER G 136 -43.24 12.75 -19.37
C SER G 136 -41.80 13.15 -19.72
N GLY G 137 -41.16 13.93 -18.84
CA GLY G 137 -39.77 14.32 -19.03
C GLY G 137 -38.75 13.18 -19.02
N PHE G 138 -39.10 12.05 -18.45
CA PHE G 138 -38.14 11.00 -18.25
C PHE G 138 -38.59 9.62 -18.73
N GLN G 139 -38.65 9.41 -20.03
CA GLN G 139 -38.82 8.05 -20.53
C GLN G 139 -38.08 7.73 -21.81
N SER G 140 -37.82 6.45 -21.98
CA SER G 140 -36.91 5.93 -22.98
C SER G 140 -37.47 5.99 -24.36
N LEU G 141 -36.66 6.49 -25.24
CA LEU G 141 -36.97 6.45 -26.66
C LEU G 141 -36.89 5.01 -27.14
N GLN G 142 -35.80 4.35 -26.76
CA GLN G 142 -35.58 3.00 -27.23
C GLN G 142 -36.65 2.05 -26.74
N PHE G 143 -37.11 2.24 -25.50
CA PHE G 143 -38.16 1.37 -24.99
C PHE G 143 -39.46 1.57 -25.73
N ARG G 144 -39.71 2.80 -26.15
CA ARG G 144 -40.90 3.11 -26.93
C ARG G 144 -40.81 2.46 -28.31
N LEU G 145 -39.66 2.63 -28.98
CA LEU G 145 -39.38 1.94 -30.24
C LEU G 145 -39.63 0.46 -30.10
N LEU G 146 -39.12 -0.11 -29.01
CA LEU G 146 -39.30 -1.51 -28.74
C LEU G 146 -40.79 -1.84 -28.71
N GLU G 147 -41.54 -1.08 -27.91
CA GLU G 147 -42.97 -1.32 -27.75
C GLU G 147 -43.70 -1.28 -29.09
N ASN G 148 -43.38 -0.26 -29.90
CA ASN G 148 -43.95 -0.12 -31.22
C ASN G 148 -43.62 -1.29 -32.14
N LYS G 149 -42.36 -1.60 -32.29
CA LYS G 149 -41.97 -2.69 -33.15
C LYS G 149 -42.53 -4.02 -32.73
N ILE G 150 -43.09 -4.10 -31.55
CA ILE G 150 -43.55 -5.38 -31.14
C ILE G 150 -44.92 -5.82 -31.63
N GLY G 151 -45.92 -4.97 -31.67
CA GLY G 151 -45.91 -3.64 -31.15
C GLY G 151 -47.09 -3.56 -30.23
N VAL G 152 -46.87 -2.84 -29.15
CA VAL G 152 -47.83 -2.63 -28.12
C VAL G 152 -48.94 -1.77 -28.65
N LEU G 153 -50.13 -1.98 -28.11
CA LEU G 153 -51.32 -1.23 -28.46
C LEU G 153 -51.25 0.25 -28.13
N GLN G 154 -50.75 0.56 -26.95
CA GLN G 154 -50.82 1.89 -26.33
C GLN G 154 -52.08 2.01 -25.48
N PHE G 169 -43.11 13.56 -27.76
CA PHE G 169 -42.48 14.82 -27.42
C PHE G 169 -40.98 14.78 -27.64
N LYS G 170 -40.50 13.79 -28.37
CA LYS G 170 -39.08 13.66 -28.68
C LYS G 170 -38.64 14.75 -29.65
N GLY G 171 -37.37 15.13 -29.60
CA GLY G 171 -36.89 16.15 -30.51
C GLY G 171 -36.06 15.67 -31.69
N GLU G 172 -36.64 15.72 -32.87
CA GLU G 172 -35.92 15.58 -34.12
C GLU G 172 -35.69 14.18 -34.60
N GLU G 173 -36.05 13.19 -33.80
CA GLU G 173 -35.97 11.83 -34.28
C GLU G 173 -37.11 10.98 -33.86
N ASN G 174 -38.27 11.43 -34.27
CA ASN G 174 -39.44 10.61 -34.47
C ASN G 174 -39.75 10.99 -35.86
N GLU G 175 -39.62 10.10 -36.84
CA GLU G 175 -39.05 8.80 -36.62
C GLU G 175 -37.64 9.11 -36.37
N LEU G 176 -36.91 8.17 -35.82
CA LEU G 176 -37.14 6.76 -35.93
C LEU G 176 -38.43 6.37 -35.27
N LEU G 177 -38.90 7.22 -34.40
CA LEU G 177 -40.15 6.99 -33.75
C LEU G 177 -41.22 6.64 -34.74
N LEU G 178 -41.43 7.53 -35.68
CA LEU G 178 -42.47 7.38 -36.68
C LEU G 178 -42.31 6.16 -37.54
N LYS G 179 -41.09 5.91 -37.99
CA LYS G 179 -40.85 4.85 -38.94
C LYS G 179 -41.30 3.59 -38.26
N SER G 180 -41.02 3.54 -36.98
CA SER G 180 -41.33 2.37 -36.19
C SER G 180 -42.82 2.14 -36.08
N GLU G 181 -43.61 3.21 -36.09
CA GLU G 181 -45.07 3.08 -36.01
C GLU G 181 -45.73 2.66 -37.32
N GLN G 182 -45.12 3.05 -38.42
CA GLN G 182 -45.70 2.77 -39.72
C GLN G 182 -45.32 1.38 -40.17
N GLU G 183 -44.06 1.01 -39.94
CA GLU G 183 -43.57 -0.29 -40.38
C GLU G 183 -44.26 -1.44 -39.66
N LYS G 184 -44.14 -2.61 -40.26
CA LYS G 184 -44.81 -3.82 -39.79
C LYS G 184 -44.28 -4.29 -38.45
N THR G 185 -45.19 -4.52 -37.51
CA THR G 185 -44.81 -4.97 -36.18
C THR G 185 -44.51 -6.44 -36.18
N LEU G 186 -43.85 -6.90 -35.13
CA LEU G 186 -43.57 -8.31 -34.96
C LEU G 186 -44.89 -9.06 -34.94
N LEU G 187 -45.89 -8.46 -34.27
CA LEU G 187 -47.22 -9.06 -34.16
C LEU G 187 -47.85 -9.32 -35.51
N GLU G 188 -47.84 -8.32 -36.37
CA GLU G 188 -48.45 -8.42 -37.69
C GLU G 188 -47.78 -9.53 -38.52
N LEU G 189 -46.46 -9.58 -38.46
CA LEU G 189 -45.67 -10.59 -39.17
C LEU G 189 -45.91 -12.02 -38.67
N VAL G 190 -46.02 -12.16 -37.35
CA VAL G 190 -46.33 -13.46 -36.74
C VAL G 190 -47.74 -13.87 -37.16
N GLU G 191 -48.65 -12.89 -37.21
CA GLU G 191 -50.01 -13.08 -37.69
C GLU G 191 -50.03 -13.63 -39.10
N ALA G 192 -49.31 -12.97 -39.98
CA ALA G 192 -49.22 -13.38 -41.37
C ALA G 192 -48.71 -14.80 -41.46
N TRP G 193 -47.62 -15.07 -40.74
CA TRP G 193 -47.02 -16.40 -40.72
C TRP G 193 -48.01 -17.46 -40.24
N LEU G 194 -48.77 -17.13 -39.20
CA LEU G 194 -49.72 -18.06 -38.61
C LEU G 194 -50.87 -18.35 -39.56
N GLU G 195 -51.31 -17.33 -40.27
CA GLU G 195 -52.40 -17.45 -41.23
C GLU G 195 -52.10 -18.48 -42.33
N ARG G 196 -50.83 -18.59 -42.70
CA ARG G 196 -50.43 -19.47 -43.80
C ARG G 196 -49.96 -20.83 -43.30
N THR G 197 -50.40 -21.20 -42.10
CA THR G 197 -50.01 -22.47 -41.49
C THR G 197 -50.66 -23.60 -42.25
N PRO G 198 -49.89 -24.54 -42.69
CA PRO G 198 -50.43 -25.66 -43.43
C PRO G 198 -51.37 -26.51 -42.61
N GLY G 199 -52.40 -27.07 -43.23
CA GLY G 199 -53.44 -27.84 -42.57
C GLY G 199 -54.68 -27.01 -42.34
N LEU G 200 -54.58 -25.73 -42.62
CA LEU G 200 -55.63 -24.80 -42.33
C LEU G 200 -56.71 -24.73 -43.38
N GLU G 201 -56.33 -24.99 -44.62
CA GLU G 201 -57.21 -24.83 -45.75
C GLU G 201 -58.27 -25.90 -45.81
N PRO G 202 -59.51 -25.55 -45.54
CA PRO G 202 -60.58 -26.53 -45.61
C PRO G 202 -60.50 -27.21 -46.95
N HIS G 203 -59.56 -26.74 -47.74
CA HIS G 203 -59.24 -27.34 -49.02
C HIS G 203 -57.82 -27.07 -49.34
N GLY G 204 -56.95 -28.01 -48.99
CA GLY G 204 -57.36 -29.31 -48.50
C GLY G 204 -56.96 -29.65 -47.08
N PHE G 205 -57.96 -30.09 -46.32
CA PHE G 205 -57.84 -30.40 -44.91
C PHE G 205 -58.25 -29.26 -44.05
N ASN G 206 -59.18 -29.51 -43.16
CA ASN G 206 -59.61 -28.43 -42.31
C ASN G 206 -59.50 -28.94 -40.94
N PHE G 207 -58.60 -28.31 -40.22
CA PHE G 207 -58.40 -28.59 -38.86
C PHE G 207 -59.69 -28.19 -38.18
N TRP G 208 -60.17 -27.03 -38.58
CA TRP G 208 -61.19 -26.39 -37.81
C TRP G 208 -62.43 -27.22 -37.75
N GLY G 209 -62.87 -27.67 -38.91
CA GLY G 209 -64.13 -28.38 -38.99
C GLY G 209 -64.02 -29.64 -38.22
N LYS G 210 -62.88 -30.26 -38.38
CA LYS G 210 -62.59 -31.48 -37.70
C LYS G 210 -62.57 -31.15 -36.24
N LEU G 211 -62.04 -29.97 -35.95
CA LEU G 211 -62.01 -29.53 -34.59
C LEU G 211 -63.40 -29.28 -34.12
N GLU G 212 -64.16 -28.55 -34.91
CA GLU G 212 -65.53 -28.19 -34.53
C GLU G 212 -66.42 -29.41 -34.31
N LYS G 213 -66.38 -30.33 -35.27
CA LYS G 213 -67.13 -31.57 -35.17
C LYS G 213 -66.78 -32.35 -33.91
N ASN G 214 -65.48 -32.63 -33.74
CA ASN G 214 -65.01 -33.45 -32.61
C ASN G 214 -65.25 -32.85 -31.23
N ILE G 215 -65.22 -31.52 -31.19
CA ILE G 215 -65.46 -30.78 -29.95
C ILE G 215 -66.95 -30.93 -29.61
N THR G 216 -67.83 -30.72 -30.61
CA THR G 216 -69.28 -30.87 -30.38
C THR G 216 -69.61 -32.31 -29.94
N ARG G 217 -69.04 -33.25 -30.67
CA ARG G 217 -69.20 -34.67 -30.42
C ARG G 217 -68.79 -34.99 -28.99
N GLY G 218 -67.60 -34.51 -28.62
CA GLY G 218 -67.01 -34.81 -27.33
C GLY G 218 -67.78 -34.18 -26.19
N LEU G 219 -68.32 -32.99 -26.44
CA LEU G 219 -69.11 -32.31 -25.43
C LEU G 219 -70.40 -33.04 -25.16
N GLU G 220 -71.02 -33.58 -26.23
CA GLU G 220 -72.22 -34.38 -26.04
C GLU G 220 -71.90 -35.62 -25.18
N GLU G 221 -70.82 -36.30 -25.58
CA GLU G 221 -70.41 -37.52 -24.89
C GLU G 221 -70.12 -37.23 -23.41
N GLU G 222 -69.58 -36.05 -23.15
CA GLU G 222 -69.28 -35.67 -21.78
C GLU G 222 -70.54 -35.32 -21.02
N PHE G 223 -71.51 -34.71 -21.70
CA PHE G 223 -72.79 -34.45 -21.07
C PHE G 223 -73.41 -35.73 -20.53
N ILE G 224 -73.43 -36.73 -21.41
CA ILE G 224 -74.05 -38.01 -21.08
C ILE G 224 -73.24 -38.73 -20.01
N ARG G 225 -71.94 -38.48 -20.01
CA ARG G 225 -71.08 -39.11 -19.03
C ARG G 225 -71.38 -38.49 -17.68
N ILE G 226 -71.84 -37.24 -17.70
CA ILE G 226 -72.01 -36.50 -16.47
C ILE G 226 -73.34 -36.76 -15.75
N GLN G 227 -74.49 -36.63 -16.40
CA GLN G 227 -75.73 -36.89 -15.62
C GLN G 227 -75.85 -38.36 -15.20
N ALA G 228 -74.96 -39.21 -15.70
CA ALA G 228 -75.04 -40.65 -15.47
C ALA G 228 -74.77 -40.97 -13.99
N LYS G 229 -74.52 -39.92 -13.22
CA LYS G 229 -74.33 -40.03 -11.77
C LYS G 229 -75.67 -39.79 -11.10
N GLU G 230 -75.69 -40.01 -9.78
CA GLU G 230 -76.90 -39.89 -8.96
C GLU G 230 -77.04 -38.51 -8.37
N GLU G 231 -78.12 -37.85 -8.75
CA GLU G 231 -78.31 -36.47 -8.41
C GLU G 231 -78.39 -36.38 -6.90
N LYS G 235 -70.31 -33.65 -8.33
CA LYS G 235 -71.69 -33.52 -7.86
C LYS G 235 -72.46 -32.60 -8.80
N GLU G 236 -73.06 -31.56 -8.25
CA GLU G 236 -73.65 -30.52 -9.06
C GLU G 236 -72.57 -29.79 -9.84
N GLU G 237 -71.42 -29.62 -9.22
CA GLU G 237 -70.40 -28.79 -9.82
C GLU G 237 -70.00 -29.35 -11.16
N GLN G 238 -69.95 -30.66 -11.28
CA GLN G 238 -69.39 -31.24 -12.47
C GLN G 238 -70.17 -30.76 -13.65
N VAL G 239 -71.49 -30.69 -13.54
CA VAL G 239 -72.27 -30.11 -14.61
C VAL G 239 -71.92 -28.66 -14.75
N ALA G 240 -71.80 -28.01 -13.61
CA ALA G 240 -71.70 -26.57 -13.58
C ALA G 240 -70.48 -26.22 -14.35
N GLU G 241 -69.44 -26.99 -14.14
CA GLU G 241 -68.22 -26.78 -14.86
C GLU G 241 -68.55 -26.98 -16.31
N PHE G 242 -69.44 -27.91 -16.57
CA PHE G 242 -69.73 -28.28 -17.94
C PHE G 242 -70.31 -27.18 -18.77
N GLN G 243 -71.22 -26.42 -18.20
CA GLN G 243 -71.87 -25.37 -18.95
C GLN G 243 -70.87 -24.33 -19.40
N LYS G 244 -69.96 -24.02 -18.51
CA LYS G 244 -68.91 -23.03 -18.74
C LYS G 244 -67.92 -23.54 -19.80
N GLN G 245 -67.48 -24.79 -19.62
CA GLN G 245 -66.58 -25.39 -20.59
C GLN G 245 -67.18 -25.39 -21.98
N LYS G 246 -68.46 -25.75 -22.07
CA LYS G 246 -69.16 -25.78 -23.34
C LYS G 246 -69.25 -24.40 -23.99
N GLU G 247 -69.61 -23.40 -23.19
CA GLU G 247 -69.79 -22.05 -23.70
C GLU G 247 -68.46 -21.54 -24.26
N VAL G 248 -67.41 -21.72 -23.47
CA VAL G 248 -66.08 -21.29 -23.87
C VAL G 248 -65.58 -22.04 -25.10
N LEU G 249 -65.67 -23.36 -25.06
CA LEU G 249 -65.20 -24.21 -26.16
C LEU G 249 -65.88 -23.89 -27.49
N LEU G 250 -67.21 -23.78 -27.45
CA LEU G 250 -67.98 -23.50 -28.65
C LEU G 250 -67.86 -22.05 -29.15
N SER G 251 -67.68 -21.10 -28.23
CA SER G 251 -67.54 -19.70 -28.61
C SER G 251 -66.33 -19.49 -29.53
N LEU G 252 -65.38 -20.41 -29.47
CA LEU G 252 -64.20 -20.40 -30.32
C LEU G 252 -64.55 -20.32 -31.83
N PHE G 253 -65.71 -20.87 -32.18
CA PHE G 253 -66.10 -21.01 -33.58
C PHE G 253 -67.00 -19.87 -34.02
N ASP G 254 -67.04 -18.82 -33.22
CA ASP G 254 -67.85 -17.66 -33.52
C ASP G 254 -66.95 -16.57 -34.08
N GLU G 255 -66.71 -16.62 -35.38
CA GLU G 255 -65.91 -15.62 -36.10
C GLU G 255 -66.32 -14.22 -35.73
N LYS G 256 -67.63 -14.07 -35.54
CA LYS G 256 -68.25 -12.80 -35.24
C LYS G 256 -67.86 -12.37 -33.82
N ARG G 257 -67.89 -13.30 -32.88
CA ARG G 257 -67.43 -13.00 -31.52
C ARG G 257 -65.98 -12.53 -31.56
N HIS G 258 -65.18 -13.23 -32.36
CA HIS G 258 -63.77 -12.93 -32.48
C HIS G 258 -63.48 -11.56 -33.07
N GLU G 259 -64.14 -11.21 -34.16
CA GLU G 259 -63.96 -9.88 -34.72
C GLU G 259 -64.42 -8.79 -33.77
N HIS G 260 -65.51 -9.08 -33.05
CA HIS G 260 -66.04 -8.14 -32.08
C HIS G 260 -64.98 -7.84 -31.03
N LEU G 261 -64.45 -8.89 -30.42
CA LEU G 261 -63.39 -8.77 -29.42
C LEU G 261 -62.09 -8.17 -30.00
N LEU G 262 -61.81 -8.49 -31.25
CA LEU G 262 -60.63 -8.00 -31.93
C LEU G 262 -60.64 -6.49 -32.06
N SER G 263 -61.75 -5.94 -32.53
CA SER G 263 -61.86 -4.49 -32.67
C SER G 263 -61.95 -3.80 -31.31
N LYS G 264 -62.57 -4.48 -30.35
CA LYS G 264 -62.67 -3.94 -28.99
C LYS G 264 -61.30 -4.07 -28.30
N GLY G 265 -60.38 -4.80 -28.93
CA GLY G 265 -59.01 -4.95 -28.46
C GLY G 265 -58.73 -5.98 -27.38
N GLU G 266 -59.68 -6.87 -27.14
CA GLU G 266 -59.46 -7.96 -26.18
C GLU G 266 -58.80 -9.15 -26.88
N ARG G 267 -58.63 -9.03 -28.20
CA ARG G 267 -57.86 -9.97 -28.98
C ARG G 267 -57.08 -9.18 -30.04
N ARG G 268 -55.97 -9.72 -30.51
CA ARG G 268 -55.11 -8.98 -31.42
C ARG G 268 -54.84 -9.70 -32.73
N LEU G 269 -54.98 -11.02 -32.70
CA LEU G 269 -54.69 -11.83 -33.88
C LEU G 269 -55.90 -11.94 -34.79
N SER G 270 -55.67 -12.09 -36.08
CA SER G 270 -56.75 -12.39 -37.00
C SER G 270 -57.30 -13.77 -36.64
N TYR G 271 -58.56 -14.03 -37.02
CA TYR G 271 -59.21 -15.30 -36.68
C TYR G 271 -58.44 -16.50 -37.22
N ARG G 272 -58.00 -16.38 -38.46
CA ARG G 272 -57.28 -17.46 -39.09
C ARG G 272 -55.94 -17.66 -38.38
N ALA G 273 -55.27 -16.56 -38.07
CA ALA G 273 -54.03 -16.61 -37.30
C ALA G 273 -54.24 -17.37 -36.01
N LEU G 274 -55.35 -17.09 -35.33
CA LEU G 274 -55.70 -17.82 -34.12
C LEU G 274 -55.82 -19.30 -34.41
N GLN G 275 -56.38 -19.63 -35.57
CA GLN G 275 -56.51 -21.04 -35.95
C GLN G 275 -55.15 -21.73 -36.11
N GLY G 276 -54.23 -21.04 -36.79
CA GLY G 276 -52.88 -21.55 -36.97
C GLY G 276 -52.18 -21.77 -35.64
N ALA G 277 -52.26 -20.76 -34.80
CA ALA G 277 -51.66 -20.79 -33.48
C ALA G 277 -52.20 -21.98 -32.71
N LEU G 278 -53.51 -22.16 -32.76
CA LEU G 278 -54.16 -23.25 -32.08
C LEU G 278 -53.67 -24.60 -32.62
N MET G 279 -53.42 -24.67 -33.92
CA MET G 279 -52.92 -25.92 -34.50
C MET G 279 -51.52 -26.28 -34.01
N ILE G 280 -50.64 -25.28 -34.01
CA ILE G 280 -49.30 -25.49 -33.50
C ILE G 280 -49.40 -25.94 -32.05
N TYR G 281 -50.26 -25.26 -31.29
CA TYR G 281 -50.49 -25.58 -29.87
C TYR G 281 -50.88 -27.02 -29.65
N PHE G 282 -51.88 -27.51 -30.41
CA PHE G 282 -52.41 -28.86 -30.25
C PHE G 282 -51.44 -29.95 -30.78
N TYR G 283 -50.71 -29.62 -31.85
CA TYR G 283 -49.79 -30.55 -32.51
C TYR G 283 -48.34 -30.26 -32.14
N ARG G 284 -48.12 -29.80 -30.92
CA ARG G 284 -46.81 -29.34 -30.45
C ARG G 284 -45.71 -30.40 -30.48
N GLU G 285 -46.08 -31.66 -30.23
CA GLU G 285 -45.12 -32.77 -30.17
C GLU G 285 -44.63 -33.27 -31.54
N GLU G 286 -45.33 -32.89 -32.61
CA GLU G 286 -44.92 -33.31 -33.96
C GLU G 286 -43.69 -32.56 -34.45
N PRO G 287 -42.76 -33.30 -35.09
CA PRO G 287 -41.51 -32.79 -35.65
C PRO G 287 -41.64 -31.42 -36.32
N ARG G 288 -42.65 -31.27 -37.16
CA ARG G 288 -42.81 -30.03 -37.91
C ARG G 288 -43.37 -28.85 -37.10
N PHE G 289 -43.79 -29.11 -35.86
CA PHE G 289 -44.36 -28.04 -35.04
C PHE G 289 -43.60 -27.72 -33.74
N GLN G 290 -42.60 -28.51 -33.42
CA GLN G 290 -41.84 -28.34 -32.18
C GLN G 290 -41.18 -26.95 -32.14
N VAL G 291 -40.48 -26.61 -33.22
CA VAL G 291 -39.82 -25.32 -33.29
C VAL G 291 -40.83 -24.15 -33.32
N PRO G 292 -41.90 -24.24 -34.14
CA PRO G 292 -42.95 -23.21 -34.04
C PRO G 292 -43.49 -23.01 -32.62
N PHE G 293 -43.71 -24.10 -31.89
CA PHE G 293 -44.20 -23.99 -30.52
C PHE G 293 -43.16 -23.29 -29.65
N GLN G 294 -41.89 -23.57 -29.92
CA GLN G 294 -40.82 -22.85 -29.25
C GLN G 294 -40.94 -21.34 -29.51
N LEU G 295 -41.21 -20.97 -30.76
CA LEU G 295 -41.40 -19.56 -31.11
C LEU G 295 -42.56 -18.92 -30.35
N LEU G 296 -43.70 -19.59 -30.33
CA LEU G 296 -44.87 -19.07 -29.61
C LEU G 296 -44.54 -18.84 -28.14
N THR G 297 -43.95 -19.85 -27.51
CA THR G 297 -43.54 -19.78 -26.10
C THR G 297 -42.61 -18.59 -25.89
N SER G 298 -41.66 -18.46 -26.80
CA SER G 298 -40.72 -17.36 -26.74
C SER G 298 -41.44 -16.02 -26.73
N LEU G 299 -42.43 -15.86 -27.62
CA LEU G 299 -43.21 -14.62 -27.70
C LEU G 299 -43.97 -14.34 -26.41
N MET G 300 -44.63 -15.38 -25.87
CA MET G 300 -45.31 -15.24 -24.59
C MET G 300 -44.37 -14.79 -23.48
N ASP G 301 -43.21 -15.44 -23.41
CA ASP G 301 -42.19 -15.09 -22.42
C ASP G 301 -41.77 -13.63 -22.56
N ILE G 302 -41.50 -13.19 -23.79
CA ILE G 302 -41.10 -11.80 -24.03
C ILE G 302 -42.17 -10.84 -23.57
N ASP G 303 -43.43 -11.15 -23.89
CA ASP G 303 -44.55 -10.31 -23.47
C ASP G 303 -44.62 -10.21 -21.94
N SER G 304 -44.58 -11.37 -21.29
CA SER G 304 -44.59 -11.45 -19.84
C SER G 304 -43.51 -10.57 -19.23
N LEU G 305 -42.28 -10.82 -19.66
CA LEU G 305 -41.13 -10.15 -19.10
C LEU G 305 -41.13 -8.65 -19.33
N MET G 306 -41.53 -8.21 -20.51
CA MET G 306 -41.62 -6.77 -20.75
C MET G 306 -42.67 -6.16 -19.85
N THR G 307 -43.77 -6.87 -19.62
CA THR G 307 -44.77 -6.38 -18.68
C THR G 307 -44.16 -6.26 -17.28
N LYS G 308 -43.47 -7.30 -16.84
CA LYS G 308 -42.77 -7.31 -15.57
C LYS G 308 -41.83 -6.09 -15.45
N TRP G 309 -41.12 -5.77 -16.50
CA TRP G 309 -40.21 -4.64 -16.49
C TRP G 309 -40.95 -3.31 -16.36
N ARG G 310 -41.99 -3.15 -17.14
CA ARG G 310 -42.72 -1.90 -17.18
C ARG G 310 -43.23 -1.68 -15.79
N TYR G 311 -43.66 -2.76 -15.18
CA TYR G 311 -44.28 -2.72 -13.89
C TYR G 311 -43.33 -2.28 -12.79
N ASN G 312 -42.14 -2.86 -12.78
CA ASN G 312 -41.16 -2.48 -11.80
C ASN G 312 -40.80 -1.04 -11.96
N HIS G 313 -40.64 -0.64 -13.20
CA HIS G 313 -40.14 0.67 -13.46
C HIS G 313 -40.92 1.84 -12.95
N VAL G 314 -42.23 1.85 -13.16
CA VAL G 314 -43.04 2.91 -12.59
C VAL G 314 -43.04 2.71 -11.10
N CYS G 315 -43.12 1.46 -10.71
CA CYS G 315 -43.23 1.14 -9.31
C CYS G 315 -42.00 1.68 -8.65
N MET G 316 -40.87 1.61 -9.35
CA MET G 316 -39.67 2.29 -8.88
C MET G 316 -39.86 3.78 -8.84
N VAL G 317 -40.52 4.34 -9.84
CA VAL G 317 -40.75 5.77 -9.88
C VAL G 317 -41.61 6.14 -8.70
N HIS G 318 -42.35 5.17 -8.19
CA HIS G 318 -43.25 5.48 -7.11
C HIS G 318 -42.49 6.13 -5.98
N ARG G 319 -41.31 5.60 -5.67
CA ARG G 319 -40.52 6.20 -4.63
C ARG G 319 -39.88 7.37 -5.32
N MET G 320 -40.72 8.29 -5.79
CA MET G 320 -40.29 9.49 -6.51
C MET G 320 -41.39 10.14 -7.30
N ARG G 343 -53.52 -5.18 -18.47
CA ARG G 343 -52.24 -5.84 -18.40
C ARG G 343 -51.40 -5.36 -19.55
N TYR G 344 -51.96 -5.40 -20.76
CA TYR G 344 -51.28 -4.91 -21.96
C TYR G 344 -50.30 -5.83 -22.74
N LYS G 345 -50.41 -7.11 -22.53
CA LYS G 345 -49.68 -8.05 -23.36
C LYS G 345 -50.17 -8.01 -24.78
N VAL G 346 -49.22 -8.11 -25.69
CA VAL G 346 -49.49 -8.12 -27.12
C VAL G 346 -49.86 -9.49 -27.64
N PHE G 347 -49.48 -10.56 -26.96
CA PHE G 347 -49.73 -11.89 -27.50
C PHE G 347 -50.73 -12.67 -26.70
N VAL G 348 -51.69 -11.94 -26.23
CA VAL G 348 -52.65 -12.46 -25.30
C VAL G 348 -53.31 -13.68 -25.86
N ASP G 349 -53.57 -13.68 -27.14
CA ASP G 349 -54.20 -14.85 -27.76
C ASP G 349 -53.46 -16.13 -27.43
N LEU G 350 -52.13 -16.02 -27.43
CA LEU G 350 -51.26 -17.15 -27.16
C LEU G 350 -51.42 -17.59 -25.70
N PHE G 351 -51.48 -16.62 -24.82
CA PHE G 351 -51.75 -16.87 -23.42
C PHE G 351 -53.08 -17.58 -23.23
N ASN G 352 -54.03 -17.20 -24.08
CA ASN G 352 -55.37 -17.74 -23.98
C ASN G 352 -55.54 -19.12 -24.64
N LEU G 353 -54.55 -19.55 -25.43
CA LEU G 353 -54.60 -20.88 -26.05
C LEU G 353 -54.93 -21.98 -25.06
N SER G 354 -54.39 -21.86 -23.85
CA SER G 354 -54.57 -22.84 -22.80
C SER G 354 -56.03 -23.04 -22.39
N THR G 355 -56.81 -21.96 -22.47
CA THR G 355 -58.22 -22.01 -22.09
C THR G 355 -59.07 -22.93 -22.97
N TYR G 356 -58.61 -23.16 -24.20
CA TYR G 356 -59.31 -24.01 -25.17
C TYR G 356 -58.72 -25.41 -25.21
N LEU G 357 -58.15 -25.84 -24.09
CA LEU G 357 -57.59 -27.16 -24.03
C LEU G 357 -58.70 -28.20 -23.96
N ILE G 358 -58.55 -29.27 -24.72
CA ILE G 358 -59.58 -30.30 -24.81
C ILE G 358 -58.90 -31.64 -24.58
N PRO G 359 -59.67 -32.68 -24.36
CA PRO G 359 -59.08 -33.98 -24.09
C PRO G 359 -58.36 -34.49 -25.29
N ARG G 360 -57.44 -35.42 -25.10
CA ARG G 360 -56.50 -35.79 -26.14
C ARG G 360 -57.17 -36.33 -27.38
N HIS G 361 -58.15 -37.19 -27.19
CA HIS G 361 -58.84 -37.85 -28.31
C HIS G 361 -59.59 -36.91 -29.21
N TRP G 362 -60.15 -35.87 -28.64
CA TRP G 362 -60.96 -34.96 -29.41
C TRP G 362 -60.08 -34.34 -30.43
N ILE G 363 -58.79 -34.47 -30.29
CA ILE G 363 -57.94 -33.78 -31.23
C ILE G 363 -57.97 -34.59 -32.50
N PRO G 364 -58.20 -33.92 -33.61
CA PRO G 364 -58.31 -34.58 -34.89
C PRO G 364 -56.97 -35.03 -35.34
N LYS G 365 -56.82 -36.27 -35.78
CA LYS G 365 -55.53 -36.89 -36.02
C LYS G 365 -54.83 -36.35 -37.28
N MET G 366 -53.50 -36.35 -37.27
CA MET G 366 -52.76 -35.82 -38.41
C MET G 366 -52.13 -36.93 -39.25
N ASN G 367 -51.44 -36.54 -40.31
CA ASN G 367 -50.72 -37.49 -41.15
C ASN G 367 -49.32 -36.97 -41.46
N LEU H 25 -31.44 17.71 -19.17
CA LEU H 25 -32.44 17.20 -18.23
C LEU H 25 -33.50 16.38 -18.94
N ILE H 26 -33.19 15.90 -20.13
CA ILE H 26 -34.08 14.99 -20.80
C ILE H 26 -33.43 13.63 -20.80
N TYR H 27 -34.25 12.62 -20.64
CA TYR H 27 -33.69 11.28 -20.47
C TYR H 27 -32.41 11.01 -21.24
N GLY H 28 -32.40 11.30 -22.53
CA GLY H 28 -31.24 10.97 -23.34
C GLY H 28 -30.06 11.89 -23.09
N ASN H 29 -30.34 13.13 -22.70
CA ASN H 29 -29.26 14.05 -22.41
C ASN H 29 -28.71 13.81 -21.01
N TYR H 30 -29.62 13.55 -20.07
CA TYR H 30 -29.21 13.26 -18.72
C TYR H 30 -28.23 12.08 -18.69
N LEU H 31 -28.52 11.07 -19.52
CA LEU H 31 -27.73 9.85 -19.58
C LEU H 31 -26.66 9.88 -20.66
N HIS H 32 -26.57 10.99 -21.39
CA HIS H 32 -25.60 11.13 -22.49
C HIS H 32 -25.61 9.94 -23.44
N LEU H 33 -26.81 9.49 -23.84
CA LEU H 33 -26.94 8.33 -24.69
C LEU H 33 -26.35 8.56 -26.07
N GLU H 34 -26.09 9.83 -26.40
CA GLU H 34 -25.44 10.17 -27.65
C GLU H 34 -24.03 9.56 -27.68
N LYS H 35 -23.47 9.32 -26.50
CA LYS H 35 -22.19 8.65 -26.36
C LYS H 35 -22.39 7.13 -26.25
N VAL H 36 -23.22 6.71 -25.30
CA VAL H 36 -23.42 5.29 -24.98
C VAL H 36 -23.98 4.49 -26.14
N LEU H 37 -24.89 5.10 -26.90
CA LEU H 37 -25.58 4.39 -27.96
C LEU H 37 -24.95 4.64 -29.33
N ASN H 38 -23.83 5.32 -29.37
CA ASN H 38 -23.06 5.46 -30.61
C ASN H 38 -21.66 4.95 -30.41
N ALA H 39 -21.55 3.87 -29.65
CA ALA H 39 -20.26 3.27 -29.31
C ALA H 39 -20.21 1.82 -29.74
N GLN H 40 -21.10 1.46 -30.66
CA GLN H 40 -21.21 0.07 -31.10
C GLN H 40 -20.74 -0.06 -32.55
N GLU H 41 -19.45 -0.32 -32.74
CA GLU H 41 -18.87 -0.47 -34.07
C GLU H 41 -18.39 -1.91 -34.31
N LEU H 42 -19.11 -2.65 -35.15
CA LEU H 42 -18.76 -4.03 -35.47
C LEU H 42 -17.56 -4.13 -36.40
N GLN H 43 -16.49 -4.78 -35.92
CA GLN H 43 -15.32 -4.99 -36.77
C GLN H 43 -15.65 -5.79 -38.02
N SER H 44 -16.37 -6.90 -37.84
CA SER H 44 -16.79 -7.74 -38.96
C SER H 44 -17.56 -6.95 -40.01
N GLU H 45 -18.43 -6.05 -39.56
CA GLU H 45 -19.18 -5.22 -40.48
C GLU H 45 -18.25 -4.21 -41.14
N THR H 46 -17.33 -3.64 -40.35
CA THR H 46 -16.34 -2.68 -40.84
C THR H 46 -15.43 -3.29 -41.90
N LYS H 47 -15.11 -4.57 -41.72
CA LYS H 47 -14.28 -5.30 -42.68
C LYS H 47 -15.10 -6.19 -43.62
N GLY H 48 -16.26 -5.70 -44.04
CA GLY H 48 -17.01 -6.30 -45.13
C GLY H 48 -17.81 -7.56 -44.88
N ASN H 49 -17.65 -8.19 -43.72
CA ASN H 49 -18.36 -9.43 -43.42
C ASN H 49 -19.15 -9.35 -42.11
N LYS H 50 -20.23 -8.59 -42.11
CA LYS H 50 -21.02 -8.35 -40.90
C LYS H 50 -21.44 -9.65 -40.22
N ILE H 51 -21.14 -9.76 -38.93
CA ILE H 51 -21.56 -10.91 -38.16
C ILE H 51 -22.52 -10.47 -37.07
N HIS H 52 -23.71 -11.05 -37.11
CA HIS H 52 -24.81 -10.68 -36.21
C HIS H 52 -24.47 -10.72 -34.72
N ASP H 53 -23.86 -11.81 -34.27
CA ASP H 53 -23.63 -12.01 -32.85
C ASP H 53 -22.55 -11.09 -32.22
N GLU H 54 -21.76 -10.45 -33.08
CA GLU H 54 -20.72 -9.56 -32.58
C GLU H 54 -21.31 -8.39 -31.80
N HIS H 55 -22.49 -7.91 -32.22
CA HIS H 55 -23.17 -6.83 -31.52
C HIS H 55 -23.45 -7.25 -30.08
N LEU H 56 -23.91 -8.49 -29.91
CA LEU H 56 -24.15 -9.05 -28.58
C LEU H 56 -22.87 -9.07 -27.78
N PHE H 57 -21.78 -9.48 -28.43
CA PHE H 57 -20.48 -9.54 -27.77
C PHE H 57 -20.11 -8.15 -27.21
N ILE H 58 -20.26 -7.15 -28.06
CA ILE H 58 -19.94 -5.77 -27.68
C ILE H 58 -20.81 -5.24 -26.53
N ILE H 59 -22.12 -5.37 -26.67
CA ILE H 59 -23.04 -4.84 -25.67
C ILE H 59 -22.77 -5.49 -24.32
N THR H 60 -22.60 -6.80 -24.32
CA THR H 60 -22.30 -7.51 -23.10
C THR H 60 -21.06 -6.91 -22.41
N HIS H 61 -19.98 -6.75 -23.17
CA HIS H 61 -18.78 -6.21 -22.50
C HIS H 61 -18.90 -4.76 -22.04
N GLN H 62 -19.58 -3.93 -22.82
CA GLN H 62 -19.84 -2.54 -22.42
C GLN H 62 -20.68 -2.48 -21.12
N ALA H 63 -21.63 -3.41 -20.99
CA ALA H 63 -22.42 -3.50 -19.79
C ALA H 63 -21.52 -3.86 -18.61
N TYR H 64 -20.66 -4.86 -18.82
CA TYR H 64 -19.68 -5.22 -17.80
C TYR H 64 -18.89 -4.00 -17.35
N GLU H 65 -18.43 -3.20 -18.32
CA GLU H 65 -17.63 -2.02 -17.99
C GLU H 65 -18.42 -0.97 -17.20
N LEU H 66 -19.68 -0.77 -17.56
CA LEU H 66 -20.54 0.15 -16.81
C LEU H 66 -20.63 -0.30 -15.34
N TRP H 67 -20.87 -1.58 -15.13
CA TRP H 67 -20.97 -2.04 -13.76
C TRP H 67 -19.63 -2.02 -12.99
N PHE H 68 -18.52 -2.27 -13.69
CA PHE H 68 -17.20 -2.13 -13.08
C PHE H 68 -16.98 -0.68 -12.65
N LYS H 69 -17.41 0.25 -13.48
CA LYS H 69 -17.31 1.64 -13.10
C LYS H 69 -18.10 1.90 -11.82
N GLN H 70 -19.32 1.37 -11.75
CA GLN H 70 -20.13 1.54 -10.53
C GLN H 70 -19.45 0.97 -9.29
N ILE H 71 -18.97 -0.26 -9.41
CA ILE H 71 -18.27 -0.93 -8.33
C ILE H 71 -17.06 -0.12 -7.87
N LEU H 72 -16.33 0.44 -8.83
CA LEU H 72 -15.20 1.29 -8.48
C LEU H 72 -15.66 2.54 -7.72
N TRP H 73 -16.78 3.12 -8.15
CA TRP H 73 -17.36 4.26 -7.45
C TRP H 73 -17.65 3.91 -5.99
N GLU H 74 -18.42 2.85 -5.78
CA GLU H 74 -18.80 2.43 -4.44
C GLU H 74 -17.56 2.10 -3.60
N LEU H 75 -16.69 1.26 -4.15
CA LEU H 75 -15.48 0.79 -3.47
C LEU H 75 -14.55 1.94 -3.07
N ASP H 76 -14.37 2.91 -3.97
CA ASP H 76 -13.56 4.06 -3.65
C ASP H 76 -14.17 4.83 -2.49
N SER H 77 -15.50 4.97 -2.50
CA SER H 77 -16.16 5.66 -1.40
C SER H 77 -15.96 4.92 -0.06
N VAL H 78 -16.07 3.60 -0.08
CA VAL H 78 -15.83 2.83 1.14
C VAL H 78 -14.38 2.97 1.62
N ARG H 79 -13.44 2.86 0.70
CA ARG H 79 -12.03 3.04 1.03
C ARG H 79 -11.77 4.40 1.68
N GLU H 80 -12.32 5.47 1.09
CA GLU H 80 -12.19 6.79 1.71
C GLU H 80 -12.77 6.80 3.12
N ILE H 81 -13.98 6.29 3.30
CA ILE H 81 -14.57 6.25 4.62
C ILE H 81 -13.64 5.57 5.63
N PHE H 82 -13.07 4.42 5.26
CA PHE H 82 -12.12 3.74 6.13
C PHE H 82 -10.91 4.63 6.43
N GLN H 83 -10.33 5.21 5.39
CA GLN H 83 -9.14 6.05 5.48
C GLN H 83 -9.30 7.27 6.38
N ASN H 84 -10.53 7.74 6.57
CA ASN H 84 -10.74 8.94 7.36
C ASN H 84 -10.87 8.66 8.84
N GLY H 85 -10.62 7.41 9.23
CA GLY H 85 -10.54 7.05 10.63
C GLY H 85 -11.81 6.83 11.41
N HIS H 86 -12.96 7.15 10.82
CA HIS H 86 -14.21 7.05 11.57
C HIS H 86 -15.22 5.96 11.19
N VAL H 87 -14.73 4.80 10.74
CA VAL H 87 -15.63 3.73 10.31
C VAL H 87 -16.50 3.20 11.43
N ARG H 88 -16.04 3.30 12.67
CA ARG H 88 -16.74 2.68 13.80
C ARG H 88 -17.96 3.47 14.21
N ASP H 89 -17.98 4.75 13.85
CA ASP H 89 -19.19 5.53 13.98
C ASP H 89 -20.27 4.79 13.19
N GLU H 90 -21.34 4.40 13.88
CA GLU H 90 -22.34 3.53 13.30
C GLU H 90 -22.99 4.07 12.03
N ARG H 91 -23.10 5.39 11.91
CA ARG H 91 -23.63 5.99 10.68
C ARG H 91 -22.71 5.55 9.53
N ASN H 92 -21.41 5.72 9.74
CA ASN H 92 -20.41 5.35 8.75
C ASN H 92 -20.33 3.84 8.48
N MET H 93 -20.37 3.05 9.55
CA MET H 93 -20.33 1.62 9.40
C MET H 93 -21.54 1.15 8.58
N LEU H 94 -22.68 1.78 8.84
CA LEU H 94 -23.89 1.48 8.10
C LEU H 94 -23.72 1.78 6.62
N LYS H 95 -23.15 2.95 6.29
CA LYS H 95 -22.82 3.29 4.90
C LYS H 95 -21.93 2.23 4.23
N VAL H 96 -20.88 1.83 4.96
CA VAL H 96 -19.93 0.88 4.42
C VAL H 96 -20.61 -0.45 4.13
N VAL H 97 -21.36 -0.98 5.11
CA VAL H 97 -22.05 -2.26 4.90
C VAL H 97 -23.05 -2.17 3.74
N SER H 98 -23.75 -1.04 3.66
CA SER H 98 -24.76 -0.87 2.63
C SER H 98 -24.14 -0.88 1.24
N ARG H 99 -23.03 -0.17 1.09
CA ARG H 99 -22.37 -0.09 -0.21
C ARG H 99 -21.64 -1.37 -0.59
N MET H 100 -21.05 -2.05 0.40
CA MET H 100 -20.40 -3.33 0.13
C MET H 100 -21.45 -4.34 -0.31
N HIS H 101 -22.59 -4.32 0.37
CA HIS H 101 -23.74 -5.14 -0.01
C HIS H 101 -24.17 -4.85 -1.44
N ARG H 102 -24.24 -3.56 -1.77
CA ARG H 102 -24.57 -3.17 -3.13
C ARG H 102 -23.63 -3.78 -4.14
N VAL H 103 -22.32 -3.69 -3.86
CA VAL H 103 -21.31 -4.26 -4.75
C VAL H 103 -21.53 -5.76 -4.91
N SER H 104 -21.87 -6.43 -3.81
CA SER H 104 -22.20 -7.85 -3.87
C SER H 104 -23.37 -8.10 -4.84
N VAL H 105 -24.44 -7.31 -4.71
CA VAL H 105 -25.62 -7.46 -5.57
C VAL H 105 -25.28 -7.25 -7.05
N ILE H 106 -24.55 -6.17 -7.34
CA ILE H 106 -24.10 -5.93 -8.69
C ILE H 106 -23.30 -7.13 -9.21
N LEU H 107 -22.40 -7.64 -8.39
CA LEU H 107 -21.59 -8.79 -8.80
C LEU H 107 -22.44 -10.02 -9.14
N LYS H 108 -23.47 -10.30 -8.33
CA LYS H 108 -24.40 -11.38 -8.65
C LYS H 108 -25.04 -11.17 -10.01
N LEU H 109 -25.43 -9.92 -10.28
CA LEU H 109 -25.98 -9.64 -11.59
C LEU H 109 -24.96 -9.95 -12.70
N LEU H 110 -23.72 -9.52 -12.51
CA LEU H 110 -22.66 -9.79 -13.48
C LEU H 110 -22.42 -11.29 -13.70
N VAL H 111 -22.55 -12.07 -12.64
CA VAL H 111 -22.46 -13.52 -12.77
C VAL H 111 -23.64 -14.06 -13.61
N GLN H 112 -24.86 -13.59 -13.33
CA GLN H 112 -25.99 -14.01 -14.16
C GLN H 112 -25.88 -13.59 -15.62
N GLN H 113 -25.11 -12.55 -15.88
CA GLN H 113 -25.02 -12.01 -17.22
C GLN H 113 -24.31 -12.95 -18.21
N PHE H 114 -23.63 -13.96 -17.70
CA PHE H 114 -22.98 -14.91 -18.59
C PHE H 114 -23.99 -15.72 -19.39
N SER H 115 -25.19 -15.83 -18.83
CA SER H 115 -26.28 -16.53 -19.48
C SER H 115 -26.57 -15.93 -20.85
N ILE H 116 -26.24 -14.65 -21.03
CA ILE H 116 -26.45 -14.01 -22.31
C ILE H 116 -25.52 -14.59 -23.35
N LEU H 117 -24.21 -14.55 -23.07
CA LEU H 117 -23.23 -15.06 -24.02
C LEU H 117 -23.37 -16.56 -24.21
N GLU H 118 -23.99 -17.25 -23.26
CA GLU H 118 -24.25 -18.66 -23.46
C GLU H 118 -25.25 -18.92 -24.59
N THR H 119 -26.01 -17.90 -24.98
CA THR H 119 -26.98 -18.03 -26.07
C THR H 119 -26.30 -17.81 -27.41
N MET H 120 -24.98 -17.68 -27.36
CA MET H 120 -24.15 -17.52 -28.55
C MET H 120 -23.35 -18.80 -28.79
N THR H 121 -23.52 -19.41 -29.95
CA THR H 121 -22.79 -20.65 -30.23
C THR H 121 -21.32 -20.39 -30.57
N ALA H 122 -20.48 -21.37 -30.27
CA ALA H 122 -19.05 -21.26 -30.50
C ALA H 122 -18.75 -21.05 -31.98
N LEU H 123 -19.57 -21.70 -32.81
CA LEU H 123 -19.49 -21.54 -34.26
C LEU H 123 -19.66 -20.08 -34.68
N ASP H 124 -20.77 -19.50 -34.24
CA ASP H 124 -21.13 -18.12 -34.56
C ASP H 124 -20.09 -17.14 -34.03
N PHE H 125 -19.50 -17.48 -32.89
CA PHE H 125 -18.38 -16.71 -32.39
C PHE H 125 -17.21 -16.77 -33.35
N ASN H 126 -16.86 -17.98 -33.77
CA ASN H 126 -15.71 -18.20 -34.64
C ASN H 126 -15.84 -17.50 -35.98
N ASP H 127 -17.08 -17.34 -36.44
CA ASP H 127 -17.37 -16.62 -37.68
C ASP H 127 -16.81 -15.19 -37.67
N PHE H 128 -16.59 -14.62 -36.48
CA PHE H 128 -16.05 -13.26 -36.37
C PHE H 128 -14.79 -13.18 -35.49
N ARG H 129 -14.40 -14.33 -34.95
CA ARG H 129 -13.38 -14.43 -33.95
C ARG H 129 -12.15 -13.83 -34.54
N GLU H 130 -11.98 -13.98 -35.84
CA GLU H 130 -10.81 -13.50 -36.53
C GLU H 130 -10.67 -11.99 -36.41
N TYR H 131 -11.77 -11.28 -36.27
CA TYR H 131 -11.67 -9.83 -36.26
C TYR H 131 -11.12 -9.20 -34.97
N LEU H 132 -11.04 -9.96 -33.89
CA LEU H 132 -10.52 -9.41 -32.63
C LEU H 132 -9.13 -9.84 -32.16
N SER H 133 -8.41 -10.58 -32.98
CA SER H 133 -7.08 -11.08 -32.64
C SER H 133 -6.05 -10.09 -33.17
N PRO H 134 -5.06 -9.70 -32.35
CA PRO H 134 -4.61 -10.40 -31.15
C PRO H 134 -5.61 -10.43 -30.03
N ALA H 135 -5.58 -11.50 -29.26
CA ALA H 135 -6.53 -11.67 -28.17
C ALA H 135 -5.93 -11.56 -26.78
N SER H 136 -4.68 -11.16 -26.69
CA SER H 136 -3.98 -11.29 -25.42
C SER H 136 -4.33 -10.48 -24.18
N GLY H 137 -4.52 -9.17 -24.27
CA GLY H 137 -4.97 -8.39 -25.40
C GLY H 137 -6.44 -8.05 -25.22
N PHE H 138 -7.09 -8.78 -24.32
CA PHE H 138 -8.49 -8.63 -24.06
C PHE H 138 -8.68 -8.56 -22.57
N GLN H 139 -8.22 -7.47 -21.98
CA GLN H 139 -8.36 -7.30 -20.57
C GLN H 139 -8.85 -5.95 -20.20
N SER H 140 -9.75 -5.93 -19.23
CA SER H 140 -10.30 -4.69 -18.76
C SER H 140 -9.32 -3.99 -17.90
N LEU H 141 -9.10 -2.71 -18.14
CA LEU H 141 -8.34 -1.91 -17.20
C LEU H 141 -9.12 -1.81 -15.89
N GLN H 142 -10.43 -1.56 -15.98
CA GLN H 142 -11.25 -1.36 -14.78
C GLN H 142 -11.29 -2.58 -13.88
N PHE H 143 -11.33 -3.77 -14.46
CA PHE H 143 -11.31 -4.96 -13.63
C PHE H 143 -9.99 -5.07 -12.89
N ARG H 144 -8.91 -4.62 -13.54
CA ARG H 144 -7.59 -4.62 -12.94
C ARG H 144 -7.52 -3.62 -11.77
N LEU H 145 -8.01 -2.41 -12.02
CA LEU H 145 -8.12 -1.40 -10.97
C LEU H 145 -8.88 -1.98 -9.78
N LEU H 146 -9.99 -2.67 -10.09
CA LEU H 146 -10.82 -3.31 -9.09
C LEU H 146 -10.00 -4.29 -8.25
N GLU H 147 -9.32 -5.20 -8.94
CA GLU H 147 -8.49 -6.20 -8.28
C GLU H 147 -7.44 -5.57 -7.38
N ASN H 148 -6.80 -4.55 -7.90
CA ASN H 148 -5.78 -3.89 -7.14
C ASN H 148 -6.27 -3.26 -5.88
N LYS H 149 -7.38 -2.58 -5.96
CA LYS H 149 -7.97 -1.92 -4.83
C LYS H 149 -8.54 -2.82 -3.78
N ILE H 150 -8.87 -4.04 -4.12
CA ILE H 150 -9.36 -4.99 -3.14
C ILE H 150 -8.44 -5.50 -2.04
N GLY H 151 -7.21 -5.89 -2.27
CA GLY H 151 -6.65 -6.09 -3.57
C GLY H 151 -6.02 -7.44 -3.62
N VAL H 152 -6.10 -7.99 -4.80
CA VAL H 152 -5.46 -9.20 -5.18
C VAL H 152 -3.98 -8.98 -5.33
N LEU H 153 -3.23 -10.01 -5.05
CA LEU H 153 -1.82 -10.04 -5.31
C LEU H 153 -1.50 -10.22 -6.76
N GLN H 154 -0.49 -9.50 -7.23
CA GLN H 154 -0.06 -9.51 -8.64
C GLN H 154 -1.26 -9.67 -9.59
N GLU H 172 -1.53 8.77 -18.71
CA GLU H 172 -2.51 8.28 -19.73
C GLU H 172 -3.68 7.78 -18.86
N GLU H 173 -3.73 6.46 -18.74
CA GLU H 173 -4.65 5.72 -17.88
C GLU H 173 -3.77 4.86 -16.97
N ASN H 174 -2.55 4.64 -17.45
CA ASN H 174 -1.51 3.94 -16.72
C ASN H 174 -1.19 4.70 -15.44
N GLU H 175 -1.53 5.98 -15.41
CA GLU H 175 -1.38 6.77 -14.19
C GLU H 175 -2.43 6.33 -13.18
N LEU H 176 -3.63 6.02 -13.65
CA LEU H 176 -4.70 5.53 -12.77
C LEU H 176 -4.26 4.18 -12.25
N LEU H 177 -3.72 3.36 -13.14
CA LEU H 177 -3.23 2.04 -12.74
C LEU H 177 -2.17 2.15 -11.65
N LEU H 178 -1.24 3.06 -11.84
CA LEU H 178 -0.17 3.27 -10.89
C LEU H 178 -0.71 3.71 -9.54
N LYS H 179 -1.57 4.72 -9.56
CA LYS H 179 -2.23 5.17 -8.34
C LYS H 179 -2.93 4.00 -7.62
N SER H 180 -3.59 3.14 -8.38
CA SER H 180 -4.29 2.02 -7.77
C SER H 180 -3.28 1.10 -7.10
N GLU H 181 -2.07 1.07 -7.65
CA GLU H 181 -1.00 0.26 -7.07
C GLU H 181 -0.38 0.90 -5.83
N GLN H 182 -0.41 2.23 -5.73
CA GLN H 182 0.21 2.90 -4.59
C GLN H 182 -0.76 3.00 -3.40
N GLU H 183 -2.01 3.34 -3.69
CA GLU H 183 -2.98 3.60 -2.63
C GLU H 183 -3.38 2.38 -1.80
N LYS H 184 -3.92 2.62 -0.60
CA LYS H 184 -4.30 1.54 0.28
C LYS H 184 -5.45 0.70 -0.25
N THR H 185 -5.29 -0.61 -0.22
CA THR H 185 -6.35 -1.51 -0.65
C THR H 185 -7.39 -1.63 0.44
N LEU H 186 -8.55 -2.14 0.05
CA LEU H 186 -9.62 -2.40 1.01
C LEU H 186 -9.15 -3.41 2.04
N LEU H 187 -8.39 -4.41 1.60
CA LEU H 187 -7.85 -5.42 2.52
C LEU H 187 -7.03 -4.77 3.64
N GLU H 188 -6.11 -3.87 3.27
CA GLU H 188 -5.29 -3.18 4.26
C GLU H 188 -6.14 -2.38 5.25
N LEU H 189 -7.11 -1.64 4.72
CA LEU H 189 -7.96 -0.81 5.56
C LEU H 189 -8.82 -1.67 6.52
N VAL H 190 -9.36 -2.78 6.01
CA VAL H 190 -10.12 -3.72 6.82
C VAL H 190 -9.23 -4.30 7.90
N GLU H 191 -7.99 -4.61 7.53
CA GLU H 191 -6.97 -5.08 8.47
C GLU H 191 -6.71 -4.10 9.61
N ALA H 192 -6.54 -2.84 9.24
CA ALA H 192 -6.32 -1.77 10.20
C ALA H 192 -7.48 -1.70 11.17
N TRP H 193 -8.68 -1.70 10.60
CA TRP H 193 -9.91 -1.62 11.36
C TRP H 193 -10.00 -2.76 12.35
N LEU H 194 -9.68 -3.97 11.89
CA LEU H 194 -9.75 -5.14 12.71
C LEU H 194 -8.75 -5.04 13.85
N GLU H 195 -7.57 -4.49 13.55
CA GLU H 195 -6.53 -4.35 14.56
C GLU H 195 -6.96 -3.50 15.74
N ARG H 196 -7.87 -2.56 15.50
CA ARG H 196 -8.34 -1.68 16.56
C ARG H 196 -9.59 -2.21 17.26
N THR H 197 -9.86 -3.51 17.15
CA THR H 197 -11.07 -4.07 17.79
C THR H 197 -10.90 -4.07 19.30
N PRO H 198 -11.76 -3.33 20.00
CA PRO H 198 -11.75 -3.26 21.47
C PRO H 198 -11.93 -4.65 22.09
N GLY H 199 -11.05 -5.02 23.01
CA GLY H 199 -11.16 -6.30 23.67
C GLY H 199 -9.90 -7.15 23.54
N LEU H 200 -9.00 -6.73 22.67
CA LEU H 200 -7.79 -7.51 22.39
C LEU H 200 -6.67 -7.24 23.39
N GLU H 201 -6.82 -6.16 24.13
CA GLU H 201 -5.81 -5.75 25.10
C GLU H 201 -5.61 -6.83 26.16
N PRO H 202 -4.37 -7.22 26.37
CA PRO H 202 -4.01 -8.25 27.34
C PRO H 202 -4.34 -7.88 28.75
N HIS H 203 -4.28 -6.61 29.08
CA HIS H 203 -4.71 -6.20 30.39
C HIS H 203 -5.97 -5.49 30.06
N GLY H 204 -7.09 -6.00 30.54
CA GLY H 204 -8.36 -5.55 30.02
C GLY H 204 -9.16 -6.79 29.81
N PHE H 205 -9.95 -6.81 28.76
CA PHE H 205 -10.75 -7.97 28.49
C PHE H 205 -9.89 -9.19 28.25
N ASN H 206 -8.75 -9.03 27.64
CA ASN H 206 -7.88 -10.15 27.38
C ASN H 206 -8.57 -11.24 26.61
N PHE H 207 -9.18 -10.87 25.51
CA PHE H 207 -9.98 -11.84 24.80
C PHE H 207 -9.16 -13.08 24.44
N TRP H 208 -7.97 -12.84 23.90
CA TRP H 208 -7.13 -13.92 23.38
C TRP H 208 -6.62 -14.84 24.49
N GLY H 209 -6.20 -14.23 25.60
CA GLY H 209 -5.69 -15.01 26.71
C GLY H 209 -6.75 -15.95 27.24
N LYS H 210 -7.89 -15.37 27.58
CA LYS H 210 -9.05 -16.12 28.04
C LYS H 210 -9.41 -17.22 27.05
N LEU H 211 -9.42 -16.89 25.77
CA LEU H 211 -9.79 -17.84 24.74
C LEU H 211 -8.88 -19.06 24.76
N GLU H 212 -7.57 -18.81 24.78
CA GLU H 212 -6.59 -19.88 24.85
C GLU H 212 -6.82 -20.74 26.10
N LYS H 213 -7.03 -20.09 27.24
CA LYS H 213 -7.29 -20.80 28.48
C LYS H 213 -8.51 -21.71 28.35
N ASN H 214 -9.62 -21.14 27.93
CA ASN H 214 -10.88 -21.87 27.79
C ASN H 214 -10.77 -23.04 26.81
N ILE H 215 -10.07 -22.86 25.70
CA ILE H 215 -9.92 -23.92 24.71
C ILE H 215 -9.03 -25.03 25.27
N THR H 216 -7.93 -24.65 25.92
CA THR H 216 -7.02 -25.63 26.50
C THR H 216 -7.70 -26.47 27.56
N ARG H 217 -8.35 -25.79 28.51
CA ARG H 217 -9.07 -26.46 29.58
C ARG H 217 -10.14 -27.38 29.01
N GLY H 218 -10.89 -26.86 28.05
CA GLY H 218 -12.02 -27.60 27.51
C GLY H 218 -11.54 -28.84 26.81
N LEU H 219 -10.38 -28.72 26.16
CA LEU H 219 -9.79 -29.85 25.47
C LEU H 219 -9.29 -30.92 26.46
N GLU H 220 -8.71 -30.47 27.57
CA GLU H 220 -8.27 -31.38 28.61
C GLU H 220 -9.46 -32.17 29.18
N GLU H 221 -10.52 -31.45 29.54
CA GLU H 221 -11.71 -32.04 30.10
C GLU H 221 -12.41 -33.00 29.13
N GLU H 222 -12.41 -32.66 27.85
CA GLU H 222 -13.06 -33.54 26.89
C GLU H 222 -12.20 -34.78 26.69
N PHE H 223 -10.88 -34.59 26.75
CA PHE H 223 -9.93 -35.69 26.68
C PHE H 223 -10.26 -36.70 27.77
N ILE H 224 -10.54 -36.17 28.96
CA ILE H 224 -10.90 -37.01 30.10
C ILE H 224 -12.25 -37.69 29.91
N ARG H 225 -13.22 -37.04 29.26
CA ARG H 225 -14.52 -37.68 29.13
C ARG H 225 -14.47 -38.71 28.00
N ILE H 226 -13.39 -38.68 27.23
CA ILE H 226 -13.21 -39.64 26.16
C ILE H 226 -12.41 -40.87 26.61
N GLN H 227 -11.27 -40.63 27.25
CA GLN H 227 -10.34 -41.69 27.69
C GLN H 227 -10.88 -42.68 28.73
N ALA H 228 -12.07 -42.44 29.25
CA ALA H 228 -12.58 -43.25 30.34
C ALA H 228 -13.75 -44.13 29.89
N LYS H 229 -14.05 -44.08 28.59
CA LYS H 229 -15.11 -44.90 28.01
C LYS H 229 -14.54 -46.24 27.48
N GLU H 230 -15.42 -47.11 26.99
CA GLU H 230 -14.99 -48.40 26.45
C GLU H 230 -14.45 -48.33 25.01
N GLU H 231 -13.49 -49.20 24.73
CA GLU H 231 -12.82 -49.28 23.43
C GLU H 231 -13.72 -49.93 22.39
N GLU H 236 -14.89 -45.47 19.00
CA GLU H 236 -13.63 -45.12 19.65
C GLU H 236 -12.75 -44.28 18.71
N GLU H 237 -13.28 -43.98 17.53
CA GLU H 237 -12.61 -43.07 16.61
C GLU H 237 -12.72 -41.63 17.10
N GLN H 238 -13.30 -41.48 18.29
CA GLN H 238 -13.43 -40.18 18.94
C GLN H 238 -12.08 -39.61 19.37
N VAL H 239 -11.15 -40.47 19.75
CA VAL H 239 -9.78 -40.06 20.04
C VAL H 239 -9.12 -39.51 18.77
N ALA H 240 -9.29 -40.26 17.68
CA ALA H 240 -8.70 -39.89 16.41
C ALA H 240 -9.14 -38.51 15.99
N GLU H 241 -10.44 -38.24 16.11
CA GLU H 241 -10.97 -36.91 15.81
C GLU H 241 -10.49 -35.89 16.85
N PHE H 242 -10.33 -36.34 18.10
CA PHE H 242 -9.93 -35.45 19.18
C PHE H 242 -8.57 -34.82 18.95
N GLN H 243 -7.55 -35.62 18.61
CA GLN H 243 -6.23 -35.01 18.44
C GLN H 243 -6.23 -34.06 17.25
N LYS H 244 -7.04 -34.36 16.25
CA LYS H 244 -7.17 -33.49 15.09
C LYS H 244 -7.75 -32.14 15.50
N GLN H 245 -8.86 -32.18 16.23
CA GLN H 245 -9.49 -30.96 16.71
C GLN H 245 -8.52 -30.18 17.58
N LYS H 246 -7.81 -30.88 18.46
CA LYS H 246 -6.86 -30.25 19.35
C LYS H 246 -5.78 -29.55 18.58
N GLU H 247 -5.26 -30.22 17.56
CA GLU H 247 -4.20 -29.65 16.77
C GLU H 247 -4.66 -28.40 16.03
N VAL H 248 -5.83 -28.49 15.40
CA VAL H 248 -6.35 -27.35 14.65
C VAL H 248 -6.60 -26.17 15.59
N LEU H 249 -7.35 -26.42 16.65
CA LEU H 249 -7.71 -25.40 17.61
C LEU H 249 -6.49 -24.73 18.24
N LEU H 250 -5.51 -25.54 18.64
CA LEU H 250 -4.31 -25.01 19.26
C LEU H 250 -3.39 -24.27 18.25
N SER H 251 -3.39 -24.71 16.99
CA SER H 251 -2.59 -24.07 15.95
C SER H 251 -2.95 -22.59 15.80
N LEU H 252 -4.17 -22.25 16.19
CA LEU H 252 -4.63 -20.86 16.17
C LEU H 252 -3.72 -19.93 16.96
N PHE H 253 -3.09 -20.48 17.99
CA PHE H 253 -2.29 -19.70 18.95
C PHE H 253 -0.82 -19.74 18.60
N ASP H 254 -0.50 -20.15 17.39
CA ASP H 254 0.88 -20.22 16.95
C ASP H 254 1.21 -19.02 16.07
N GLU H 255 1.58 -17.89 16.71
CA GLU H 255 1.93 -16.63 16.02
C GLU H 255 2.96 -16.76 14.91
N LYS H 256 4.00 -17.55 15.19
CA LYS H 256 5.09 -17.67 14.24
C LYS H 256 4.60 -18.38 13.01
N ARG H 257 3.78 -19.42 13.23
CA ARG H 257 3.21 -20.11 12.10
C ARG H 257 2.44 -19.14 11.23
N HIS H 258 1.71 -18.24 11.88
CA HIS H 258 0.91 -17.28 11.16
C HIS H 258 1.80 -16.37 10.34
N GLU H 259 2.89 -15.92 10.95
CA GLU H 259 3.83 -15.06 10.25
C GLU H 259 4.40 -15.73 9.00
N HIS H 260 4.68 -17.03 9.15
CA HIS H 260 5.24 -17.80 8.07
C HIS H 260 4.27 -17.84 6.92
N LEU H 261 3.03 -18.24 7.20
CA LEU H 261 2.03 -18.33 6.14
C LEU H 261 1.76 -16.95 5.51
N LEU H 262 1.81 -15.88 6.31
CA LEU H 262 1.65 -14.53 5.77
C LEU H 262 2.70 -14.19 4.73
N SER H 263 3.95 -14.50 5.07
CA SER H 263 5.04 -14.20 4.15
C SER H 263 4.92 -15.08 2.92
N LYS H 264 4.42 -16.30 3.11
CA LYS H 264 4.19 -17.19 1.98
C LYS H 264 2.98 -16.73 1.17
N GLY H 265 2.20 -15.83 1.75
CA GLY H 265 1.02 -15.32 1.06
C GLY H 265 -0.14 -16.31 1.14
N GLU H 266 -0.04 -17.29 2.04
CA GLU H 266 -1.11 -18.27 2.23
C GLU H 266 -2.13 -17.71 3.22
N ARG H 267 -1.81 -16.58 3.83
CA ARG H 267 -2.74 -15.83 4.66
C ARG H 267 -2.50 -14.37 4.34
N ARG H 268 -3.47 -13.50 4.59
CA ARG H 268 -3.31 -12.12 4.17
C ARG H 268 -3.45 -11.14 5.31
N LEU H 269 -4.17 -11.53 6.35
CA LEU H 269 -4.38 -10.65 7.50
C LEU H 269 -3.30 -10.80 8.57
N SER H 270 -3.00 -9.70 9.23
CA SER H 270 -2.10 -9.72 10.36
C SER H 270 -2.72 -10.55 11.48
N TYR H 271 -1.89 -11.10 12.37
CA TYR H 271 -2.36 -11.98 13.46
C TYR H 271 -3.39 -11.31 14.34
N ARG H 272 -3.13 -10.05 14.69
CA ARG H 272 -4.06 -9.31 15.50
C ARG H 272 -5.39 -9.13 14.77
N ALA H 273 -5.31 -8.77 13.49
CA ALA H 273 -6.47 -8.62 12.65
C ALA H 273 -7.29 -9.88 12.71
N LEU H 274 -6.59 -11.00 12.65
CA LEU H 274 -7.23 -12.28 12.75
C LEU H 274 -7.97 -12.40 14.07
N GLN H 275 -7.37 -11.94 15.15
CA GLN H 275 -8.03 -12.01 16.44
C GLN H 275 -9.31 -11.17 16.43
N GLY H 276 -9.25 -9.98 15.84
CA GLY H 276 -10.41 -9.12 15.74
C GLY H 276 -11.54 -9.80 14.98
N ALA H 277 -11.22 -10.36 13.82
CA ALA H 277 -12.20 -11.06 13.01
C ALA H 277 -12.82 -12.19 13.79
N LEU H 278 -11.99 -12.93 14.52
CA LEU H 278 -12.50 -14.01 15.34
C LEU H 278 -13.46 -13.52 16.41
N MET H 279 -13.13 -12.37 16.99
CA MET H 279 -13.99 -11.80 18.01
C MET H 279 -15.36 -11.43 17.44
N ILE H 280 -15.37 -10.76 16.30
CA ILE H 280 -16.61 -10.40 15.61
C ILE H 280 -17.42 -11.63 15.28
N TYR H 281 -16.73 -12.65 14.77
CA TYR H 281 -17.33 -13.93 14.44
C TYR H 281 -18.04 -14.55 15.64
N PHE H 282 -17.31 -14.64 16.76
CA PHE H 282 -17.83 -15.30 17.95
C PHE H 282 -18.95 -14.49 18.63
N TYR H 283 -18.90 -13.16 18.54
CA TYR H 283 -19.90 -12.32 19.18
C TYR H 283 -20.89 -11.77 18.15
N ARG H 284 -21.15 -12.54 17.10
CA ARG H 284 -21.96 -12.02 16.00
C ARG H 284 -23.39 -11.69 16.41
N GLU H 285 -23.93 -12.43 17.38
CA GLU H 285 -25.30 -12.22 17.83
C GLU H 285 -25.45 -10.99 18.72
N GLU H 286 -24.32 -10.50 19.22
CA GLU H 286 -24.35 -9.33 20.09
C GLU H 286 -24.66 -8.08 19.27
N PRO H 287 -25.55 -7.23 19.77
CA PRO H 287 -25.99 -5.99 19.10
C PRO H 287 -24.88 -5.18 18.45
N ARG H 288 -23.81 -4.91 19.18
CA ARG H 288 -22.74 -4.06 18.66
C ARG H 288 -21.78 -4.78 17.70
N PHE H 289 -22.02 -6.05 17.46
CA PHE H 289 -21.21 -6.82 16.52
C PHE H 289 -22.00 -7.32 15.31
N GLN H 290 -23.32 -7.13 15.31
CA GLN H 290 -24.11 -7.63 14.19
C GLN H 290 -23.71 -6.97 12.85
N VAL H 291 -23.60 -5.65 12.84
CA VAL H 291 -23.23 -4.94 11.61
C VAL H 291 -21.77 -5.24 11.15
N PRO H 292 -20.79 -5.21 12.08
CA PRO H 292 -19.43 -5.64 11.71
C PRO H 292 -19.41 -7.00 11.04
N PHE H 293 -20.16 -7.92 11.63
CA PHE H 293 -20.24 -9.24 11.03
C PHE H 293 -20.88 -9.20 9.63
N GLN H 294 -21.86 -8.32 9.46
CA GLN H 294 -22.44 -8.13 8.14
C GLN H 294 -21.36 -7.74 7.17
N LEU H 295 -20.49 -6.83 7.61
CA LEU H 295 -19.39 -6.40 6.77
C LEU H 295 -18.51 -7.57 6.36
N LEU H 296 -18.10 -8.38 7.33
CA LEU H 296 -17.24 -9.52 7.02
C LEU H 296 -17.88 -10.41 5.96
N THR H 297 -19.17 -10.70 6.15
CA THR H 297 -19.93 -11.51 5.21
C THR H 297 -19.88 -10.89 3.80
N SER H 298 -20.11 -9.58 3.73
CA SER H 298 -20.08 -8.91 2.43
C SER H 298 -18.73 -9.08 1.75
N LEU H 299 -17.64 -8.91 2.51
CA LEU H 299 -16.29 -9.03 1.95
C LEU H 299 -16.05 -10.44 1.38
N MET H 300 -16.43 -11.45 2.15
CA MET H 300 -16.33 -12.81 1.63
C MET H 300 -17.13 -12.98 0.34
N ASP H 301 -18.38 -12.48 0.33
CA ASP H 301 -19.23 -12.60 -0.87
C ASP H 301 -18.57 -11.96 -2.09
N ILE H 302 -18.05 -10.75 -1.90
CA ILE H 302 -17.38 -10.03 -2.97
C ILE H 302 -16.20 -10.85 -3.47
N ASP H 303 -15.44 -11.43 -2.55
CA ASP H 303 -14.32 -12.26 -2.95
C ASP H 303 -14.76 -13.42 -3.84
N SER H 304 -15.74 -14.20 -3.34
CA SER H 304 -16.30 -15.32 -4.10
C SER H 304 -16.80 -14.90 -5.50
N LEU H 305 -17.66 -13.89 -5.55
CA LEU H 305 -18.26 -13.49 -6.80
C LEU H 305 -17.23 -13.00 -7.80
N MET H 306 -16.25 -12.24 -7.33
CA MET H 306 -15.21 -11.80 -8.26
C MET H 306 -14.42 -12.99 -8.79
N THR H 307 -14.16 -13.98 -7.95
CA THR H 307 -13.48 -15.16 -8.45
C THR H 307 -14.34 -15.90 -9.50
N LYS H 308 -15.62 -16.12 -9.20
CA LYS H 308 -16.54 -16.74 -10.16
C LYS H 308 -16.55 -16.00 -11.47
N TRP H 309 -16.58 -14.67 -11.40
CA TRP H 309 -16.63 -13.87 -12.61
C TRP H 309 -15.36 -14.01 -13.42
N ARG H 310 -14.21 -13.84 -12.76
CA ARG H 310 -12.90 -14.00 -13.39
C ARG H 310 -12.76 -15.38 -14.05
N TYR H 311 -13.33 -16.39 -13.40
CA TYR H 311 -13.34 -17.76 -13.91
C TYR H 311 -14.23 -17.95 -15.15
N ASN H 312 -15.46 -17.44 -15.08
CA ASN H 312 -16.43 -17.51 -16.18
C ASN H 312 -15.96 -16.77 -17.42
N HIS H 313 -15.20 -15.70 -17.20
CA HIS H 313 -14.60 -14.97 -18.30
C HIS H 313 -13.67 -15.88 -19.08
N VAL H 314 -12.97 -16.77 -18.38
CA VAL H 314 -12.02 -17.65 -19.06
C VAL H 314 -12.65 -18.97 -19.57
N CYS H 315 -13.60 -19.56 -18.83
CA CYS H 315 -14.41 -20.66 -19.38
C CYS H 315 -15.12 -20.29 -20.66
N MET H 316 -15.57 -19.04 -20.74
CA MET H 316 -16.22 -18.57 -21.95
C MET H 316 -15.15 -18.22 -22.99
N VAL H 317 -14.01 -17.65 -22.59
CA VAL H 317 -12.96 -17.40 -23.59
C VAL H 317 -12.41 -18.70 -24.20
N HIS H 318 -12.37 -19.76 -23.41
CA HIS H 318 -11.94 -21.07 -23.88
C HIS H 318 -13.01 -21.77 -24.73
N ARG H 319 -14.25 -21.77 -24.26
CA ARG H 319 -15.35 -22.30 -25.07
C ARG H 319 -15.42 -21.54 -26.40
N MET H 320 -14.98 -20.28 -26.41
CA MET H 320 -15.03 -19.47 -27.62
C MET H 320 -13.74 -19.62 -28.43
N LEU H 321 -12.65 -19.91 -27.73
CA LEU H 321 -11.35 -20.14 -28.38
C LEU H 321 -11.03 -21.63 -28.14
N ARG H 343 -9.77 -19.77 -5.60
CA ARG H 343 -11.22 -19.63 -5.39
C ARG H 343 -11.67 -18.38 -4.61
N TYR H 344 -11.06 -18.11 -3.46
CA TYR H 344 -11.41 -16.97 -2.65
C TYR H 344 -10.10 -16.29 -2.29
N LYS H 345 -9.63 -15.43 -3.17
CA LYS H 345 -8.34 -14.80 -3.08
C LYS H 345 -7.99 -13.99 -1.85
N VAL H 346 -8.65 -12.87 -1.64
CA VAL H 346 -8.21 -11.87 -0.70
C VAL H 346 -8.59 -12.05 0.75
N PHE H 347 -9.76 -12.57 1.02
CA PHE H 347 -10.22 -12.69 2.40
C PHE H 347 -10.31 -14.13 2.76
N VAL H 348 -9.20 -14.81 2.71
CA VAL H 348 -9.14 -16.21 3.04
C VAL H 348 -9.34 -16.41 4.50
N ASP H 349 -8.81 -15.50 5.28
CA ASP H 349 -8.88 -15.61 6.71
C ASP H 349 -10.27 -15.57 7.22
N LEU H 350 -11.10 -14.73 6.66
CA LEU H 350 -12.47 -14.70 7.02
C LEU H 350 -13.12 -16.00 6.67
N PHE H 351 -12.79 -16.57 5.54
CA PHE H 351 -13.37 -17.83 5.12
C PHE H 351 -13.00 -18.92 6.07
N ASN H 352 -11.80 -18.84 6.59
CA ASN H 352 -11.29 -19.84 7.50
C ASN H 352 -11.75 -19.66 8.93
N LEU H 353 -12.40 -18.55 9.25
CA LEU H 353 -12.91 -18.37 10.62
C LEU H 353 -13.70 -19.59 11.11
N SER H 354 -14.47 -20.23 10.24
CA SER H 354 -15.29 -21.38 10.64
C SER H 354 -14.52 -22.59 11.21
N THR H 355 -13.30 -22.87 10.75
CA THR H 355 -12.54 -24.01 11.26
C THR H 355 -12.23 -23.91 12.76
N TYR H 356 -12.25 -22.67 13.26
CA TYR H 356 -11.96 -22.39 14.66
C TYR H 356 -13.26 -22.26 15.44
N LEU H 357 -14.27 -23.01 15.00
CA LEU H 357 -15.56 -23.07 15.69
C LEU H 357 -15.41 -23.86 16.99
N ILE H 358 -15.97 -23.33 18.06
CA ILE H 358 -15.84 -23.94 19.38
C ILE H 358 -17.18 -23.97 20.10
N PRO H 359 -17.32 -24.87 21.09
CA PRO H 359 -18.54 -24.90 21.92
C PRO H 359 -18.86 -23.53 22.49
N ARG H 360 -20.14 -23.21 22.60
CA ARG H 360 -20.57 -21.88 23.03
C ARG H 360 -19.95 -21.51 24.35
N HIS H 361 -19.97 -22.49 25.26
CA HIS H 361 -19.50 -22.29 26.62
C HIS H 361 -18.00 -22.03 26.74
N TRP H 362 -17.22 -22.31 25.69
CA TRP H 362 -15.78 -21.96 25.71
C TRP H 362 -15.52 -20.50 25.32
N ILE H 363 -16.49 -19.83 24.71
CA ILE H 363 -16.27 -18.45 24.31
C ILE H 363 -16.28 -17.51 25.50
N PRO H 364 -15.19 -16.75 25.70
CA PRO H 364 -15.17 -15.75 26.77
C PRO H 364 -16.36 -14.83 26.63
N LYS H 365 -17.17 -14.65 27.66
CA LYS H 365 -18.34 -13.79 27.54
C LYS H 365 -17.94 -12.34 27.64
N MET H 366 -18.65 -11.48 26.91
CA MET H 366 -18.28 -10.08 26.88
C MET H 366 -19.14 -9.35 27.92
N ASN H 367 -18.89 -8.07 28.15
CA ASN H 367 -19.68 -7.33 29.14
C ASN H 367 -20.11 -5.93 28.67
CO CO I . 1.03 -0.83 -0.67
#